data_6SSA
#
_entry.id   6SSA
#
_cell.length_a   117.908
_cell.length_b   49.071
_cell.length_c   169.011
_cell.angle_alpha   90.000
_cell.angle_beta   92.480
_cell.angle_gamma   90.000
#
_symmetry.space_group_name_H-M   'P 1 2 1'
#
loop_
_entity.id
_entity.type
_entity.pdbx_description
1 polymer 'HLA class I histocompatibility antigen, A-2 alpha chain'
2 polymer Beta-2-microglobulin
3 polymer LEU-LEU-TRP-ASN-GLY-PRO-MET-GLN-VAL
4 non-polymer 1,2-ETHANEDIOL
5 non-polymer GLYCEROL
6 non-polymer DI(HYDROXYETHYL)ETHER
7 non-polymer 'CALCIUM ION'
8 water water
#
loop_
_entity_poly.entity_id
_entity_poly.type
_entity_poly.pdbx_seq_one_letter_code
_entity_poly.pdbx_strand_id
1 'polypeptide(L)'
;GSHSMRYFFTSVSRPGRGEPRFIAVGYVDDTQFVRFDSDAASQRMEPRAPWIEQEGPEYWDGETRKVKAHSQTHRVDLGT
LRGYYNQSEAGSHTVQRMYGCDVGSDWRFLRGYHQYAYDGKDYIALKEDLRSWTAADMAAQTTKHKWEAAHVAEQLRAYL
EGTCVEWLRRYLENGKETLQRTDAPKTHMTHHAVSDHEATLRCWALSFYPAEITLTWQRDGEDQTQDTELVETRPAGDGT
FQKWAAVVVPSGQEQRYTCHVQHEGLPKPLTLRWEP
;
A,D,G,J
2 'polypeptide(L)'
;MIQRTPKIQVYSRHPAENGKSNFLNCYVSGFHPSDIEVDLLKNGERIEKVEHSDLSFSKDWSFYLLYYTEFTPTEKDEYA
CRVNHVTLSQPKIVKWDRDM
;
B,E,H,K
3 'polypeptide(L)' LLWNGPMQV C,F,I,L
#
# COMPACT_ATOMS: atom_id res chain seq x y z
N GLY A 1 -4.97 79.85 -10.61
CA GLY A 1 -3.85 79.85 -11.59
C GLY A 1 -3.63 78.46 -12.18
N SER A 2 -2.62 77.74 -11.67
CA SER A 2 -2.12 76.44 -12.18
C SER A 2 -3.15 75.33 -11.91
N HIS A 3 -3.24 74.36 -12.81
CA HIS A 3 -4.16 73.19 -12.68
C HIS A 3 -3.43 71.91 -13.06
N SER A 4 -4.04 70.77 -12.74
CA SER A 4 -3.44 69.43 -12.91
C SER A 4 -4.55 68.42 -13.14
N MET A 5 -4.23 67.41 -13.95
CA MET A 5 -5.01 66.17 -14.05
C MET A 5 -4.11 65.01 -13.65
N ARG A 6 -4.57 64.16 -12.76
CA ARG A 6 -3.76 62.99 -12.31
C ARG A 6 -4.66 61.75 -12.28
N TYR A 7 -4.08 60.65 -12.70
CA TYR A 7 -4.66 59.29 -12.57
C TYR A 7 -3.78 58.48 -11.64
N PHE A 8 -4.42 57.80 -10.71
CA PHE A 8 -3.78 56.94 -9.69
C PHE A 8 -4.33 55.54 -9.86
N PHE A 9 -3.45 54.54 -9.84
CA PHE A 9 -3.78 53.10 -10.01
C PHE A 9 -3.08 52.30 -8.94
N THR A 10 -3.84 51.45 -8.22
CA THR A 10 -3.29 50.46 -7.30
C THR A 10 -3.67 49.07 -7.77
N SER A 11 -2.75 48.09 -7.70
CA SER A 11 -2.98 46.64 -7.94
C SER A 11 -2.41 45.91 -6.75
N VAL A 12 -3.23 45.08 -6.09
CA VAL A 12 -2.79 44.25 -4.98
C VAL A 12 -2.98 42.78 -5.38
N SER A 13 -1.94 41.98 -5.32
CA SER A 13 -2.07 40.51 -5.53
C SER A 13 -2.82 39.87 -4.35
N ARG A 14 -3.59 38.82 -4.65
CA ARG A 14 -4.31 38.05 -3.62
C ARG A 14 -3.84 36.61 -3.63
N PRO A 15 -2.82 36.23 -2.82
CA PRO A 15 -2.29 34.86 -2.83
C PRO A 15 -3.40 33.85 -2.53
N GLY A 16 -3.65 32.96 -3.50
CA GLY A 16 -4.59 31.84 -3.37
C GLY A 16 -6.04 32.32 -3.39
N ARG A 17 -6.28 33.57 -3.81
CA ARG A 17 -7.61 34.22 -3.80
C ARG A 17 -7.90 34.86 -5.16
N GLY A 18 -7.25 34.40 -6.22
CA GLY A 18 -7.60 34.72 -7.63
C GLY A 18 -7.09 36.06 -8.14
N GLU A 19 -7.93 36.78 -8.87
CA GLU A 19 -7.56 38.02 -9.62
C GLU A 19 -7.13 39.10 -8.64
N PRO A 20 -6.09 39.87 -8.99
CA PRO A 20 -5.67 41.00 -8.15
C PRO A 20 -6.74 42.10 -8.02
N ARG A 21 -6.76 42.76 -6.87
CA ARG A 21 -7.59 43.98 -6.68
C ARG A 21 -7.02 45.03 -7.62
N PHE A 22 -7.88 45.83 -8.23
CA PHE A 22 -7.41 46.96 -9.05
C PHE A 22 -8.35 48.14 -8.82
N ILE A 23 -7.79 49.31 -8.56
CA ILE A 23 -8.56 50.55 -8.28
C ILE A 23 -7.90 51.69 -9.06
N ALA A 24 -8.68 52.40 -9.85
CA ALA A 24 -8.20 53.55 -10.64
C ALA A 24 -9.07 54.72 -10.32
N VAL A 25 -8.45 55.87 -10.13
N VAL A 25 -8.46 55.88 -10.19
CA VAL A 25 -9.16 57.12 -9.78
CA VAL A 25 -9.14 57.11 -9.69
C VAL A 25 -8.53 58.26 -10.54
C VAL A 25 -8.53 58.27 -10.48
N GLY A 26 -9.35 59.20 -10.99
CA GLY A 26 -8.88 60.39 -11.70
C GLY A 26 -9.27 61.65 -10.97
N TYR A 27 -8.37 62.63 -11.00
CA TYR A 27 -8.47 63.92 -10.28
C TYR A 27 -8.19 65.07 -11.24
N VAL A 28 -9.02 66.10 -11.15
CA VAL A 28 -8.67 67.48 -11.59
C VAL A 28 -8.43 68.28 -10.31
N ASP A 29 -7.20 68.75 -10.15
CA ASP A 29 -6.71 69.38 -8.90
C ASP A 29 -7.03 68.42 -7.76
N ASP A 30 -7.80 68.83 -6.76
CA ASP A 30 -8.12 67.98 -5.60
C ASP A 30 -9.54 67.37 -5.74
N THR A 31 -10.12 67.32 -6.96
CA THR A 31 -11.52 66.85 -7.17
C THR A 31 -11.51 65.54 -7.97
N GLN A 32 -11.97 64.45 -7.37
CA GLN A 32 -12.09 63.13 -8.04
C GLN A 32 -13.23 63.22 -9.06
N PHE A 33 -12.99 62.83 -10.33
CA PHE A 33 -14.06 62.90 -11.36
C PHE A 33 -14.41 61.51 -11.91
N VAL A 34 -13.55 60.51 -11.81
CA VAL A 34 -13.90 59.15 -12.30
C VAL A 34 -13.28 58.13 -11.36
N ARG A 35 -13.79 56.91 -11.46
CA ARG A 35 -13.16 55.76 -10.77
C ARG A 35 -13.50 54.47 -11.49
N PHE A 36 -12.68 53.47 -11.25
CA PHE A 36 -12.94 52.06 -11.57
C PHE A 36 -12.50 51.23 -10.39
N ASP A 37 -13.33 50.30 -9.94
CA ASP A 37 -12.97 49.38 -8.85
C ASP A 37 -13.32 47.97 -9.30
N SER A 38 -12.34 47.07 -9.37
CA SER A 38 -12.53 45.63 -9.71
C SER A 38 -13.59 45.00 -8.79
N ASP A 39 -13.74 45.44 -7.55
CA ASP A 39 -14.72 44.89 -6.56
C ASP A 39 -16.15 45.42 -6.80
N ALA A 40 -16.36 46.43 -7.65
CA ALA A 40 -17.68 47.05 -7.90
C ALA A 40 -18.46 46.23 -8.93
N ALA A 41 -19.78 46.40 -8.95
CA ALA A 41 -20.75 45.62 -9.76
C ALA A 41 -20.65 45.98 -11.24
N SER A 42 -20.49 47.28 -11.57
CA SER A 42 -20.57 47.83 -12.96
C SER A 42 -19.49 47.24 -13.88
N GLN A 43 -18.25 47.06 -13.39
CA GLN A 43 -17.06 46.78 -14.23
C GLN A 43 -17.01 47.82 -15.36
N ARG A 44 -17.30 49.07 -15.05
CA ARG A 44 -17.17 50.22 -15.99
C ARG A 44 -16.44 51.36 -15.27
N MET A 45 -15.75 52.20 -16.02
CA MET A 45 -15.40 53.55 -15.53
C MET A 45 -16.71 54.25 -15.15
N GLU A 46 -16.81 54.71 -13.91
CA GLU A 46 -17.99 55.40 -13.34
C GLU A 46 -17.66 56.88 -13.09
N PRO A 47 -18.61 57.80 -13.29
CA PRO A 47 -18.45 59.22 -12.93
C PRO A 47 -18.49 59.48 -11.41
N ARG A 48 -17.78 60.50 -10.94
CA ARG A 48 -17.78 60.92 -9.52
C ARG A 48 -17.91 62.45 -9.38
N ALA A 49 -18.05 63.19 -10.46
CA ALA A 49 -18.34 64.63 -10.41
C ALA A 49 -19.45 64.95 -11.41
N PRO A 50 -20.32 65.95 -11.15
CA PRO A 50 -21.51 66.17 -11.99
C PRO A 50 -21.17 66.54 -13.44
N TRP A 51 -20.09 67.28 -13.64
CA TRP A 51 -19.70 67.85 -14.96
C TRP A 51 -19.14 66.79 -15.91
N ILE A 52 -18.71 65.61 -15.43
CA ILE A 52 -18.22 64.54 -16.34
C ILE A 52 -19.40 63.69 -16.81
N GLU A 53 -20.53 63.69 -16.09
CA GLU A 53 -21.77 62.92 -16.42
C GLU A 53 -22.30 63.29 -17.81
N GLN A 54 -22.01 64.49 -18.31
CA GLN A 54 -22.48 64.99 -19.63
C GLN A 54 -21.65 64.41 -20.78
N GLU A 55 -20.53 63.72 -20.52
CA GLU A 55 -19.78 63.03 -21.59
C GLU A 55 -20.64 61.86 -22.06
N GLY A 56 -20.60 61.53 -23.35
CA GLY A 56 -21.55 60.60 -23.98
C GLY A 56 -21.09 59.14 -23.83
N PRO A 57 -21.90 58.17 -24.32
CA PRO A 57 -21.56 56.76 -24.19
C PRO A 57 -20.23 56.34 -24.86
N GLU A 58 -19.78 57.12 -25.85
CA GLU A 58 -18.49 56.91 -26.57
C GLU A 58 -17.32 57.17 -25.61
N TYR A 59 -17.36 58.27 -24.87
CA TYR A 59 -16.40 58.56 -23.78
C TYR A 59 -16.34 57.37 -22.82
N TRP A 60 -17.48 56.93 -22.27
CA TRP A 60 -17.54 55.89 -21.20
C TRP A 60 -17.07 54.54 -21.74
N ASP A 61 -17.50 54.14 -22.95
CA ASP A 61 -17.03 52.89 -23.61
C ASP A 61 -15.51 52.97 -23.81
N GLY A 62 -14.95 54.13 -24.17
CA GLY A 62 -13.51 54.32 -24.41
C GLY A 62 -12.67 54.30 -23.11
N GLU A 63 -13.15 54.94 -22.06
CA GLU A 63 -12.47 54.98 -20.74
C GLU A 63 -12.55 53.59 -20.13
N THR A 64 -13.67 52.89 -20.30
CA THR A 64 -13.80 51.49 -19.84
C THR A 64 -12.76 50.62 -20.54
N ARG A 65 -12.63 50.73 -21.86
CA ARG A 65 -11.66 49.88 -22.59
C ARG A 65 -10.25 50.19 -22.06
N LYS A 66 -9.91 51.47 -21.89
CA LYS A 66 -8.53 51.87 -21.54
C LYS A 66 -8.21 51.51 -20.09
N VAL A 67 -9.19 51.61 -19.18
CA VAL A 67 -8.96 51.27 -17.76
C VAL A 67 -8.77 49.75 -17.68
N LYS A 68 -9.45 48.97 -18.53
CA LYS A 68 -9.33 47.49 -18.47
C LYS A 68 -7.97 47.06 -19.06
N ALA A 69 -7.45 47.80 -20.03
CA ALA A 69 -6.10 47.55 -20.59
C ALA A 69 -5.06 47.88 -19.50
N HIS A 70 -5.26 48.94 -18.71
CA HIS A 70 -4.43 49.23 -17.50
C HIS A 70 -4.50 48.05 -16.54
N SER A 71 -5.69 47.54 -16.25
CA SER A 71 -5.91 46.39 -15.33
C SER A 71 -5.12 45.18 -15.82
N GLN A 72 -5.22 44.88 -17.12
CA GLN A 72 -4.52 43.73 -17.72
C GLN A 72 -3.00 43.94 -17.62
N THR A 73 -2.52 45.15 -17.86
CA THR A 73 -1.07 45.44 -17.77
C THR A 73 -0.61 45.19 -16.32
N HIS A 74 -1.34 45.68 -15.33
CA HIS A 74 -0.95 45.53 -13.90
C HIS A 74 -1.03 44.06 -13.50
N ARG A 75 -1.95 43.34 -14.10
CA ARG A 75 -2.16 41.92 -13.80
C ARG A 75 -0.87 41.17 -14.15
N VAL A 76 -0.37 41.35 -15.38
CA VAL A 76 0.87 40.74 -15.90
C VAL A 76 2.05 41.25 -15.08
N ASP A 77 2.09 42.54 -14.76
CA ASP A 77 3.23 43.18 -14.06
C ASP A 77 3.46 42.55 -12.69
N LEU A 78 2.41 42.29 -11.90
CA LEU A 78 2.55 41.66 -10.56
C LEU A 78 3.20 40.28 -10.75
N GLY A 79 2.82 39.53 -11.79
CA GLY A 79 3.49 38.23 -12.05
C GLY A 79 4.94 38.46 -12.47
N THR A 80 5.20 39.47 -13.29
CA THR A 80 6.57 39.72 -13.84
C THR A 80 7.47 40.13 -12.67
N LEU A 81 6.97 40.96 -11.77
CA LEU A 81 7.81 41.52 -10.68
C LEU A 81 8.08 40.46 -9.63
N ARG A 82 7.11 39.59 -9.35
CA ARG A 82 7.33 38.43 -8.45
C ARG A 82 8.49 37.60 -9.01
N GLY A 83 8.51 37.38 -10.32
CA GLY A 83 9.63 36.76 -11.07
C GLY A 83 10.94 37.49 -10.89
N TYR A 84 10.95 38.81 -11.12
CA TYR A 84 12.18 39.63 -11.10
C TYR A 84 12.81 39.55 -9.72
N TYR A 85 12.01 39.51 -8.65
CA TYR A 85 12.57 39.54 -7.28
C TYR A 85 12.59 38.13 -6.71
N ASN A 86 12.25 37.12 -7.51
CA ASN A 86 12.05 35.72 -7.06
C ASN A 86 11.31 35.72 -5.71
N GLN A 87 10.19 36.41 -5.60
CA GLN A 87 9.40 36.38 -4.34
C GLN A 87 8.52 35.13 -4.34
N SER A 88 8.12 34.67 -3.16
CA SER A 88 7.25 33.48 -3.06
C SER A 88 5.83 33.86 -3.52
N GLU A 89 5.05 32.86 -3.96
CA GLU A 89 3.61 33.01 -4.33
C GLU A 89 2.75 33.16 -3.07
N ALA A 90 3.34 33.08 -1.87
CA ALA A 90 2.58 33.12 -0.60
C ALA A 90 2.17 34.54 -0.18
N GLY A 91 2.88 35.57 -0.62
CA GLY A 91 2.72 36.95 -0.11
C GLY A 91 1.97 37.85 -1.08
N SER A 92 1.22 38.82 -0.56
CA SER A 92 0.58 39.90 -1.33
C SER A 92 1.59 40.99 -1.64
N HIS A 93 1.58 41.51 -2.86
CA HIS A 93 2.44 42.63 -3.32
C HIS A 93 1.56 43.72 -3.94
N THR A 94 2.12 44.91 -4.10
CA THR A 94 1.40 46.13 -4.51
C THR A 94 2.16 46.75 -5.64
N VAL A 95 1.46 47.06 -6.73
CA VAL A 95 1.96 48.02 -7.73
C VAL A 95 1.12 49.32 -7.65
N GLN A 96 1.78 50.47 -7.71
CA GLN A 96 1.10 51.79 -7.78
C GLN A 96 1.62 52.54 -8.99
N ARG A 97 0.71 53.19 -9.73
CA ARG A 97 1.10 54.03 -10.87
C ARG A 97 0.40 55.39 -10.74
N MET A 98 1.11 56.45 -11.08
CA MET A 98 0.55 57.82 -11.10
C MET A 98 1.11 58.50 -12.35
N TYR A 99 0.22 59.08 -13.14
CA TYR A 99 0.68 59.94 -14.24
C TYR A 99 -0.28 61.11 -14.36
N GLY A 100 0.21 62.13 -15.02
CA GLY A 100 -0.59 63.35 -15.20
C GLY A 100 0.24 64.48 -15.70
N CYS A 101 -0.40 65.63 -15.80
CA CYS A 101 0.10 66.84 -16.46
C CYS A 101 -0.34 68.04 -15.65
N ASP A 102 0.53 69.04 -15.57
CA ASP A 102 0.24 70.38 -15.00
C ASP A 102 0.17 71.38 -16.15
N VAL A 103 -0.79 72.31 -16.08
CA VAL A 103 -0.82 73.55 -16.91
C VAL A 103 -0.69 74.77 -15.99
N GLY A 104 -0.15 75.87 -16.54
CA GLY A 104 -0.03 77.16 -15.84
C GLY A 104 -1.32 77.97 -15.91
N SER A 105 -1.26 79.22 -15.46
CA SER A 105 -2.43 80.14 -15.40
C SER A 105 -2.87 80.45 -16.83
N ASP A 106 -2.00 80.28 -17.83
CA ASP A 106 -2.39 80.40 -19.27
C ASP A 106 -3.00 79.09 -19.80
N TRP A 107 -3.19 78.07 -18.94
CA TRP A 107 -3.70 76.73 -19.34
C TRP A 107 -2.80 76.09 -20.42
N ARG A 108 -1.52 76.46 -20.46
CA ARG A 108 -0.52 75.82 -21.34
C ARG A 108 0.31 74.81 -20.53
N PHE A 109 0.71 73.72 -21.18
CA PHE A 109 1.53 72.62 -20.62
C PHE A 109 2.71 73.19 -19.83
N LEU A 110 2.79 72.84 -18.55
CA LEU A 110 3.88 73.23 -17.63
C LEU A 110 4.78 72.02 -17.34
N ARG A 111 4.21 70.87 -16.97
CA ARG A 111 5.00 69.63 -16.77
C ARG A 111 4.10 68.37 -16.83
N GLY A 112 4.72 67.23 -17.09
CA GLY A 112 4.09 65.90 -17.07
C GLY A 112 4.92 64.93 -16.24
N TYR A 113 4.30 63.89 -15.71
CA TYR A 113 5.00 62.91 -14.84
C TYR A 113 4.35 61.55 -15.02
N HIS A 114 5.16 60.53 -14.81
CA HIS A 114 4.78 59.11 -14.75
C HIS A 114 5.72 58.43 -13.76
N GLN A 115 5.18 57.97 -12.65
CA GLN A 115 5.88 57.25 -11.56
C GLN A 115 5.22 55.88 -11.38
N TYR A 116 6.02 54.89 -11.03
CA TYR A 116 5.61 53.48 -10.81
C TYR A 116 6.37 52.96 -9.60
N ALA A 117 5.64 52.39 -8.63
CA ALA A 117 6.14 51.90 -7.35
C ALA A 117 5.76 50.42 -7.20
N TYR A 118 6.66 49.62 -6.66
CA TYR A 118 6.46 48.22 -6.27
C TYR A 118 6.67 48.15 -4.75
N ASP A 119 5.65 47.72 -4.03
CA ASP A 119 5.64 47.51 -2.54
C ASP A 119 6.05 48.82 -1.83
N GLY A 120 5.49 49.94 -2.26
CA GLY A 120 5.63 51.24 -1.58
C GLY A 120 6.93 51.97 -1.86
N LYS A 121 7.72 51.59 -2.86
CA LYS A 121 9.02 52.23 -3.21
C LYS A 121 9.11 52.49 -4.70
N ASP A 122 9.76 53.60 -5.10
CA ASP A 122 10.06 53.90 -6.52
C ASP A 122 10.63 52.65 -7.18
N TYR A 123 10.09 52.30 -8.36
CA TYR A 123 10.59 51.25 -9.25
C TYR A 123 11.16 51.93 -10.50
N ILE A 124 10.36 52.71 -11.23
CA ILE A 124 10.86 53.45 -12.43
C ILE A 124 10.06 54.75 -12.54
N ALA A 125 10.71 55.83 -12.93
CA ALA A 125 10.03 57.14 -13.14
C ALA A 125 10.49 57.73 -14.48
N LEU A 126 9.59 58.42 -15.16
CA LEU A 126 9.93 59.31 -16.28
C LEU A 126 10.67 60.53 -15.73
N LYS A 127 11.82 60.86 -16.32
CA LYS A 127 12.60 62.08 -15.98
C LYS A 127 11.85 63.33 -16.49
N GLU A 128 12.17 64.50 -15.93
CA GLU A 128 11.47 65.79 -16.23
C GLU A 128 11.43 66.04 -17.75
N ASP A 129 12.51 65.75 -18.47
CA ASP A 129 12.60 65.96 -19.94
C ASP A 129 11.63 65.06 -20.70
N LEU A 130 10.98 64.09 -20.03
CA LEU A 130 10.02 63.17 -20.68
C LEU A 130 10.68 62.36 -21.82
N ARG A 131 12.01 62.22 -21.82
N ARG A 131 12.00 62.22 -21.81
CA ARG A 131 12.73 61.52 -22.90
CA ARG A 131 12.73 61.51 -22.89
C ARG A 131 13.41 60.25 -22.38
C ARG A 131 13.41 60.25 -22.38
N SER A 132 13.50 60.05 -21.07
CA SER A 132 14.21 58.91 -20.46
C SER A 132 13.66 58.60 -19.05
N TRP A 133 14.17 57.51 -18.49
CA TRP A 133 13.71 56.84 -17.25
C TRP A 133 14.85 56.85 -16.23
N THR A 134 14.46 56.86 -14.96
CA THR A 134 15.33 56.55 -13.80
C THR A 134 14.78 55.28 -13.18
N ALA A 135 15.62 54.26 -13.13
CA ALA A 135 15.30 52.91 -12.63
C ALA A 135 15.94 52.76 -11.26
N ALA A 136 15.20 52.30 -10.24
CA ALA A 136 15.65 52.35 -8.83
C ALA A 136 16.75 51.33 -8.57
N ASP A 137 16.76 50.20 -9.29
CA ASP A 137 17.64 49.04 -8.97
C ASP A 137 17.87 48.20 -10.23
N MET A 138 18.56 47.06 -10.08
CA MET A 138 19.00 46.17 -11.19
C MET A 138 17.78 45.55 -11.88
N ALA A 139 16.73 45.17 -11.13
CA ALA A 139 15.49 44.63 -11.72
C ALA A 139 14.84 45.69 -12.62
N ALA A 140 14.78 46.94 -12.18
CA ALA A 140 14.10 48.03 -12.91
C ALA A 140 14.88 48.38 -14.19
N GLN A 141 16.18 48.06 -14.25
CA GLN A 141 16.98 48.30 -15.47
C GLN A 141 16.47 47.39 -16.57
N THR A 142 15.97 46.20 -16.23
CA THR A 142 15.38 45.28 -17.23
C THR A 142 14.18 45.98 -17.88
N THR A 143 13.30 46.55 -17.07
CA THR A 143 12.11 47.27 -17.56
C THR A 143 12.54 48.47 -18.40
N LYS A 144 13.52 49.20 -17.90
CA LYS A 144 14.03 50.42 -18.55
C LYS A 144 14.44 50.10 -19.98
N HIS A 145 15.18 49.01 -20.17
CA HIS A 145 15.67 48.56 -21.50
C HIS A 145 14.48 48.17 -22.39
N LYS A 146 13.43 47.54 -21.84
CA LYS A 146 12.24 47.11 -22.63
C LYS A 146 11.50 48.36 -23.09
N TRP A 147 11.41 49.37 -22.22
CA TRP A 147 10.67 50.61 -22.52
C TRP A 147 11.45 51.49 -23.49
N GLU A 148 12.78 51.39 -23.53
CA GLU A 148 13.64 52.11 -24.51
C GLU A 148 13.43 51.43 -25.86
N ALA A 149 13.56 50.11 -25.93
CA ALA A 149 13.37 49.29 -27.16
C ALA A 149 12.01 49.56 -27.82
N ALA A 150 10.96 49.76 -27.02
CA ALA A 150 9.57 49.98 -27.47
C ALA A 150 9.19 51.47 -27.51
N HIS A 151 10.14 52.39 -27.27
CA HIS A 151 9.93 53.85 -27.36
C HIS A 151 8.65 54.28 -26.61
N VAL A 152 8.46 53.77 -25.39
CA VAL A 152 7.31 54.14 -24.52
C VAL A 152 7.38 55.64 -24.26
N ALA A 153 8.56 56.19 -23.99
CA ALA A 153 8.72 57.59 -23.54
C ALA A 153 8.11 58.53 -24.59
N GLU A 154 8.38 58.27 -25.87
CA GLU A 154 7.89 59.12 -26.99
C GLU A 154 6.36 59.09 -27.01
N GLN A 155 5.73 57.93 -26.93
CA GLN A 155 4.24 57.83 -26.99
C GLN A 155 3.64 58.31 -25.65
N LEU A 156 4.33 58.12 -24.52
CA LEU A 156 3.84 58.67 -23.21
C LEU A 156 3.94 60.21 -23.26
N ARG A 157 5.02 60.76 -23.84
CA ARG A 157 5.22 62.23 -23.91
C ARG A 157 4.15 62.87 -24.80
N ALA A 158 3.75 62.24 -25.92
CA ALA A 158 2.70 62.73 -26.84
C ALA A 158 1.37 62.85 -26.09
N TYR A 159 1.04 61.86 -25.26
CA TYR A 159 -0.11 61.94 -24.32
C TYR A 159 0.06 63.09 -23.31
N LEU A 160 1.15 63.17 -22.55
CA LEU A 160 1.30 64.16 -21.45
C LEU A 160 1.30 65.60 -21.96
N GLU A 161 1.87 65.87 -23.15
CA GLU A 161 2.00 67.22 -23.76
C GLU A 161 0.79 67.51 -24.67
N GLY A 162 0.11 66.50 -25.19
CA GLY A 162 -1.04 66.67 -26.11
C GLY A 162 -2.36 66.38 -25.42
N THR A 163 -2.82 65.14 -25.56
CA THR A 163 -4.16 64.68 -25.11
C THR A 163 -4.41 65.17 -23.69
N CYS A 164 -3.47 64.97 -22.79
CA CYS A 164 -3.66 65.20 -21.32
C CYS A 164 -4.10 66.65 -21.13
N VAL A 165 -3.36 67.62 -21.68
CA VAL A 165 -3.61 69.07 -21.46
C VAL A 165 -4.86 69.50 -22.22
N GLU A 166 -5.15 68.88 -23.36
CA GLU A 166 -6.35 69.23 -24.17
C GLU A 166 -7.61 68.81 -23.40
N TRP A 167 -7.64 67.60 -22.84
CA TRP A 167 -8.83 67.13 -22.08
C TRP A 167 -8.92 67.83 -20.72
N LEU A 168 -7.79 68.20 -20.10
CA LEU A 168 -7.81 69.02 -18.87
C LEU A 168 -8.53 70.36 -19.15
N ARG A 169 -8.19 71.02 -20.24
CA ARG A 169 -8.82 72.28 -20.68
C ARG A 169 -10.33 72.04 -20.89
N ARG A 170 -10.69 70.94 -21.54
CA ARG A 170 -12.11 70.64 -21.82
C ARG A 170 -12.83 70.55 -20.47
N TYR A 171 -12.26 69.83 -19.51
CA TYR A 171 -12.88 69.55 -18.19
C TYR A 171 -13.00 70.85 -17.37
N LEU A 172 -11.96 71.69 -17.44
CA LEU A 172 -11.95 73.00 -16.75
C LEU A 172 -13.10 73.87 -17.28
N GLU A 173 -13.34 73.89 -18.60
CA GLU A 173 -14.48 74.64 -19.20
C GLU A 173 -15.79 73.96 -18.78
N ASN A 174 -15.94 72.65 -18.94
CA ASN A 174 -17.23 71.96 -18.62
C ASN A 174 -17.51 72.03 -17.12
N GLY A 175 -16.48 72.08 -16.28
CA GLY A 175 -16.63 72.07 -14.81
C GLY A 175 -16.47 73.44 -14.17
N LYS A 176 -16.51 74.53 -14.95
CA LYS A 176 -16.15 75.90 -14.49
C LYS A 176 -16.81 76.18 -13.14
N GLU A 177 -18.11 75.86 -13.02
N GLU A 177 -18.10 75.87 -13.01
CA GLU A 177 -18.97 76.16 -11.83
CA GLU A 177 -18.93 76.23 -11.82
C GLU A 177 -18.31 75.66 -10.53
C GLU A 177 -18.29 75.68 -10.53
N THR A 178 -17.40 74.68 -10.59
CA THR A 178 -16.79 74.06 -9.38
C THR A 178 -15.26 73.86 -9.47
N LEU A 179 -14.71 73.61 -10.65
CA LEU A 179 -13.26 73.34 -10.79
C LEU A 179 -12.43 74.62 -10.66
N GLN A 180 -12.93 75.74 -11.17
CA GLN A 180 -12.13 76.99 -11.25
C GLN A 180 -12.22 77.77 -9.93
N ARG A 181 -13.09 77.35 -9.01
CA ARG A 181 -13.28 78.01 -7.69
C ARG A 181 -11.97 77.95 -6.88
N THR A 182 -11.66 78.98 -6.12
CA THR A 182 -10.74 78.91 -4.96
C THR A 182 -11.54 79.40 -3.74
N ASP A 183 -11.72 78.54 -2.74
CA ASP A 183 -12.46 78.88 -1.50
C ASP A 183 -11.43 79.21 -0.42
N ALA A 184 -11.35 80.48 -0.07
CA ALA A 184 -10.49 80.99 1.01
C ALA A 184 -10.90 80.33 2.31
N PRO A 185 -9.94 79.97 3.19
CA PRO A 185 -10.29 79.44 4.49
C PRO A 185 -11.12 80.41 5.33
N LYS A 186 -12.18 79.91 5.95
CA LYS A 186 -12.84 80.54 7.11
C LYS A 186 -12.02 80.23 8.38
N THR A 187 -11.54 81.27 9.06
CA THR A 187 -10.54 81.14 10.14
C THR A 187 -11.12 81.67 11.44
N HIS A 188 -10.64 81.12 12.54
CA HIS A 188 -10.98 81.53 13.92
C HIS A 188 -9.94 80.94 14.84
N MET A 189 -9.88 81.49 16.02
CA MET A 189 -8.91 81.10 17.05
C MET A 189 -9.72 80.74 18.29
N THR A 190 -9.36 79.63 18.94
CA THR A 190 -9.91 79.27 20.28
C THR A 190 -8.78 79.38 21.30
N HIS A 191 -9.17 79.58 22.55
CA HIS A 191 -8.32 79.84 23.73
C HIS A 191 -8.88 78.98 24.85
N HIS A 192 -8.06 78.10 25.39
CA HIS A 192 -8.40 77.19 26.50
C HIS A 192 -7.26 77.22 27.53
N ALA A 193 -7.54 77.82 28.68
CA ALA A 193 -6.70 77.72 29.91
C ALA A 193 -6.39 76.25 30.16
N VAL A 194 -5.12 75.95 30.43
CA VAL A 194 -4.64 74.62 30.88
C VAL A 194 -4.38 74.63 32.40
N SER A 195 -3.92 75.76 32.94
CA SER A 195 -3.60 75.98 34.37
C SER A 195 -3.64 77.49 34.62
N ASP A 196 -3.30 77.96 35.81
CA ASP A 196 -3.20 79.42 36.07
C ASP A 196 -1.99 80.03 35.35
N HIS A 197 -1.04 79.24 34.82
CA HIS A 197 0.18 79.80 34.17
C HIS A 197 0.26 79.53 32.66
N GLU A 198 -0.54 78.62 32.10
CA GLU A 198 -0.42 78.24 30.66
C GLU A 198 -1.80 78.16 30.02
N ALA A 199 -1.83 78.33 28.69
CA ALA A 199 -3.06 78.30 27.88
C ALA A 199 -2.71 77.79 26.48
N THR A 200 -3.67 77.14 25.85
CA THR A 200 -3.60 76.65 24.45
C THR A 200 -4.32 77.65 23.54
N LEU A 201 -3.63 78.14 22.51
CA LEU A 201 -4.27 78.84 21.39
C LEU A 201 -4.37 77.85 20.22
N ARG A 202 -5.55 77.72 19.61
CA ARG A 202 -5.71 76.88 18.40
C ARG A 202 -6.28 77.72 17.25
N CYS A 203 -5.54 77.72 16.16
CA CYS A 203 -5.91 78.43 14.91
C CYS A 203 -6.56 77.41 13.95
N TRP A 204 -7.80 77.70 13.51
CA TRP A 204 -8.62 76.84 12.62
C TRP A 204 -8.71 77.46 11.22
N ALA A 205 -8.55 76.61 10.21
CA ALA A 205 -8.88 76.88 8.79
C ALA A 205 -9.92 75.87 8.33
N LEU A 206 -11.09 76.36 7.95
CA LEU A 206 -12.24 75.53 7.50
C LEU A 206 -12.68 75.95 6.10
N SER A 207 -13.23 74.99 5.37
CA SER A 207 -14.02 75.19 4.12
C SER A 207 -13.14 75.74 3.01
N PHE A 208 -11.86 75.34 2.96
CA PHE A 208 -10.93 75.83 1.93
C PHE A 208 -10.79 74.79 0.81
N TYR A 209 -10.55 75.29 -0.39
CA TYR A 209 -10.22 74.51 -1.61
C TYR A 209 -9.32 75.40 -2.47
N PRO A 210 -8.20 74.91 -3.02
CA PRO A 210 -7.71 73.55 -2.81
C PRO A 210 -7.09 73.25 -1.44
N ALA A 211 -6.58 72.02 -1.28
CA ALA A 211 -6.04 71.45 -0.04
C ALA A 211 -4.75 72.15 0.41
N GLU A 212 -3.97 72.68 -0.53
CA GLU A 212 -2.67 73.34 -0.24
C GLU A 212 -2.91 74.57 0.66
N ILE A 213 -2.28 74.62 1.83
CA ILE A 213 -2.40 75.72 2.82
C ILE A 213 -1.13 75.71 3.67
N THR A 214 -0.77 76.87 4.26
CA THR A 214 0.21 76.98 5.37
C THR A 214 -0.46 77.65 6.57
N LEU A 215 -0.36 77.02 7.74
CA LEU A 215 -0.73 77.55 9.08
C LEU A 215 0.52 77.58 9.94
N THR A 216 0.96 78.74 10.42
CA THR A 216 2.22 78.84 11.19
C THR A 216 1.99 79.82 12.35
N TRP A 217 2.53 79.49 13.52
CA TRP A 217 2.53 80.34 14.71
C TRP A 217 3.87 81.07 14.78
N GLN A 218 3.79 82.38 15.03
CA GLN A 218 4.96 83.22 15.36
C GLN A 218 4.78 83.77 16.77
N ARG A 219 5.90 83.93 17.47
CA ARG A 219 6.02 84.71 18.73
C ARG A 219 6.94 85.90 18.43
N ASP A 220 6.45 87.13 18.64
CA ASP A 220 7.22 88.37 18.38
C ASP A 220 7.82 88.29 16.97
N GLY A 221 7.00 87.87 16.00
CA GLY A 221 7.35 87.84 14.56
C GLY A 221 8.34 86.75 14.23
N GLU A 222 8.61 85.81 15.14
CA GLU A 222 9.66 84.76 14.99
C GLU A 222 9.00 83.37 15.03
N ASP A 223 9.41 82.46 14.14
CA ASP A 223 8.72 81.16 13.92
C ASP A 223 8.79 80.30 15.18
N GLN A 224 7.79 79.43 15.34
CA GLN A 224 7.53 78.67 16.60
C GLN A 224 7.36 77.19 16.28
N THR A 225 7.97 76.73 15.18
CA THR A 225 7.70 75.42 14.54
C THR A 225 8.21 74.28 15.45
N GLN A 226 8.99 74.62 16.49
CA GLN A 226 9.47 73.64 17.49
C GLN A 226 8.32 73.25 18.46
N ASP A 227 7.43 74.19 18.81
CA ASP A 227 6.36 73.97 19.83
C ASP A 227 4.96 73.91 19.21
N THR A 228 4.82 73.92 17.88
CA THR A 228 3.49 73.90 17.23
C THR A 228 3.03 72.44 17.10
N GLU A 229 1.88 72.13 17.69
CA GLU A 229 1.04 70.95 17.37
C GLU A 229 0.24 71.25 16.10
N LEU A 230 0.43 70.45 15.06
CA LEU A 230 -0.13 70.60 13.69
C LEU A 230 -0.87 69.29 13.30
N VAL A 231 -2.12 69.32 12.87
CA VAL A 231 -2.72 68.12 12.20
C VAL A 231 -2.55 68.25 10.68
N GLU A 232 -2.53 67.11 10.02
CA GLU A 232 -2.49 66.97 8.55
C GLU A 232 -3.83 67.45 7.99
N THR A 233 -3.78 68.15 6.87
CA THR A 233 -4.97 68.67 6.18
C THR A 233 -5.90 67.47 5.96
N ARG A 234 -7.19 67.66 6.19
CA ARG A 234 -8.16 66.56 6.19
C ARG A 234 -9.36 66.99 5.36
N PRO A 235 -10.01 66.01 4.66
CA PRO A 235 -11.22 66.29 3.91
C PRO A 235 -12.43 66.43 4.82
N ALA A 236 -13.24 67.47 4.57
CA ALA A 236 -14.53 67.68 5.26
C ALA A 236 -15.51 66.64 4.75
N GLY A 237 -15.39 66.28 3.47
CA GLY A 237 -16.27 65.30 2.83
C GLY A 237 -17.22 65.94 1.84
N ASP A 238 -17.22 67.27 1.73
CA ASP A 238 -18.15 68.04 0.86
C ASP A 238 -17.37 68.76 -0.25
N GLY A 239 -16.09 68.44 -0.42
CA GLY A 239 -15.21 69.05 -1.42
C GLY A 239 -14.33 70.12 -0.83
N THR A 240 -14.36 70.33 0.48
CA THR A 240 -13.45 71.31 1.12
C THR A 240 -12.57 70.61 2.16
N PHE A 241 -11.63 71.37 2.72
CA PHE A 241 -10.55 70.85 3.57
C PHE A 241 -10.58 71.63 4.88
N GLN A 242 -9.98 71.01 5.89
CA GLN A 242 -9.88 71.54 7.26
C GLN A 242 -8.45 71.35 7.73
N LYS A 243 -7.99 72.24 8.59
CA LYS A 243 -6.69 72.09 9.29
C LYS A 243 -6.68 72.97 10.54
N TRP A 244 -5.93 72.59 11.56
CA TRP A 244 -5.68 73.44 12.73
C TRP A 244 -4.24 73.33 13.18
N ALA A 245 -3.78 74.33 13.91
CA ALA A 245 -2.42 74.44 14.50
C ALA A 245 -2.57 75.06 15.88
N ALA A 246 -1.89 74.48 16.86
CA ALA A 246 -2.04 74.87 18.29
C ALA A 246 -0.67 75.13 18.87
N VAL A 247 -0.66 76.03 19.84
CA VAL A 247 0.57 76.42 20.59
C VAL A 247 0.18 76.62 22.07
N VAL A 248 1.04 76.17 22.99
CA VAL A 248 0.83 76.34 24.46
C VAL A 248 1.60 77.60 24.87
N VAL A 249 0.89 78.62 25.35
CA VAL A 249 1.50 79.94 25.65
C VAL A 249 1.37 80.21 27.15
N PRO A 250 2.27 81.06 27.72
CA PRO A 250 2.08 81.59 29.07
C PRO A 250 0.81 82.46 29.12
N SER A 251 0.02 82.28 30.17
CA SER A 251 -1.12 83.18 30.51
C SER A 251 -0.64 84.63 30.57
N GLY A 252 -1.41 85.55 29.97
CA GLY A 252 -1.04 86.97 29.89
C GLY A 252 -0.19 87.32 28.68
N GLN A 253 0.30 86.34 27.91
CA GLN A 253 1.22 86.62 26.77
C GLN A 253 0.58 86.23 25.41
N GLU A 254 -0.73 85.94 25.39
CA GLU A 254 -1.47 85.53 24.16
C GLU A 254 -1.24 86.54 23.02
N GLN A 255 -1.14 87.84 23.32
CA GLN A 255 -1.04 88.89 22.26
C GLN A 255 0.35 88.91 21.61
N ARG A 256 1.30 88.14 22.12
CA ARG A 256 2.65 88.01 21.46
C ARG A 256 2.60 87.05 20.28
N TYR A 257 1.58 86.19 20.22
CA TYR A 257 1.49 85.08 19.26
C TYR A 257 0.55 85.47 18.12
N THR A 258 0.98 85.17 16.91
CA THR A 258 0.19 85.41 15.68
C THR A 258 0.14 84.10 14.90
N CYS A 259 -1.03 83.83 14.35
CA CYS A 259 -1.27 82.70 13.45
C CYS A 259 -1.27 83.21 12.01
N HIS A 260 -0.39 82.67 11.16
CA HIS A 260 -0.23 83.09 9.74
C HIS A 260 -0.88 82.04 8.82
N VAL A 261 -1.81 82.48 7.98
CA VAL A 261 -2.57 81.64 7.01
C VAL A 261 -2.21 82.09 5.59
N GLN A 262 -1.66 81.16 4.81
CA GLN A 262 -1.37 81.37 3.38
C GLN A 262 -2.20 80.37 2.57
N HIS A 263 -2.92 80.86 1.56
CA HIS A 263 -3.80 80.05 0.69
C HIS A 263 -4.04 80.76 -0.62
N GLU A 264 -4.08 80.02 -1.72
CA GLU A 264 -4.28 80.55 -3.10
C GLU A 264 -5.54 81.44 -3.17
N GLY A 265 -6.50 81.23 -2.28
CA GLY A 265 -7.81 81.89 -2.31
C GLY A 265 -7.78 83.22 -1.59
N LEU A 266 -6.67 83.54 -0.92
CA LEU A 266 -6.51 84.79 -0.14
C LEU A 266 -5.81 85.83 -1.00
N PRO A 267 -6.38 87.04 -1.12
CA PRO A 267 -5.67 88.15 -1.75
C PRO A 267 -4.26 88.30 -1.15
N LYS A 268 -4.18 88.34 0.18
CA LYS A 268 -2.90 88.41 0.92
C LYS A 268 -2.99 87.53 2.16
N PRO A 269 -1.86 87.04 2.69
CA PRO A 269 -1.86 86.21 3.89
C PRO A 269 -2.57 86.90 5.06
N LEU A 270 -3.30 86.12 5.85
CA LEU A 270 -3.93 86.57 7.11
C LEU A 270 -2.92 86.41 8.25
N THR A 271 -2.97 87.34 9.19
CA THR A 271 -2.40 87.26 10.54
C THR A 271 -3.60 87.27 11.47
N LEU A 272 -3.71 86.31 12.38
CA LEU A 272 -4.74 86.29 13.45
C LEU A 272 -4.02 86.43 14.79
N ARG A 273 -4.66 87.15 15.70
CA ARG A 273 -4.18 87.42 17.06
C ARG A 273 -5.39 87.18 17.97
N TRP A 274 -5.18 86.54 19.11
CA TRP A 274 -6.22 86.39 20.16
C TRP A 274 -6.49 87.75 20.78
N GLU A 275 -7.74 88.21 20.76
CA GLU A 275 -8.24 89.34 21.58
C GLU A 275 -9.48 88.86 22.34
N PRO A 276 -9.44 88.90 23.69
CA PRO A 276 -10.56 88.43 24.51
C PRO A 276 -11.96 88.76 23.96
N MET B 1 9.62 44.87 1.72
CA MET B 1 8.26 45.38 1.96
C MET B 1 8.34 46.54 2.96
N ILE B 2 7.80 47.70 2.61
CA ILE B 2 7.60 48.77 3.63
C ILE B 2 6.21 48.61 4.27
N GLN B 3 6.20 48.81 5.59
CA GLN B 3 4.99 48.89 6.42
C GLN B 3 4.94 50.26 7.09
N ARG B 4 3.84 50.96 6.90
CA ARG B 4 3.57 52.27 7.53
C ARG B 4 2.25 52.15 8.30
N THR B 5 2.26 52.50 9.59
CA THR B 5 1.09 52.44 10.47
C THR B 5 0.19 53.63 10.12
N PRO B 6 -1.15 53.47 10.14
CA PRO B 6 -2.05 54.59 9.86
C PRO B 6 -2.07 55.72 10.88
N LYS B 7 -2.15 56.94 10.38
CA LYS B 7 -2.60 58.12 11.15
C LYS B 7 -4.12 58.17 11.06
N ILE B 8 -4.76 58.52 12.17
CA ILE B 8 -6.23 58.51 12.38
C ILE B 8 -6.67 59.88 12.87
N GLN B 9 -7.60 60.51 12.16
CA GLN B 9 -8.38 61.68 12.66
C GLN B 9 -9.87 61.38 12.64
N VAL B 10 -10.54 61.68 13.74
CA VAL B 10 -12.01 61.52 13.91
C VAL B 10 -12.61 62.90 14.17
N TYR B 11 -13.55 63.31 13.35
CA TYR B 11 -14.04 64.70 13.34
C TYR B 11 -15.36 64.78 12.61
N SER B 12 -16.06 65.89 12.77
CA SER B 12 -17.34 66.14 12.08
C SER B 12 -17.09 67.05 10.88
N ARG B 13 -17.96 66.95 9.87
CA ARG B 13 -17.90 67.79 8.67
C ARG B 13 -18.12 69.26 9.08
N HIS B 14 -19.11 69.49 9.93
CA HIS B 14 -19.55 70.81 10.43
C HIS B 14 -19.33 70.83 11.93
N PRO B 15 -19.20 72.03 12.51
CA PRO B 15 -19.19 72.20 13.96
C PRO B 15 -20.36 71.42 14.53
N ALA B 16 -20.12 70.63 15.58
CA ALA B 16 -21.11 69.73 16.20
C ALA B 16 -22.16 70.56 16.95
N GLU B 17 -23.43 70.27 16.71
CA GLU B 17 -24.58 70.89 17.40
C GLU B 17 -25.56 69.78 17.69
N ASN B 18 -25.87 69.60 18.98
CA ASN B 18 -26.84 68.63 19.51
C ASN B 18 -28.13 68.72 18.68
N GLY B 19 -28.65 67.57 18.25
CA GLY B 19 -29.95 67.44 17.56
C GLY B 19 -29.88 67.85 16.09
N LYS B 20 -28.73 68.26 15.57
CA LYS B 20 -28.61 68.76 14.18
C LYS B 20 -27.80 67.78 13.29
N SER B 21 -28.38 67.41 12.15
CA SER B 21 -27.77 66.50 11.14
C SER B 21 -26.35 66.94 10.73
N ASN B 22 -25.43 65.99 10.64
CA ASN B 22 -23.98 66.23 10.43
C ASN B 22 -23.39 64.94 9.86
N PHE B 23 -22.08 64.97 9.60
CA PHE B 23 -21.31 63.77 9.19
C PHE B 23 -20.15 63.56 10.12
N LEU B 24 -20.01 62.31 10.55
CA LEU B 24 -18.84 61.87 11.32
C LEU B 24 -17.86 61.24 10.34
N ASN B 25 -16.63 61.71 10.38
CA ASN B 25 -15.51 61.28 9.50
C ASN B 25 -14.44 60.59 10.32
N CYS B 26 -13.96 59.48 9.78
CA CYS B 26 -12.69 58.84 10.16
C CYS B 26 -11.76 58.89 8.96
N TYR B 27 -10.72 59.74 9.03
CA TYR B 27 -9.69 59.90 8.00
C TYR B 27 -8.46 59.12 8.42
N VAL B 28 -8.15 58.10 7.63
CA VAL B 28 -6.99 57.18 7.83
C VAL B 28 -5.97 57.43 6.71
N SER B 29 -4.77 57.81 7.05
CA SER B 29 -3.76 58.18 6.04
C SER B 29 -2.38 57.65 6.43
N GLY B 30 -1.42 57.75 5.51
CA GLY B 30 -0.01 57.41 5.80
C GLY B 30 0.22 55.92 5.88
N PHE B 31 -0.65 55.04 5.40
CA PHE B 31 -0.50 53.59 5.71
C PHE B 31 -0.04 52.79 4.51
N HIS B 32 0.61 51.67 4.77
CA HIS B 32 1.02 50.72 3.71
C HIS B 32 1.25 49.38 4.39
N PRO B 33 0.81 48.24 3.81
CA PRO B 33 0.06 48.19 2.56
C PRO B 33 -1.39 48.63 2.76
N SER B 34 -2.22 48.43 1.72
CA SER B 34 -3.52 49.09 1.55
C SER B 34 -4.63 48.41 2.34
N ASP B 35 -4.46 47.15 2.69
CA ASP B 35 -5.51 46.35 3.35
C ASP B 35 -5.71 46.96 4.75
N ILE B 36 -6.89 47.49 5.02
CA ILE B 36 -7.18 48.15 6.32
C ILE B 36 -8.65 47.93 6.67
N GLU B 37 -8.92 47.81 7.97
CA GLU B 37 -10.29 47.64 8.51
C GLU B 37 -10.67 48.89 9.30
N VAL B 38 -11.73 49.57 8.90
CA VAL B 38 -12.20 50.80 9.59
C VAL B 38 -13.69 50.66 9.93
N ASP B 39 -14.02 50.91 11.18
CA ASP B 39 -15.40 50.88 11.74
C ASP B 39 -15.66 52.16 12.54
N LEU B 40 -16.80 52.81 12.31
CA LEU B 40 -17.27 53.91 13.17
C LEU B 40 -18.15 53.25 14.23
N LEU B 41 -17.98 53.66 15.48
CA LEU B 41 -18.68 53.05 16.65
C LEU B 41 -19.56 54.11 17.28
N LYS B 42 -20.78 53.73 17.64
CA LYS B 42 -21.67 54.52 18.51
C LYS B 42 -21.79 53.75 19.84
N ASN B 43 -21.29 54.34 20.91
CA ASN B 43 -21.26 53.73 22.26
C ASN B 43 -20.64 52.32 22.20
N GLY B 44 -19.58 52.13 21.42
CA GLY B 44 -18.89 50.83 21.29
C GLY B 44 -19.53 49.87 20.27
N GLU B 45 -20.67 50.20 19.65
CA GLU B 45 -21.33 49.26 18.67
C GLU B 45 -21.09 49.77 17.23
N ARG B 46 -20.76 48.86 16.31
CA ARG B 46 -20.38 49.24 14.92
C ARG B 46 -21.61 49.78 14.22
N ILE B 47 -21.45 50.91 13.54
CA ILE B 47 -22.46 51.56 12.65
C ILE B 47 -22.36 50.90 11.28
N GLU B 48 -23.47 50.41 10.73
CA GLU B 48 -23.47 49.68 9.43
C GLU B 48 -23.37 50.69 8.29
N LYS B 49 -24.14 51.78 8.39
CA LYS B 49 -24.41 52.71 7.27
C LYS B 49 -23.25 53.71 7.12
N VAL B 50 -22.10 53.21 6.75
CA VAL B 50 -20.81 53.97 6.64
C VAL B 50 -20.37 53.91 5.18
N GLU B 51 -20.04 55.05 4.59
CA GLU B 51 -19.52 55.13 3.21
C GLU B 51 -18.00 55.32 3.31
N HIS B 52 -17.30 55.11 2.21
CA HIS B 52 -15.85 55.38 2.14
C HIS B 52 -15.48 55.86 0.75
N SER B 53 -14.45 56.69 0.72
CA SER B 53 -13.74 57.19 -0.49
C SER B 53 -13.05 56.04 -1.21
N ASP B 54 -12.72 56.28 -2.46
CA ASP B 54 -11.91 55.42 -3.34
C ASP B 54 -10.45 55.57 -2.92
N LEU B 55 -9.78 54.42 -2.76
CA LEU B 55 -8.40 54.28 -2.28
C LEU B 55 -7.47 55.11 -3.18
N SER B 56 -6.73 56.02 -2.57
CA SER B 56 -5.73 56.83 -3.29
C SER B 56 -4.47 56.92 -2.43
N PHE B 57 -3.44 57.59 -2.94
CA PHE B 57 -2.15 57.64 -2.24
C PHE B 57 -1.49 58.99 -2.53
N SER B 58 -0.52 59.28 -1.67
CA SER B 58 0.23 60.53 -1.60
C SER B 58 1.53 60.30 -2.34
N LYS B 59 2.30 61.37 -2.38
CA LYS B 59 3.57 61.41 -3.13
C LYS B 59 4.60 60.47 -2.47
N ASP B 60 4.48 60.06 -1.19
CA ASP B 60 5.37 59.03 -0.55
C ASP B 60 4.83 57.60 -0.81
N TRP B 61 3.76 57.48 -1.61
CA TRP B 61 3.10 56.20 -1.96
C TRP B 61 2.26 55.65 -0.80
N SER B 62 2.16 56.32 0.34
CA SER B 62 1.24 55.84 1.39
C SER B 62 -0.22 56.14 0.99
N PHE B 63 -1.11 55.27 1.34
CA PHE B 63 -2.56 55.32 1.03
C PHE B 63 -3.30 56.22 2.02
N TYR B 64 -4.45 56.73 1.58
CA TYR B 64 -5.43 57.37 2.49
C TYR B 64 -6.85 57.03 2.05
N LEU B 65 -7.75 57.01 3.04
CA LEU B 65 -9.21 56.76 2.91
C LEU B 65 -9.98 57.63 3.87
N LEU B 66 -11.17 58.07 3.47
CA LEU B 66 -12.19 58.69 4.33
C LEU B 66 -13.38 57.73 4.48
N TYR B 67 -13.70 57.34 5.71
CA TYR B 67 -14.99 56.72 6.10
C TYR B 67 -15.86 57.79 6.76
N TYR B 68 -17.16 57.78 6.47
CA TYR B 68 -18.09 58.81 6.95
C TYR B 68 -19.50 58.24 7.05
N THR B 69 -20.24 58.75 8.02
CA THR B 69 -21.63 58.37 8.33
C THR B 69 -22.43 59.64 8.67
N GLU B 70 -23.67 59.68 8.23
CA GLU B 70 -24.62 60.76 8.57
C GLU B 70 -25.07 60.48 10.00
N PHE B 71 -25.08 61.49 10.84
CA PHE B 71 -25.46 61.31 12.26
C PHE B 71 -25.97 62.63 12.82
N THR B 72 -26.63 62.50 13.97
CA THR B 72 -27.09 63.61 14.81
C THR B 72 -26.44 63.49 16.18
N PRO B 73 -25.52 64.41 16.55
CA PRO B 73 -24.95 64.39 17.88
C PRO B 73 -26.05 64.67 18.93
N THR B 74 -26.09 63.90 20.00
CA THR B 74 -26.90 64.14 21.23
C THR B 74 -25.92 64.24 22.40
N GLU B 75 -26.34 64.77 23.55
CA GLU B 75 -25.43 65.05 24.70
C GLU B 75 -24.83 63.72 25.21
N LYS B 76 -25.57 62.62 25.11
CA LYS B 76 -25.24 61.29 25.71
C LYS B 76 -24.24 60.48 24.86
N ASP B 77 -24.39 60.49 23.54
CA ASP B 77 -23.75 59.49 22.64
C ASP B 77 -22.23 59.72 22.51
N GLU B 78 -21.45 58.64 22.64
CA GLU B 78 -20.00 58.59 22.37
C GLU B 78 -19.79 57.92 21.01
N TYR B 79 -18.93 58.51 20.22
CA TYR B 79 -18.53 58.01 18.90
C TYR B 79 -17.02 57.79 18.95
N ALA B 80 -16.58 56.80 18.17
CA ALA B 80 -15.15 56.45 18.02
C ALA B 80 -14.95 55.85 16.64
N CYS B 81 -13.69 55.80 16.24
CA CYS B 81 -13.20 55.08 15.06
C CYS B 81 -12.38 53.88 15.54
N ARG B 82 -12.69 52.66 15.12
CA ARG B 82 -11.84 51.44 15.31
C ARG B 82 -11.10 51.12 13.98
N VAL B 83 -9.78 51.01 14.04
CA VAL B 83 -8.90 50.74 12.87
C VAL B 83 -8.07 49.47 13.13
N ASN B 84 -8.04 48.55 12.17
CA ASN B 84 -7.08 47.41 12.22
C ASN B 84 -6.23 47.41 10.94
N HIS B 85 -4.95 47.02 11.06
CA HIS B 85 -3.97 47.01 9.96
C HIS B 85 -2.86 46.07 10.44
N VAL B 86 -2.06 45.54 9.53
CA VAL B 86 -1.00 44.54 9.84
C VAL B 86 0.02 45.14 10.83
N THR B 87 0.17 46.48 10.88
CA THR B 87 1.13 47.15 11.77
C THR B 87 0.56 47.23 13.20
N LEU B 88 -0.73 46.92 13.40
CA LEU B 88 -1.39 47.06 14.72
C LEU B 88 -1.63 45.66 15.30
N SER B 89 -1.05 45.40 16.47
CA SER B 89 -1.15 44.10 17.19
C SER B 89 -2.58 43.93 17.70
N GLN B 90 -3.35 45.02 17.78
CA GLN B 90 -4.81 44.96 17.98
C GLN B 90 -5.45 46.25 17.51
N PRO B 91 -6.77 46.22 17.25
CA PRO B 91 -7.50 47.40 16.80
C PRO B 91 -7.20 48.62 17.68
N LYS B 92 -6.95 49.76 17.05
CA LYS B 92 -6.79 51.07 17.71
C LYS B 92 -8.15 51.77 17.70
N ILE B 93 -8.65 52.16 18.86
CA ILE B 93 -9.91 52.94 18.98
C ILE B 93 -9.53 54.40 19.23
N VAL B 94 -10.06 55.33 18.43
CA VAL B 94 -9.83 56.78 18.60
C VAL B 94 -11.17 57.44 18.82
N LYS B 95 -11.32 58.15 19.92
CA LYS B 95 -12.62 58.76 20.34
C LYS B 95 -12.83 60.02 19.52
N TRP B 96 -14.07 60.31 19.15
CA TRP B 96 -14.46 61.64 18.63
C TRP B 96 -14.46 62.62 19.82
N ASP B 97 -13.52 63.55 19.83
CA ASP B 97 -13.57 64.77 20.69
C ASP B 97 -14.31 65.86 19.92
N ARG B 98 -15.47 66.27 20.42
CA ARG B 98 -16.43 67.20 19.78
C ARG B 98 -15.75 68.48 19.29
N ASP B 99 -14.89 69.06 20.11
CA ASP B 99 -14.38 70.45 19.89
C ASP B 99 -13.22 70.43 18.89
N MET B 100 -12.94 69.29 18.24
CA MET B 100 -11.66 69.00 17.53
C MET B 100 -11.91 68.35 16.15
N LEU C 1 -8.92 62.17 -19.42
CA LEU C 1 -8.86 61.07 -20.41
C LEU C 1 -7.64 60.17 -20.11
N LEU C 2 -7.82 58.84 -20.06
CA LEU C 2 -6.70 57.89 -19.84
C LEU C 2 -5.75 57.89 -21.04
N TRP C 3 -4.46 57.64 -20.76
CA TRP C 3 -3.40 57.21 -21.69
C TRP C 3 -3.82 55.87 -22.28
N ASN C 4 -3.70 55.68 -23.59
CA ASN C 4 -4.08 54.37 -24.18
C ASN C 4 -2.87 53.45 -24.34
N GLY C 5 -1.64 53.86 -23.93
CA GLY C 5 -0.39 53.15 -24.27
C GLY C 5 0.43 52.51 -23.14
N PRO C 6 -0.10 52.19 -21.93
CA PRO C 6 0.70 51.55 -20.88
C PRO C 6 1.34 50.23 -21.36
N MET C 7 2.58 49.99 -20.96
CA MET C 7 3.39 48.82 -21.37
C MET C 7 3.84 48.05 -20.11
N GLN C 8 3.71 46.73 -20.18
CA GLN C 8 4.25 45.73 -19.25
C GLN C 8 5.65 46.13 -18.85
N VAL C 9 5.97 45.97 -17.56
CA VAL C 9 7.33 46.11 -16.97
C VAL C 9 8.19 44.90 -17.42
N GLY D 1 -12.01 2.78 3.92
CA GLY D 1 -11.74 3.11 5.36
C GLY D 1 -12.60 4.27 5.81
N SER D 2 -12.06 5.50 5.77
CA SER D 2 -12.69 6.75 6.27
C SER D 2 -13.83 7.17 5.36
N HIS D 3 -14.88 7.76 5.93
CA HIS D 3 -16.07 8.24 5.18
C HIS D 3 -16.48 9.63 5.70
N SER D 4 -17.32 10.29 4.91
CA SER D 4 -17.77 11.67 5.16
C SER D 4 -19.17 11.85 4.58
N MET D 5 -19.93 12.70 5.23
CA MET D 5 -21.20 13.24 4.71
C MET D 5 -21.08 14.77 4.74
N ARG D 6 -21.40 15.43 3.63
CA ARG D 6 -21.27 16.89 3.54
C ARG D 6 -22.47 17.44 2.82
N TYR D 7 -22.93 18.59 3.28
CA TYR D 7 -23.95 19.40 2.65
C TYR D 7 -23.31 20.71 2.25
N PHE D 8 -23.55 21.13 1.01
CA PHE D 8 -23.05 22.36 0.40
C PHE D 8 -24.25 23.21 0.00
N PHE D 9 -24.23 24.50 0.32
CA PHE D 9 -25.33 25.46 0.03
C PHE D 9 -24.74 26.72 -0.56
N THR D 10 -25.25 27.16 -1.71
CA THR D 10 -24.93 28.45 -2.32
C THR D 10 -26.20 29.29 -2.43
N SER D 11 -26.15 30.60 -2.13
CA SER D 11 -27.23 31.61 -2.34
C SER D 11 -26.59 32.79 -3.06
N VAL D 12 -27.15 33.15 -4.22
CA VAL D 12 -26.69 34.26 -5.06
C VAL D 12 -27.83 35.26 -5.18
N SER D 13 -27.62 36.51 -4.77
CA SER D 13 -28.62 37.59 -4.94
C SER D 13 -28.73 37.99 -6.40
N ARG D 14 -29.93 38.39 -6.81
CA ARG D 14 -30.21 38.82 -8.19
C ARG D 14 -30.71 40.26 -8.15
N PRO D 15 -29.82 41.27 -8.30
CA PRO D 15 -30.23 42.68 -8.23
C PRO D 15 -31.31 42.98 -9.27
N GLY D 16 -32.49 43.37 -8.78
CA GLY D 16 -33.62 43.82 -9.61
C GLY D 16 -34.27 42.67 -10.37
N ARG D 17 -33.98 41.43 -9.97
CA ARG D 17 -34.47 40.19 -10.64
C ARG D 17 -35.04 39.22 -9.58
N GLY D 18 -35.50 39.74 -8.44
CA GLY D 18 -36.32 39.03 -7.42
C GLY D 18 -35.53 38.09 -6.50
N GLU D 19 -36.10 36.93 -6.23
CA GLU D 19 -35.60 35.96 -5.21
C GLU D 19 -34.19 35.50 -5.57
N PRO D 20 -33.33 35.35 -4.56
CA PRO D 20 -32.00 34.78 -4.78
C PRO D 20 -32.03 33.32 -5.29
N ARG D 21 -31.04 32.97 -6.09
CA ARG D 21 -30.80 31.57 -6.50
C ARG D 21 -30.40 30.84 -5.21
N PHE D 22 -30.87 29.64 -5.02
CA PHE D 22 -30.44 28.81 -3.89
C PHE D 22 -30.23 27.38 -4.40
N ILE D 23 -29.10 26.76 -4.04
CA ILE D 23 -28.84 25.36 -4.43
C ILE D 23 -28.21 24.65 -3.26
N ALA D 24 -28.79 23.50 -2.90
CA ALA D 24 -28.25 22.64 -1.84
C ALA D 24 -27.97 21.28 -2.44
N VAL D 25 -26.85 20.72 -2.03
N VAL D 25 -26.83 20.72 -2.09
CA VAL D 25 -26.43 19.38 -2.51
CA VAL D 25 -26.43 19.37 -2.55
C VAL D 25 -25.84 18.61 -1.34
C VAL D 25 -25.83 18.61 -1.36
N GLY D 26 -26.09 17.32 -1.30
CA GLY D 26 -25.53 16.43 -0.28
C GLY D 26 -24.67 15.35 -0.90
N TYR D 27 -23.56 15.02 -0.23
CA TYR D 27 -22.56 14.04 -0.66
C TYR D 27 -22.29 13.05 0.46
N VAL D 28 -22.21 11.77 0.10
CA VAL D 28 -21.48 10.74 0.88
C VAL D 28 -20.19 10.46 0.11
N ASP D 29 -19.05 10.77 0.73
CA ASP D 29 -17.71 10.73 0.09
C ASP D 29 -17.83 11.57 -1.17
N ASP D 30 -17.56 11.00 -2.33
CA ASP D 30 -17.57 11.76 -3.61
C ASP D 30 -18.87 11.47 -4.38
N THR D 31 -19.93 10.97 -3.74
CA THR D 31 -21.21 10.59 -4.41
C THR D 31 -22.34 11.52 -3.96
N GLN D 32 -22.87 12.35 -4.86
CA GLN D 32 -24.04 13.23 -4.61
C GLN D 32 -25.28 12.36 -4.41
N PHE D 33 -26.04 12.54 -3.32
CA PHE D 33 -27.24 11.71 -3.06
C PHE D 33 -28.52 12.54 -3.02
N VAL D 34 -28.48 13.84 -2.80
CA VAL D 34 -29.71 14.68 -2.83
C VAL D 34 -29.35 16.04 -3.38
N ARG D 35 -30.36 16.78 -3.81
CA ARG D 35 -30.22 18.18 -4.22
C ARG D 35 -31.54 18.91 -4.05
N PHE D 36 -31.42 20.23 -3.95
CA PHE D 36 -32.56 21.16 -4.05
C PHE D 36 -32.08 22.32 -4.86
N ASP D 37 -32.85 22.70 -5.87
CA ASP D 37 -32.52 23.89 -6.68
C ASP D 37 -33.76 24.75 -6.75
N SER D 38 -33.67 26.00 -6.31
CA SER D 38 -34.76 27.02 -6.42
C SER D 38 -35.26 27.14 -7.87
N ASP D 39 -34.41 26.93 -8.88
CA ASP D 39 -34.79 27.05 -10.33
C ASP D 39 -35.53 25.78 -10.83
N ALA D 40 -35.60 24.69 -10.07
CA ALA D 40 -36.21 23.42 -10.51
C ALA D 40 -37.72 23.45 -10.27
N ALA D 41 -38.44 22.59 -10.99
CA ALA D 41 -39.93 22.53 -11.07
C ALA D 41 -40.52 22.02 -9.75
N SER D 42 -39.91 20.99 -9.14
CA SER D 42 -40.44 20.20 -7.99
C SER D 42 -40.62 21.08 -6.74
N GLN D 43 -39.68 22.01 -6.47
CA GLN D 43 -39.58 22.71 -5.17
C GLN D 43 -39.56 21.67 -4.04
N ARG D 44 -38.87 20.56 -4.24
CA ARG D 44 -38.66 19.49 -3.22
C ARG D 44 -37.18 19.12 -3.18
N MET D 45 -36.70 18.67 -2.04
CA MET D 45 -35.46 17.87 -2.00
C MET D 45 -35.69 16.64 -2.89
N GLU D 46 -34.81 16.45 -3.89
CA GLU D 46 -34.87 15.35 -4.87
C GLU D 46 -33.74 14.36 -4.62
N PRO D 47 -33.96 13.04 -4.81
CA PRO D 47 -32.89 12.05 -4.79
C PRO D 47 -31.96 12.10 -6.01
N ARG D 48 -30.68 11.78 -5.83
CA ARG D 48 -29.68 11.75 -6.94
C ARG D 48 -28.85 10.47 -6.89
N ALA D 49 -29.13 9.56 -5.96
CA ALA D 49 -28.52 8.22 -5.94
C ALA D 49 -29.63 7.18 -5.71
N PRO D 50 -29.48 5.96 -6.27
CA PRO D 50 -30.54 4.94 -6.19
C PRO D 50 -30.90 4.55 -4.76
N TRP D 51 -29.93 4.46 -3.86
CA TRP D 51 -30.09 3.92 -2.49
C TRP D 51 -30.84 4.89 -1.57
N ILE D 52 -30.94 6.18 -1.91
CA ILE D 52 -31.71 7.14 -1.06
C ILE D 52 -33.20 7.10 -1.47
N GLU D 53 -33.52 6.67 -2.70
CA GLU D 53 -34.92 6.57 -3.22
C GLU D 53 -35.79 5.67 -2.32
N GLN D 54 -35.22 4.74 -1.57
CA GLN D 54 -35.96 3.81 -0.68
C GLN D 54 -36.38 4.48 0.64
N GLU D 55 -35.91 5.70 0.93
CA GLU D 55 -36.41 6.45 2.12
C GLU D 55 -37.84 6.85 1.80
N GLY D 56 -38.74 6.88 2.78
CA GLY D 56 -40.19 7.02 2.58
C GLY D 56 -40.61 8.48 2.48
N PRO D 57 -41.91 8.74 2.25
CA PRO D 57 -42.42 10.11 2.13
C PRO D 57 -42.16 11.01 3.35
N GLU D 58 -41.99 10.41 4.54
CA GLU D 58 -41.66 11.13 5.80
C GLU D 58 -40.26 11.75 5.72
N TYR D 59 -39.27 10.98 5.27
CA TYR D 59 -37.90 11.50 4.97
C TYR D 59 -37.99 12.68 4.01
N TRP D 60 -38.67 12.53 2.89
CA TRP D 60 -38.73 13.56 1.81
C TRP D 60 -39.45 14.83 2.29
N ASP D 61 -40.59 14.67 2.96
CA ASP D 61 -41.34 15.80 3.56
C ASP D 61 -40.45 16.53 4.57
N GLY D 62 -39.66 15.80 5.37
CA GLY D 62 -38.74 16.36 6.39
C GLY D 62 -37.54 17.11 5.79
N GLU D 63 -36.91 16.53 4.78
CA GLU D 63 -35.73 17.13 4.10
C GLU D 63 -36.21 18.37 3.34
N THR D 64 -37.39 18.30 2.72
CA THR D 64 -37.99 19.47 2.04
C THR D 64 -38.20 20.60 3.05
N ARG D 65 -38.76 20.31 4.22
CA ARG D 65 -39.03 21.36 5.22
C ARG D 65 -37.69 21.98 5.62
N LYS D 66 -36.69 21.16 5.92
CA LYS D 66 -35.38 21.64 6.47
C LYS D 66 -34.61 22.42 5.40
N VAL D 67 -34.67 21.99 4.14
CA VAL D 67 -33.93 22.69 3.05
C VAL D 67 -34.59 24.05 2.85
N LYS D 68 -35.92 24.15 3.01
CA LYS D 68 -36.64 25.45 2.76
C LYS D 68 -36.34 26.42 3.90
N ALA D 69 -36.15 25.89 5.12
CA ALA D 69 -35.75 26.70 6.28
C ALA D 69 -34.33 27.23 6.02
N HIS D 70 -33.42 26.41 5.48
CA HIS D 70 -32.07 26.82 5.03
C HIS D 70 -32.22 27.95 4.00
N SER D 71 -33.07 27.78 3.00
CA SER D 71 -33.31 28.78 1.93
C SER D 71 -33.72 30.12 2.52
N GLN D 72 -34.67 30.08 3.46
CA GLN D 72 -35.20 31.31 4.11
C GLN D 72 -34.09 31.96 4.95
N THR D 73 -33.28 31.17 5.64
CA THR D 73 -32.16 31.69 6.44
C THR D 73 -31.18 32.43 5.53
N HIS D 74 -30.82 31.83 4.40
CA HIS D 74 -29.85 32.43 3.47
C HIS D 74 -30.46 33.66 2.81
N ARG D 75 -31.76 33.64 2.60
CA ARG D 75 -32.48 34.78 2.00
C ARG D 75 -32.28 36.00 2.90
N VAL D 76 -32.56 35.88 4.18
CA VAL D 76 -32.41 36.96 5.21
C VAL D 76 -30.93 37.33 5.32
N ASP D 77 -30.03 36.33 5.30
CA ASP D 77 -28.57 36.56 5.49
C ASP D 77 -28.01 37.48 4.39
N LEU D 78 -28.34 37.26 3.11
CA LEU D 78 -27.91 38.14 2.02
C LEU D 78 -28.35 39.60 2.28
N GLY D 79 -29.57 39.79 2.78
CA GLY D 79 -29.99 41.15 3.15
C GLY D 79 -29.17 41.66 4.35
N THR D 80 -28.91 40.81 5.33
CA THR D 80 -28.20 41.22 6.58
C THR D 80 -26.77 41.62 6.20
N LEU D 81 -26.13 40.84 5.32
CA LEU D 81 -24.69 41.05 5.04
C LEU D 81 -24.54 42.27 4.14
N ARG D 82 -25.48 42.50 3.22
CA ARG D 82 -25.46 43.75 2.39
C ARG D 82 -25.49 44.95 3.36
N GLY D 83 -26.33 44.90 4.40
CA GLY D 83 -26.39 45.87 5.50
C GLY D 83 -25.09 46.00 6.25
N TYR D 84 -24.47 44.89 6.66
CA TYR D 84 -23.24 44.88 7.48
C TYR D 84 -22.14 45.58 6.70
N TYR D 85 -22.06 45.37 5.39
CA TYR D 85 -20.93 45.95 4.63
C TYR D 85 -21.40 47.22 3.92
N ASN D 86 -22.62 47.69 4.22
CA ASN D 86 -23.26 48.82 3.49
C ASN D 86 -23.01 48.70 1.99
N GLN D 87 -23.25 47.55 1.38
CA GLN D 87 -23.01 47.38 -0.09
C GLN D 87 -24.22 47.93 -0.86
N SER D 88 -24.01 48.30 -2.10
CA SER D 88 -25.05 48.82 -3.02
C SER D 88 -26.05 47.71 -3.34
N GLU D 89 -27.29 48.09 -3.63
CA GLU D 89 -28.39 47.16 -4.06
C GLU D 89 -28.16 46.71 -5.52
N ALA D 90 -27.18 47.28 -6.19
CA ALA D 90 -26.93 47.06 -7.64
C ALA D 90 -26.16 45.76 -7.91
N GLY D 91 -25.43 45.20 -6.93
CA GLY D 91 -24.48 44.10 -7.18
C GLY D 91 -25.01 42.77 -6.69
N SER D 92 -24.65 41.68 -7.35
CA SER D 92 -24.89 40.30 -6.90
C SER D 92 -23.82 39.90 -5.88
N HIS D 93 -24.24 39.25 -4.78
CA HIS D 93 -23.35 38.69 -3.73
C HIS D 93 -23.67 37.22 -3.53
N THR D 94 -22.70 36.50 -2.95
CA THR D 94 -22.75 35.04 -2.76
C THR D 94 -22.56 34.71 -1.30
N VAL D 95 -23.43 33.90 -0.75
CA VAL D 95 -23.22 33.19 0.53
C VAL D 95 -23.00 31.70 0.23
N GLN D 96 -21.98 31.10 0.86
CA GLN D 96 -21.71 29.64 0.77
C GLN D 96 -21.67 29.04 2.16
N ARG D 97 -22.31 27.89 2.34
CA ARG D 97 -22.22 27.15 3.62
C ARG D 97 -21.84 25.70 3.34
N MET D 98 -21.03 25.12 4.22
CA MET D 98 -20.66 23.70 4.19
C MET D 98 -20.65 23.19 5.62
N TYR D 99 -21.28 22.04 5.84
CA TYR D 99 -21.10 21.35 7.14
C TYR D 99 -21.17 19.84 6.91
N GLY D 100 -20.71 19.10 7.92
CA GLY D 100 -20.70 17.65 7.87
C GLY D 100 -19.71 17.06 8.82
N CYS D 101 -19.52 15.74 8.67
CA CYS D 101 -18.83 14.89 9.68
C CYS D 101 -18.02 13.84 8.94
N ASP D 102 -16.85 13.53 9.49
CA ASP D 102 -15.96 12.42 9.07
C ASP D 102 -16.07 11.32 10.13
N VAL D 103 -16.11 10.07 9.67
CA VAL D 103 -15.90 8.86 10.53
C VAL D 103 -14.66 8.13 10.02
N GLY D 104 -13.99 7.41 10.92
CA GLY D 104 -12.84 6.56 10.60
C GLY D 104 -13.26 5.21 10.08
N SER D 105 -12.29 4.30 9.92
CA SER D 105 -12.51 2.93 9.38
C SER D 105 -13.38 2.13 10.35
N ASP D 106 -13.44 2.54 11.62
CA ASP D 106 -14.38 1.96 12.63
C ASP D 106 -15.78 2.59 12.52
N TRP D 107 -16.02 3.48 11.56
CA TRP D 107 -17.30 4.22 11.39
C TRP D 107 -17.66 4.99 12.68
N ARG D 108 -16.66 5.37 13.47
CA ARG D 108 -16.85 6.23 14.67
C ARG D 108 -16.45 7.67 14.31
N PHE D 109 -17.14 8.64 14.90
CA PHE D 109 -16.94 10.09 14.70
C PHE D 109 -15.44 10.42 14.79
N LEU D 110 -14.88 11.02 13.74
CA LEU D 110 -13.48 11.47 13.66
C LEU D 110 -13.41 13.01 13.74
N ARG D 111 -14.21 13.72 12.94
N ARG D 111 -14.23 13.72 12.95
CA ARG D 111 -14.30 15.21 13.02
CA ARG D 111 -14.28 15.20 12.95
C ARG D 111 -15.59 15.74 12.36
C ARG D 111 -15.59 15.74 12.36
N GLY D 112 -15.96 16.96 12.75
CA GLY D 112 -17.11 17.71 12.23
C GLY D 112 -16.68 19.10 11.81
N TYR D 113 -17.42 19.75 10.93
CA TYR D 113 -17.06 21.09 10.45
C TYR D 113 -18.36 21.84 10.09
N HIS D 114 -18.27 23.16 10.19
CA HIS D 114 -19.25 24.15 9.69
C HIS D 114 -18.50 25.44 9.31
N GLN D 115 -18.49 25.76 8.02
CA GLN D 115 -17.84 26.95 7.44
C GLN D 115 -18.89 27.76 6.66
N TYR D 116 -18.76 29.07 6.66
CA TYR D 116 -19.65 30.05 6.03
C TYR D 116 -18.79 31.10 5.35
N ALA D 117 -19.02 31.36 4.05
CA ALA D 117 -18.27 32.33 3.23
C ALA D 117 -19.25 33.37 2.69
N TYR D 118 -18.80 34.62 2.63
CA TYR D 118 -19.45 35.74 1.92
C TYR D 118 -18.49 36.17 0.81
N ASP D 119 -18.98 36.17 -0.41
CA ASP D 119 -18.24 36.64 -1.63
C ASP D 119 -16.91 35.88 -1.76
N GLY D 120 -16.94 34.57 -1.54
CA GLY D 120 -15.82 33.63 -1.80
C GLY D 120 -14.67 33.73 -0.81
N LYS D 121 -14.90 34.28 0.38
CA LYS D 121 -13.92 34.36 1.49
C LYS D 121 -14.57 33.87 2.78
N ASP D 122 -13.79 33.22 3.65
CA ASP D 122 -14.14 32.90 5.05
C ASP D 122 -14.87 34.10 5.67
N TYR D 123 -16.06 33.87 6.26
CA TYR D 123 -16.81 34.86 7.07
C TYR D 123 -16.76 34.39 8.53
N ILE D 124 -17.26 33.19 8.83
CA ILE D 124 -17.16 32.63 10.21
C ILE D 124 -17.04 31.11 10.07
N ALA D 125 -16.20 30.50 10.89
CA ALA D 125 -16.07 29.02 10.88
C ALA D 125 -16.17 28.50 12.32
N LEU D 126 -16.72 27.31 12.49
CA LEU D 126 -16.60 26.54 13.75
C LEU D 126 -15.16 26.07 13.87
N LYS D 127 -14.54 26.26 15.04
CA LYS D 127 -13.18 25.74 15.35
C LYS D 127 -13.24 24.21 15.48
N GLU D 128 -12.09 23.54 15.32
CA GLU D 128 -11.95 22.05 15.36
C GLU D 128 -12.64 21.49 16.61
N ASP D 129 -12.50 22.15 17.77
CA ASP D 129 -13.08 21.69 19.06
C ASP D 129 -14.62 21.74 19.02
N LEU D 130 -15.22 22.32 17.99
CA LEU D 130 -16.70 22.43 17.86
C LEU D 130 -17.32 23.18 19.06
N ARG D 131 -16.55 24.00 19.77
CA ARG D 131 -17.05 24.73 20.96
C ARG D 131 -17.07 26.24 20.74
N SER D 132 -16.41 26.76 19.70
CA SER D 132 -16.29 28.21 19.46
C SER D 132 -16.06 28.50 17.97
N TRP D 133 -16.02 29.79 17.61
CA TRP D 133 -16.03 30.34 16.23
C TRP D 133 -14.76 31.16 16.00
N THR D 134 -14.32 31.25 14.74
CA THR D 134 -13.31 32.19 14.23
C THR D 134 -14.01 33.08 13.21
N ALA D 135 -14.01 34.39 13.45
CA ALA D 135 -14.70 35.42 12.64
C ALA D 135 -13.63 36.18 11.85
N ALA D 136 -13.84 36.38 10.55
CA ALA D 136 -12.81 36.91 9.63
C ALA D 136 -12.54 38.41 9.89
N ASP D 137 -13.55 39.17 10.31
CA ASP D 137 -13.45 40.67 10.36
C ASP D 137 -14.46 41.23 11.38
N MET D 138 -14.56 42.55 11.49
CA MET D 138 -15.40 43.24 12.51
C MET D 138 -16.89 42.95 12.30
N ALA D 139 -17.35 42.88 11.06
CA ALA D 139 -18.76 42.53 10.76
C ALA D 139 -19.06 41.10 11.23
N ALA D 140 -18.16 40.15 11.00
CA ALA D 140 -18.36 38.73 11.38
C ALA D 140 -18.36 38.57 12.89
N GLN D 141 -17.76 39.50 13.63
N GLN D 141 -17.74 39.51 13.63
CA GLN D 141 -17.75 39.43 15.11
CA GLN D 141 -17.74 39.45 15.12
C GLN D 141 -19.17 39.70 15.61
C GLN D 141 -19.17 39.70 15.61
N THR D 142 -19.95 40.50 14.89
CA THR D 142 -21.39 40.70 15.22
C THR D 142 -22.11 39.35 15.22
N THR D 143 -21.92 38.58 14.17
CA THR D 143 -22.54 37.25 14.01
C THR D 143 -22.05 36.32 15.11
N LYS D 144 -20.75 36.37 15.36
CA LYS D 144 -20.09 35.51 16.36
C LYS D 144 -20.77 35.72 17.71
N HIS D 145 -21.02 36.98 18.08
CA HIS D 145 -21.68 37.33 19.36
C HIS D 145 -23.11 36.78 19.39
N LYS D 146 -23.85 36.82 18.27
CA LYS D 146 -25.27 36.35 18.23
C LYS D 146 -25.27 34.83 18.41
N TRP D 147 -24.30 34.16 17.77
CA TRP D 147 -24.20 32.68 17.81
C TRP D 147 -23.72 32.19 19.18
N GLU D 148 -22.94 33.00 19.90
CA GLU D 148 -22.48 32.68 21.28
C GLU D 148 -23.68 32.82 22.20
N ALA D 149 -24.36 33.97 22.13
CA ALA D 149 -25.55 34.31 22.94
C ALA D 149 -26.61 33.20 22.85
N ALA D 150 -26.83 32.63 21.68
CA ALA D 150 -27.88 31.63 21.41
C ALA D 150 -27.32 30.20 21.40
N HIS D 151 -26.06 30.00 21.76
CA HIS D 151 -25.44 28.65 21.93
C HIS D 151 -25.69 27.79 20.69
N VAL D 152 -25.45 28.36 19.50
CA VAL D 152 -25.52 27.62 18.22
C VAL D 152 -24.50 26.48 18.27
N ALA D 153 -23.28 26.73 18.77
CA ALA D 153 -22.18 25.74 18.70
C ALA D 153 -22.61 24.47 19.43
N GLU D 154 -23.24 24.57 20.59
CA GLU D 154 -23.65 23.39 21.39
C GLU D 154 -24.64 22.54 20.58
N GLN D 155 -25.66 23.15 19.97
CA GLN D 155 -26.68 22.40 19.19
C GLN D 155 -26.07 21.94 17.85
N LEU D 156 -25.15 22.71 17.26
CA LEU D 156 -24.45 22.26 16.03
C LEU D 156 -23.53 21.06 16.36
N ARG D 157 -22.85 21.08 17.51
CA ARG D 157 -21.92 19.99 17.90
C ARG D 157 -22.70 18.69 18.11
N ALA D 158 -23.89 18.74 18.73
CA ALA D 158 -24.75 17.56 18.98
C ALA D 158 -25.15 16.93 17.65
N TYR D 159 -25.50 17.73 16.66
CA TYR D 159 -25.75 17.27 15.26
C TYR D 159 -24.49 16.61 14.66
N LEU D 160 -23.33 17.28 14.63
CA LEU D 160 -22.12 16.76 13.94
C LEU D 160 -21.61 15.47 14.61
N GLU D 161 -21.73 15.31 15.92
CA GLU D 161 -21.24 14.14 16.71
C GLU D 161 -22.32 13.04 16.82
N GLY D 162 -23.59 13.41 16.71
CA GLY D 162 -24.71 12.47 16.85
C GLY D 162 -25.37 12.21 15.52
N THR D 163 -26.42 12.97 15.21
CA THR D 163 -27.32 12.75 14.06
C THR D 163 -26.48 12.50 12.80
N CYS D 164 -25.49 13.35 12.55
CA CYS D 164 -24.74 13.35 11.27
C CYS D 164 -24.12 11.96 11.07
N VAL D 165 -23.40 11.43 12.07
CA VAL D 165 -22.65 10.15 11.96
C VAL D 165 -23.64 8.99 11.96
N GLU D 166 -24.77 9.12 12.65
CA GLU D 166 -25.80 8.03 12.70
C GLU D 166 -26.44 7.88 11.31
N TRP D 167 -26.82 8.97 10.65
CA TRP D 167 -27.43 8.87 9.30
C TRP D 167 -26.37 8.52 8.24
N LEU D 168 -25.12 8.93 8.41
CA LEU D 168 -24.02 8.51 7.50
C LEU D 168 -23.87 6.98 7.56
N ARG D 169 -23.90 6.39 8.75
CA ARG D 169 -23.86 4.92 8.95
C ARG D 169 -25.06 4.29 8.26
N ARG D 170 -26.24 4.88 8.41
CA ARG D 170 -27.48 4.30 7.82
C ARG D 170 -27.27 4.24 6.32
N TYR D 171 -26.78 5.34 5.72
CA TYR D 171 -26.61 5.49 4.26
C TYR D 171 -25.54 4.53 3.74
N LEU D 172 -24.45 4.39 4.48
CA LEU D 172 -23.36 3.45 4.15
C LEU D 172 -23.92 2.02 4.09
N GLU D 173 -24.77 1.61 5.04
CA GLU D 173 -25.41 0.27 5.02
C GLU D 173 -26.38 0.20 3.84
N ASN D 174 -27.29 1.17 3.67
CA ASN D 174 -28.30 1.11 2.59
C ASN D 174 -27.62 1.20 1.22
N GLY D 175 -26.48 1.89 1.11
CA GLY D 175 -25.77 2.11 -0.17
C GLY D 175 -24.58 1.18 -0.36
N LYS D 176 -24.43 0.13 0.45
CA LYS D 176 -23.19 -0.73 0.48
C LYS D 176 -22.77 -1.07 -0.96
N GLU D 177 -23.72 -1.47 -1.81
CA GLU D 177 -23.47 -1.97 -3.19
C GLU D 177 -22.67 -0.94 -4.00
N THR D 178 -22.62 0.35 -3.61
CA THR D 178 -21.93 1.42 -4.38
C THR D 178 -21.07 2.34 -3.50
N LEU D 179 -21.49 2.66 -2.29
CA LEU D 179 -20.77 3.64 -1.42
C LEU D 179 -19.48 3.04 -0.85
N GLN D 180 -19.48 1.75 -0.51
CA GLN D 180 -18.33 1.13 0.22
C GLN D 180 -17.22 0.72 -0.77
N ARG D 181 -17.51 0.73 -2.08
CA ARG D 181 -16.56 0.29 -3.12
C ARG D 181 -15.29 1.16 -3.11
N THR D 182 -14.14 0.58 -3.36
CA THR D 182 -12.93 1.34 -3.80
C THR D 182 -12.52 0.78 -5.16
N ASP D 183 -12.54 1.61 -6.20
CA ASP D 183 -12.14 1.20 -7.57
C ASP D 183 -10.71 1.68 -7.78
N ALA D 184 -9.79 0.72 -7.86
CA ALA D 184 -8.36 0.97 -8.10
C ALA D 184 -8.20 1.61 -9.48
N PRO D 185 -7.28 2.57 -9.67
CA PRO D 185 -7.06 3.11 -11.01
C PRO D 185 -6.58 2.04 -12.00
N LYS D 186 -7.17 2.04 -13.18
CA LYS D 186 -6.55 1.46 -14.41
C LYS D 186 -5.50 2.43 -14.96
N THR D 187 -4.24 1.97 -15.06
CA THR D 187 -3.11 2.85 -15.41
C THR D 187 -2.49 2.44 -16.74
N HIS D 188 -1.92 3.40 -17.44
CA HIS D 188 -1.14 3.23 -18.68
C HIS D 188 -0.31 4.49 -18.91
N MET D 189 0.67 4.36 -19.76
CA MET D 189 1.64 5.41 -20.08
C MET D 189 1.60 5.61 -21.60
N THR D 190 1.57 6.86 -22.06
CA THR D 190 1.69 7.22 -23.50
C THR D 190 3.01 7.96 -23.68
N HIS D 191 3.53 7.88 -24.90
CA HIS D 191 4.83 8.44 -25.35
C HIS D 191 4.56 9.20 -26.65
N HIS D 192 4.91 10.49 -26.66
CA HIS D 192 4.84 11.36 -27.85
C HIS D 192 6.16 12.10 -28.00
N ALA D 193 6.97 11.67 -28.97
CA ALA D 193 8.12 12.41 -29.50
C ALA D 193 7.72 13.87 -29.71
N VAL D 194 8.56 14.78 -29.24
CA VAL D 194 8.41 16.26 -29.42
C VAL D 194 9.39 16.74 -30.51
N SER D 195 10.59 16.15 -30.56
CA SER D 195 11.69 16.49 -31.51
C SER D 195 12.62 15.28 -31.58
N ASP D 196 13.74 15.39 -32.28
CA ASP D 196 14.87 14.43 -32.28
C ASP D 196 15.39 14.14 -30.86
N HIS D 197 15.31 15.13 -29.97
CA HIS D 197 16.06 15.13 -28.68
C HIS D 197 15.12 15.04 -27.46
N GLU D 198 13.81 15.25 -27.61
CA GLU D 198 12.90 15.21 -26.43
C GLU D 198 11.64 14.41 -26.74
N ALA D 199 10.99 13.95 -25.65
CA ALA D 199 9.69 13.25 -25.69
C ALA D 199 8.88 13.59 -24.44
N THR D 200 7.57 13.50 -24.57
CA THR D 200 6.59 13.60 -23.47
C THR D 200 6.19 12.18 -23.05
N LEU D 201 6.35 11.87 -21.76
CA LEU D 201 5.71 10.69 -21.16
C LEU D 201 4.48 11.16 -20.39
N ARG D 202 3.34 10.52 -20.60
CA ARG D 202 2.11 10.83 -19.85
C ARG D 202 1.59 9.57 -19.16
N CYS D 203 1.43 9.68 -17.87
CA CYS D 203 0.89 8.63 -16.97
C CYS D 203 -0.60 8.91 -16.72
N TRP D 204 -1.46 7.95 -17.03
CA TRP D 204 -2.94 8.01 -16.90
C TRP D 204 -3.43 7.11 -15.77
N ALA D 205 -4.31 7.66 -14.95
CA ALA D 205 -5.16 6.93 -13.98
C ALA D 205 -6.62 7.11 -14.33
N LEU D 206 -7.30 6.02 -14.62
CA LEU D 206 -8.72 6.02 -15.07
C LEU D 206 -9.58 5.10 -14.17
N SER D 207 -10.87 5.43 -14.08
CA SER D 207 -11.95 4.59 -13.51
C SER D 207 -11.72 4.36 -12.02
N PHE D 208 -11.20 5.35 -11.32
CA PHE D 208 -10.91 5.21 -9.87
C PHE D 208 -12.00 5.91 -9.06
N TYR D 209 -12.24 5.38 -7.87
CA TYR D 209 -13.13 5.96 -6.84
C TYR D 209 -12.59 5.51 -5.51
N PRO D 210 -12.45 6.38 -4.48
CA PRO D 210 -12.78 7.82 -4.57
C PRO D 210 -11.78 8.69 -5.35
N ALA D 211 -12.00 9.99 -5.36
CA ALA D 211 -11.27 10.99 -6.15
C ALA D 211 -9.83 11.18 -5.65
N GLU D 212 -9.57 10.94 -4.36
CA GLU D 212 -8.23 11.15 -3.72
C GLU D 212 -7.23 10.19 -4.39
N ILE D 213 -6.16 10.72 -4.96
CA ILE D 213 -5.09 9.97 -5.67
C ILE D 213 -3.83 10.82 -5.64
N THR D 214 -2.66 10.18 -5.70
CA THR D 214 -1.35 10.87 -5.97
C THR D 214 -0.70 10.21 -7.20
N LEU D 215 -0.31 11.05 -8.17
CA LEU D 215 0.51 10.73 -9.37
C LEU D 215 1.80 11.55 -9.28
N THR D 216 2.96 10.92 -9.27
CA THR D 216 4.26 11.64 -9.16
C THR D 216 5.26 10.95 -10.10
N TRP D 217 6.06 11.75 -10.78
CA TRP D 217 7.17 11.32 -11.65
C TRP D 217 8.46 11.41 -10.84
N GLN D 218 9.25 10.35 -10.91
CA GLN D 218 10.64 10.31 -10.42
C GLN D 218 11.59 10.08 -11.59
N ARG D 219 12.79 10.63 -11.48
CA ARG D 219 13.96 10.37 -12.33
C ARG D 219 15.03 9.76 -11.42
N ASP D 220 15.53 8.56 -11.73
CA ASP D 220 16.61 7.89 -10.95
C ASP D 220 16.20 7.92 -9.47
N GLY D 221 14.94 7.59 -9.18
CA GLY D 221 14.36 7.45 -7.83
C GLY D 221 14.19 8.77 -7.12
N GLU D 222 14.34 9.90 -7.81
CA GLU D 222 14.35 11.27 -7.20
C GLU D 222 13.16 12.07 -7.76
N ASP D 223 12.41 12.77 -6.91
CA ASP D 223 11.15 13.46 -7.31
C ASP D 223 11.45 14.54 -8.36
N GLN D 224 10.45 14.80 -9.21
CA GLN D 224 10.56 15.63 -10.44
C GLN D 224 9.40 16.62 -10.46
N THR D 225 8.88 16.98 -9.28
CA THR D 225 7.64 17.76 -9.07
C THR D 225 7.80 19.18 -9.63
N GLN D 226 9.04 19.60 -9.93
CA GLN D 226 9.35 20.90 -10.57
C GLN D 226 8.91 20.88 -12.05
N ASP D 227 9.09 19.77 -12.78
CA ASP D 227 8.84 19.72 -14.26
C ASP D 227 7.64 18.83 -14.61
N THR D 228 6.84 18.41 -13.64
CA THR D 228 5.61 17.62 -13.91
C THR D 228 4.46 18.59 -14.26
N GLU D 229 3.89 18.45 -15.46
CA GLU D 229 2.56 18.94 -15.86
C GLU D 229 1.50 17.98 -15.30
N LEU D 230 0.62 18.50 -14.43
CA LEU D 230 -0.39 17.75 -13.64
C LEU D 230 -1.77 18.38 -13.92
N VAL D 231 -2.76 17.61 -14.35
CA VAL D 231 -4.15 18.16 -14.41
C VAL D 231 -4.85 17.76 -13.13
N GLU D 232 -5.85 18.57 -12.77
N GLU D 232 -5.84 18.59 -12.77
CA GLU D 232 -6.74 18.36 -11.61
CA GLU D 232 -6.76 18.35 -11.63
C GLU D 232 -7.60 17.12 -11.91
C GLU D 232 -7.59 17.09 -11.92
N THR D 233 -7.81 16.30 -10.89
CA THR D 233 -8.68 15.12 -10.93
C THR D 233 -10.02 15.60 -11.51
N ARG D 234 -10.58 14.85 -12.42
CA ARG D 234 -11.79 15.23 -13.17
C ARG D 234 -12.78 14.07 -13.11
N PRO D 235 -14.09 14.38 -13.07
CA PRO D 235 -15.13 13.37 -13.10
C PRO D 235 -15.34 12.77 -14.49
N ALA D 236 -15.42 11.46 -14.59
CA ALA D 236 -15.67 10.74 -15.85
C ALA D 236 -17.13 10.91 -16.23
N GLY D 237 -18.00 10.99 -15.23
CA GLY D 237 -19.44 11.22 -15.41
C GLY D 237 -20.25 10.02 -15.00
N ASP D 238 -19.59 8.89 -14.71
CA ASP D 238 -20.23 7.57 -14.40
C ASP D 238 -19.97 7.18 -12.96
N GLY D 239 -19.45 8.10 -12.15
CA GLY D 239 -19.16 7.89 -10.72
C GLY D 239 -17.69 7.58 -10.51
N THR D 240 -16.84 7.62 -11.53
CA THR D 240 -15.39 7.43 -11.35
C THR D 240 -14.65 8.70 -11.78
N PHE D 241 -13.33 8.69 -11.59
CA PHE D 241 -12.47 9.89 -11.75
C PHE D 241 -11.33 9.49 -12.66
N GLN D 242 -10.71 10.51 -13.24
CA GLN D 242 -9.57 10.43 -14.15
C GLN D 242 -8.53 11.46 -13.71
N LYS D 243 -7.28 11.19 -14.01
CA LYS D 243 -6.17 12.15 -13.82
C LYS D 243 -4.98 11.71 -14.69
N TRP D 244 -4.18 12.67 -15.13
CA TRP D 244 -2.89 12.35 -15.79
C TRP D 244 -1.80 13.30 -15.33
N ALA D 245 -0.56 12.87 -15.49
CA ALA D 245 0.68 13.60 -15.18
C ALA D 245 1.69 13.33 -16.29
N ALA D 246 2.35 14.38 -16.75
CA ALA D 246 3.26 14.34 -17.91
C ALA D 246 4.59 14.98 -17.52
N VAL D 247 5.62 14.47 -18.16
CA VAL D 247 7.01 14.95 -18.00
C VAL D 247 7.67 14.95 -19.39
N VAL D 248 8.50 15.96 -19.68
CA VAL D 248 9.30 16.04 -20.94
C VAL D 248 10.68 15.44 -20.65
N VAL D 249 11.05 14.38 -21.36
CA VAL D 249 12.32 13.64 -21.10
C VAL D 249 13.21 13.71 -22.33
N PRO D 250 14.54 13.61 -22.16
CA PRO D 250 15.47 13.40 -23.27
C PRO D 250 15.22 12.05 -23.95
N SER D 251 15.24 12.05 -25.28
CA SER D 251 15.12 10.84 -26.11
C SER D 251 16.20 9.84 -25.73
N GLY D 252 15.82 8.56 -25.64
CA GLY D 252 16.75 7.49 -25.22
C GLY D 252 16.80 7.32 -23.71
N GLN D 253 16.20 8.21 -22.91
CA GLN D 253 16.31 8.13 -21.42
C GLN D 253 14.95 7.85 -20.76
N GLU D 254 13.93 7.47 -21.52
CA GLU D 254 12.55 7.21 -21.00
C GLU D 254 12.57 6.24 -19.80
N GLN D 255 13.48 5.26 -19.80
CA GLN D 255 13.57 4.18 -18.79
C GLN D 255 14.12 4.72 -17.46
N ARG D 256 14.59 5.95 -17.41
CA ARG D 256 15.05 6.58 -16.14
C ARG D 256 13.87 7.07 -15.31
N TYR D 257 12.71 7.26 -15.93
CA TYR D 257 11.54 7.92 -15.32
C TYR D 257 10.53 6.87 -14.89
N THR D 258 10.01 7.02 -13.68
CA THR D 258 8.95 6.16 -13.13
C THR D 258 7.76 7.03 -12.69
N CYS D 259 6.58 6.53 -12.95
CA CYS D 259 5.31 7.14 -12.49
C CYS D 259 4.79 6.39 -11.26
N HIS D 260 4.60 7.08 -10.15
CA HIS D 260 4.16 6.51 -8.85
C HIS D 260 2.69 6.85 -8.59
N VAL D 261 1.87 5.82 -8.35
CA VAL D 261 0.40 5.93 -8.14
C VAL D 261 0.07 5.43 -6.74
N GLN D 262 -0.52 6.30 -5.94
CA GLN D 262 -1.10 5.94 -4.63
C GLN D 262 -2.61 6.18 -4.68
N HIS D 263 -3.36 5.15 -4.27
CA HIS D 263 -4.83 5.20 -4.15
C HIS D 263 -5.29 4.18 -3.14
N GLU D 264 -6.30 4.53 -2.35
CA GLU D 264 -6.88 3.66 -1.28
C GLU D 264 -7.24 2.28 -1.83
N GLY D 265 -7.48 2.15 -3.13
CA GLY D 265 -7.93 0.90 -3.76
C GLY D 265 -6.77 -0.02 -4.11
N LEU D 266 -5.54 0.46 -3.95
CA LEU D 266 -4.32 -0.33 -4.28
C LEU D 266 -3.79 -0.98 -3.02
N PRO D 267 -3.56 -2.32 -3.05
CA PRO D 267 -2.82 -2.99 -1.97
C PRO D 267 -1.54 -2.22 -1.62
N LYS D 268 -0.74 -1.87 -2.64
CA LYS D 268 0.53 -1.12 -2.48
C LYS D 268 0.69 -0.20 -3.69
N PRO D 269 1.47 0.91 -3.56
CA PRO D 269 1.67 1.83 -4.67
C PRO D 269 2.19 1.12 -5.94
N LEU D 270 1.70 1.55 -7.11
CA LEU D 270 2.25 1.15 -8.41
C LEU D 270 3.43 2.05 -8.77
N THR D 271 4.43 1.47 -9.42
CA THR D 271 5.50 2.14 -10.17
C THR D 271 5.29 1.72 -11.62
N LEU D 272 5.19 2.66 -12.55
CA LEU D 272 5.15 2.36 -13.99
C LEU D 272 6.40 2.94 -14.67
N ARG D 273 6.86 2.24 -15.70
CA ARG D 273 8.00 2.63 -16.55
C ARG D 273 7.55 2.47 -18.00
N TRP D 274 7.95 3.38 -18.88
CA TRP D 274 7.75 3.25 -20.35
C TRP D 274 8.65 2.12 -20.84
N GLU D 275 8.06 1.09 -21.46
CA GLU D 275 8.81 0.06 -22.26
C GLU D 275 8.19 0.01 -23.64
N PRO D 276 8.98 0.27 -24.71
CA PRO D 276 8.52 0.07 -26.09
C PRO D 276 7.58 -1.14 -26.29
N MET E 1 -14.80 41.32 -2.94
CA MET E 1 -15.24 40.28 -3.91
C MET E 1 -13.97 39.60 -4.43
N ILE E 2 -13.88 38.27 -4.28
CA ILE E 2 -12.86 37.51 -5.04
C ILE E 2 -13.46 37.07 -6.38
N GLN E 3 -12.61 37.13 -7.39
CA GLN E 3 -12.87 36.65 -8.75
C GLN E 3 -11.78 35.65 -9.11
N ARG E 4 -12.18 34.44 -9.45
N ARG E 4 -12.19 34.42 -9.43
CA ARG E 4 -11.29 33.34 -9.90
CA ARG E 4 -11.29 33.33 -9.89
C ARG E 4 -11.74 32.92 -11.31
C ARG E 4 -11.73 32.92 -11.30
N THR E 5 -10.80 32.92 -12.25
CA THR E 5 -11.05 32.54 -13.65
C THR E 5 -11.14 31.00 -13.72
N PRO E 6 -12.05 30.44 -14.53
CA PRO E 6 -12.20 28.98 -14.63
C PRO E 6 -11.02 28.25 -15.27
N LYS E 7 -10.70 27.09 -14.72
CA LYS E 7 -9.95 26.03 -15.41
C LYS E 7 -10.96 25.20 -16.22
N ILE E 8 -10.56 24.79 -17.41
CA ILE E 8 -11.40 24.06 -18.40
C ILE E 8 -10.65 22.79 -18.80
N GLN E 9 -11.30 21.64 -18.69
CA GLN E 9 -10.86 20.38 -19.34
C GLN E 9 -11.95 19.81 -20.23
N VAL E 10 -11.56 19.41 -21.46
CA VAL E 10 -12.46 18.79 -22.45
C VAL E 10 -11.98 17.37 -22.76
N TYR E 11 -12.82 16.36 -22.58
CA TYR E 11 -12.38 14.95 -22.58
C TYR E 11 -13.58 14.03 -22.72
N SER E 12 -13.33 12.79 -23.07
CA SER E 12 -14.38 11.77 -23.23
C SER E 12 -14.43 10.89 -21.99
N ARG E 13 -15.60 10.35 -21.69
CA ARG E 13 -15.81 9.47 -20.53
C ARG E 13 -14.97 8.20 -20.72
N HIS E 14 -14.96 7.67 -21.94
CA HIS E 14 -14.24 6.44 -22.36
C HIS E 14 -13.23 6.85 -23.41
N PRO E 15 -12.19 6.01 -23.62
CA PRO E 15 -11.25 6.21 -24.73
C PRO E 15 -12.07 6.31 -26.01
N ALA E 16 -11.77 7.29 -26.86
CA ALA E 16 -12.54 7.58 -28.09
C ALA E 16 -12.32 6.47 -29.13
N GLU E 17 -13.39 5.98 -29.72
CA GLU E 17 -13.36 5.09 -30.90
C GLU E 17 -14.39 5.56 -31.91
N ASN E 18 -13.96 5.69 -33.16
CA ASN E 18 -14.80 6.18 -34.28
C ASN E 18 -16.04 5.28 -34.36
N GLY E 19 -17.22 5.89 -34.50
CA GLY E 19 -18.51 5.19 -34.69
C GLY E 19 -19.06 4.56 -33.42
N LYS E 20 -18.39 4.75 -32.27
CA LYS E 20 -18.83 4.13 -30.98
C LYS E 20 -19.33 5.22 -30.00
N SER E 21 -20.55 5.04 -29.51
CA SER E 21 -21.24 5.87 -28.49
C SER E 21 -20.34 6.14 -27.27
N ASN E 22 -20.32 7.40 -26.83
CA ASN E 22 -19.42 7.90 -25.77
C ASN E 22 -20.07 9.16 -25.16
N PHE E 23 -19.38 9.77 -24.20
CA PHE E 23 -19.79 11.08 -23.63
C PHE E 23 -18.64 12.06 -23.72
N LEU E 24 -18.96 13.25 -24.19
CA LEU E 24 -18.02 14.38 -24.22
C LEU E 24 -18.31 15.25 -23.00
N ASN E 25 -17.26 15.48 -22.22
CA ASN E 25 -17.29 16.26 -20.96
C ASN E 25 -16.51 17.56 -21.11
N CYS E 26 -17.12 18.63 -20.61
CA CYS E 26 -16.45 19.91 -20.30
C CYS E 26 -16.53 20.14 -18.79
N TYR E 27 -15.40 20.02 -18.11
CA TYR E 27 -15.25 20.22 -16.66
C TYR E 27 -14.68 21.61 -16.41
N VAL E 28 -15.48 22.46 -15.76
CA VAL E 28 -15.15 23.87 -15.45
C VAL E 28 -15.01 24.00 -13.93
N SER E 29 -13.83 24.38 -13.45
CA SER E 29 -13.58 24.39 -12.00
C SER E 29 -12.77 25.61 -11.60
N GLY E 30 -12.67 25.83 -10.29
CA GLY E 30 -11.81 26.87 -9.72
C GLY E 30 -12.39 28.25 -9.91
N PHE E 31 -13.68 28.42 -10.24
CA PHE E 31 -14.16 29.78 -10.64
C PHE E 31 -15.00 30.44 -9.56
N HIS E 32 -15.04 31.76 -9.56
CA HIS E 32 -15.89 32.55 -8.67
C HIS E 32 -16.08 33.92 -9.29
N PRO E 33 -17.29 34.52 -9.29
CA PRO E 33 -18.50 33.91 -8.73
C PRO E 33 -19.11 32.88 -9.70
N SER E 34 -20.35 32.43 -9.42
CA SER E 34 -20.92 31.16 -9.93
C SER E 34 -21.52 31.29 -11.31
N ASP E 35 -21.86 32.51 -11.72
N ASP E 35 -21.89 32.52 -11.71
CA ASP E 35 -22.52 32.80 -13.02
CA ASP E 35 -22.50 32.82 -13.04
C ASP E 35 -21.53 32.45 -14.14
C ASP E 35 -21.50 32.44 -14.14
N ILE E 36 -21.81 31.43 -14.94
CA ILE E 36 -20.89 30.98 -16.02
C ILE E 36 -21.70 30.45 -17.19
N GLU E 37 -21.18 30.64 -18.41
CA GLU E 37 -21.78 30.14 -19.67
C GLU E 37 -20.89 29.05 -20.26
N VAL E 38 -21.45 27.86 -20.40
CA VAL E 38 -20.72 26.71 -20.99
C VAL E 38 -21.54 26.11 -22.13
N ASP E 39 -20.90 25.99 -23.28
CA ASP E 39 -21.47 25.39 -24.53
C ASP E 39 -20.49 24.36 -25.08
N LEU E 40 -20.97 23.16 -25.39
CA LEU E 40 -20.21 22.18 -26.20
C LEU E 40 -20.49 22.47 -27.66
N LEU E 41 -19.45 22.47 -28.49
CA LEU E 41 -19.52 22.82 -29.93
C LEU E 41 -19.16 21.60 -30.75
N LYS E 42 -19.93 21.35 -31.81
CA LYS E 42 -19.59 20.40 -32.88
C LYS E 42 -19.33 21.24 -34.12
N ASN E 43 -18.08 21.26 -34.59
CA ASN E 43 -17.67 22.03 -35.79
C ASN E 43 -18.12 23.49 -35.67
N GLY E 44 -18.00 24.10 -34.50
CA GLY E 44 -18.35 25.52 -34.30
C GLY E 44 -19.84 25.76 -34.00
N GLU E 45 -20.73 24.74 -34.06
CA GLU E 45 -22.16 24.93 -33.73
C GLU E 45 -22.47 24.37 -32.34
N ARG E 46 -23.26 25.11 -31.56
CA ARG E 46 -23.61 24.68 -30.19
C ARG E 46 -24.48 23.43 -30.27
N ILE E 47 -24.17 22.46 -29.41
CA ILE E 47 -24.94 21.21 -29.18
C ILE E 47 -26.07 21.52 -28.18
N GLU E 48 -27.30 21.20 -28.51
CA GLU E 48 -28.48 21.50 -27.65
C GLU E 48 -28.55 20.53 -26.48
N LYS E 49 -28.37 19.23 -26.74
CA LYS E 49 -28.71 18.17 -25.76
C LYS E 49 -27.55 17.99 -24.77
N VAL E 50 -27.30 18.99 -23.95
CA VAL E 50 -26.15 19.04 -23.00
C VAL E 50 -26.73 19.05 -21.58
N GLU E 51 -26.26 18.14 -20.74
CA GLU E 51 -26.67 18.08 -19.34
C GLU E 51 -25.56 18.71 -18.51
N HIS E 52 -25.87 19.09 -17.28
CA HIS E 52 -24.85 19.60 -16.35
C HIS E 52 -25.18 19.12 -14.95
N SER E 53 -24.14 18.95 -14.16
CA SER E 53 -24.17 18.67 -12.70
C SER E 53 -24.76 19.85 -11.93
N ASP E 54 -25.12 19.59 -10.68
CA ASP E 54 -25.55 20.56 -9.66
C ASP E 54 -24.31 21.31 -9.16
N LEU E 55 -24.42 22.63 -9.09
CA LEU E 55 -23.31 23.54 -8.70
C LEU E 55 -22.78 23.15 -7.34
N SER E 56 -21.48 22.90 -7.27
CA SER E 56 -20.82 22.60 -5.97
C SER E 56 -19.51 23.36 -5.88
N PHE E 57 -18.81 23.25 -4.77
CA PHE E 57 -17.58 24.02 -4.54
C PHE E 57 -16.59 23.22 -3.67
N SER E 58 -15.35 23.68 -3.75
CA SER E 58 -14.15 23.04 -3.17
C SER E 58 -13.82 23.76 -1.88
N LYS E 59 -12.75 23.30 -1.25
CA LYS E 59 -12.33 23.77 0.08
C LYS E 59 -11.94 25.26 0.03
N ASP E 60 -11.47 25.80 -1.11
CA ASP E 60 -11.13 27.24 -1.29
C ASP E 60 -12.38 28.05 -1.67
N TRP E 61 -13.54 27.41 -1.68
CA TRP E 61 -14.87 28.02 -2.00
C TRP E 61 -15.04 28.25 -3.51
N SER E 62 -14.09 27.89 -4.35
CA SER E 62 -14.35 28.01 -5.81
C SER E 62 -15.35 26.92 -6.28
N PHE E 63 -16.16 27.23 -7.25
CA PHE E 63 -17.21 26.38 -7.83
C PHE E 63 -16.66 25.46 -8.91
N TYR E 64 -17.35 24.35 -9.15
CA TYR E 64 -17.09 23.49 -10.30
C TYR E 64 -18.41 22.92 -10.84
N LEU E 65 -18.42 22.66 -12.13
CA LEU E 65 -19.58 22.08 -12.89
C LEU E 65 -19.03 21.13 -13.94
N LEU E 66 -19.77 20.05 -14.20
CA LEU E 66 -19.57 19.17 -15.37
C LEU E 66 -20.74 19.35 -16.34
N TYR E 67 -20.43 19.75 -17.58
CA TYR E 67 -21.35 19.67 -18.73
C TYR E 67 -20.93 18.48 -19.58
N TYR E 68 -21.90 17.76 -20.09
CA TYR E 68 -21.66 16.49 -20.81
C TYR E 68 -22.80 16.26 -21.81
N THR E 69 -22.43 15.62 -22.91
CA THR E 69 -23.34 15.23 -24.02
C THR E 69 -22.98 13.82 -24.50
N GLU E 70 -23.99 13.03 -24.84
CA GLU E 70 -23.82 11.73 -25.50
C GLU E 70 -23.44 12.01 -26.94
N PHE E 71 -22.42 11.35 -27.46
CA PHE E 71 -21.97 11.58 -28.84
C PHE E 71 -21.25 10.35 -29.39
N THR E 72 -21.09 10.33 -30.71
CA THR E 72 -20.33 9.32 -31.46
C THR E 72 -19.19 10.02 -32.22
N PRO E 73 -17.93 9.81 -31.84
CA PRO E 73 -16.82 10.38 -32.58
C PRO E 73 -16.74 9.78 -33.97
N THR E 74 -16.51 10.63 -34.97
CA THR E 74 -16.20 10.27 -36.38
C THR E 74 -14.85 10.92 -36.71
N GLU E 75 -14.17 10.49 -37.78
CA GLU E 75 -12.80 10.97 -38.12
C GLU E 75 -12.86 12.48 -38.41
N LYS E 76 -13.99 12.97 -38.97
N LYS E 76 -13.98 12.97 -38.98
CA LYS E 76 -14.19 14.34 -39.50
CA LYS E 76 -14.18 14.34 -39.50
C LYS E 76 -14.50 15.36 -38.39
C LYS E 76 -14.50 15.36 -38.39
N ASP E 77 -15.34 15.00 -37.41
CA ASP E 77 -15.96 15.99 -36.49
C ASP E 77 -14.95 16.56 -35.48
N GLU E 78 -14.95 17.89 -35.32
CA GLU E 78 -14.19 18.64 -34.30
C GLU E 78 -15.17 19.05 -33.20
N TYR E 79 -14.76 18.85 -31.96
CA TYR E 79 -15.54 19.23 -30.76
C TYR E 79 -14.69 20.22 -29.96
N ALA E 80 -15.36 21.15 -29.28
CA ALA E 80 -14.76 22.12 -28.37
C ALA E 80 -15.75 22.46 -27.26
N CYS E 81 -15.24 23.11 -26.24
CA CYS E 81 -16.00 23.72 -25.14
C CYS E 81 -15.84 25.24 -25.26
N ARG E 82 -16.93 26.01 -25.28
CA ARG E 82 -16.91 27.50 -25.18
C ARG E 82 -17.35 27.90 -23.77
N VAL E 83 -16.51 28.67 -23.08
CA VAL E 83 -16.78 29.17 -21.69
C VAL E 83 -16.78 30.71 -21.68
N ASN E 84 -17.82 31.32 -21.10
CA ASN E 84 -17.79 32.76 -20.77
C ASN E 84 -18.00 32.96 -19.27
N HIS E 85 -17.32 33.96 -18.69
CA HIS E 85 -17.36 34.29 -17.24
C HIS E 85 -16.95 35.74 -17.12
N VAL E 86 -17.25 36.40 -16.01
CA VAL E 86 -16.94 37.85 -15.81
C VAL E 86 -15.41 38.07 -15.88
N THR E 87 -14.60 37.05 -15.59
CA THR E 87 -13.13 37.16 -15.62
C THR E 87 -12.63 37.06 -17.08
N LEU E 88 -13.47 36.66 -18.04
CA LEU E 88 -13.05 36.44 -19.45
C LEU E 88 -13.59 37.61 -20.30
N SER E 89 -12.65 38.36 -20.93
CA SER E 89 -12.96 39.52 -21.80
C SER E 89 -13.63 39.01 -23.08
N GLN E 90 -13.49 37.72 -23.40
CA GLN E 90 -14.28 37.07 -24.45
C GLN E 90 -14.27 35.57 -24.21
N PRO E 91 -15.24 34.83 -24.82
CA PRO E 91 -15.31 33.39 -24.64
C PRO E 91 -13.95 32.72 -24.89
N LYS E 92 -13.59 31.77 -24.02
CA LYS E 92 -12.43 30.88 -24.21
C LYS E 92 -12.96 29.60 -24.86
N ILE E 93 -12.38 29.22 -25.98
CA ILE E 93 -12.71 27.92 -26.65
C ILE E 93 -11.57 26.95 -26.35
N VAL E 94 -11.90 25.76 -25.90
CA VAL E 94 -10.91 24.67 -25.65
C VAL E 94 -11.29 23.48 -26.51
N LYS E 95 -10.38 23.06 -27.37
CA LYS E 95 -10.64 21.99 -28.35
C LYS E 95 -10.52 20.65 -27.65
N TRP E 96 -11.38 19.69 -28.01
CA TRP E 96 -11.21 18.28 -27.60
C TRP E 96 -10.02 17.69 -28.36
N ASP E 97 -8.93 17.40 -27.68
CA ASP E 97 -7.84 16.55 -28.20
C ASP E 97 -8.11 15.12 -27.74
N ARG E 98 -8.44 14.23 -28.66
CA ARG E 98 -8.69 12.78 -28.44
C ARG E 98 -7.57 12.13 -27.64
N ASP E 99 -6.31 12.44 -27.93
CA ASP E 99 -5.16 11.69 -27.39
C ASP E 99 -4.71 12.26 -26.04
N MET E 100 -5.05 13.50 -25.70
CA MET E 100 -4.31 14.35 -24.69
C MET E 100 -5.29 15.03 -23.72
N LEU F 1 -29.08 13.44 6.26
CA LEU F 1 -30.10 14.18 7.09
C LEU F 1 -29.53 15.58 7.32
N LEU F 2 -30.24 16.63 6.93
CA LEU F 2 -29.84 18.03 7.19
C LEU F 2 -29.93 18.29 8.70
N TRP F 3 -29.15 19.27 9.12
CA TRP F 3 -29.26 20.03 10.39
C TRP F 3 -30.59 20.74 10.46
N ASN F 4 -31.21 20.74 11.63
CA ASN F 4 -32.53 21.38 11.90
C ASN F 4 -32.37 22.87 12.28
N GLY F 5 -31.34 23.22 13.08
CA GLY F 5 -31.22 24.53 13.76
C GLY F 5 -30.26 25.54 13.12
N PRO F 6 -30.25 25.84 11.79
CA PRO F 6 -29.50 27.02 11.32
C PRO F 6 -30.13 28.34 11.80
N MET F 7 -29.24 29.27 12.14
CA MET F 7 -29.51 30.62 12.66
C MET F 7 -28.94 31.70 11.71
N GLN F 8 -29.71 32.75 11.47
CA GLN F 8 -29.28 34.00 10.80
C GLN F 8 -27.91 34.51 11.26
N VAL F 9 -27.14 35.04 10.30
CA VAL F 9 -25.89 35.85 10.52
C VAL F 9 -26.25 37.19 11.20
N GLY G 1 33.11 -72.68 0.64
CA GLY G 1 32.42 -72.39 -0.63
C GLY G 1 32.64 -70.95 -1.13
N SER G 2 31.54 -70.21 -1.24
CA SER G 2 31.41 -68.89 -1.92
C SER G 2 32.11 -67.80 -1.10
N HIS G 3 32.70 -66.81 -1.78
CA HIS G 3 33.38 -65.66 -1.12
C HIS G 3 32.98 -64.36 -1.82
N SER G 4 33.24 -63.25 -1.15
CA SER G 4 32.88 -61.89 -1.62
C SER G 4 33.90 -60.90 -1.11
N MET G 5 34.14 -59.87 -1.91
CA MET G 5 34.87 -58.66 -1.51
C MET G 5 33.92 -57.47 -1.72
N ARG G 6 33.78 -56.63 -0.71
CA ARG G 6 32.87 -55.46 -0.80
C ARG G 6 33.56 -54.26 -0.20
N TYR G 7 33.33 -53.12 -0.82
CA TYR G 7 33.73 -51.80 -0.33
C TYR G 7 32.46 -51.00 -0.07
N PHE G 8 32.43 -50.36 1.08
CA PHE G 8 31.29 -49.55 1.56
C PHE G 8 31.81 -48.15 1.83
N PHE G 9 31.09 -47.14 1.35
CA PHE G 9 31.44 -45.70 1.46
C PHE G 9 30.21 -44.96 1.94
N THR G 10 30.37 -44.19 3.01
CA THR G 10 29.39 -43.20 3.47
C THR G 10 30.00 -41.79 3.39
N SER G 11 29.25 -40.79 2.93
CA SER G 11 29.58 -39.32 2.96
C SER G 11 28.39 -38.58 3.55
N VAL G 12 28.64 -37.81 4.61
CA VAL G 12 27.61 -37.05 5.34
C VAL G 12 27.99 -35.57 5.26
N SER G 13 27.13 -34.72 4.73
CA SER G 13 27.33 -33.26 4.72
C SER G 13 27.16 -32.69 6.13
N ARG G 14 27.91 -31.66 6.47
CA ARG G 14 27.83 -30.98 7.78
C ARG G 14 27.47 -29.51 7.59
N PRO G 15 26.17 -29.14 7.60
CA PRO G 15 25.74 -27.77 7.36
C PRO G 15 26.43 -26.79 8.33
N GLY G 16 27.20 -25.87 7.76
CA GLY G 16 27.86 -24.78 8.52
C GLY G 16 28.99 -25.28 9.37
N ARG G 17 29.46 -26.52 9.14
CA ARG G 17 30.51 -27.21 9.95
C ARG G 17 31.58 -27.80 9.01
N GLY G 18 31.75 -27.24 7.81
CA GLY G 18 32.86 -27.52 6.88
C GLY G 18 32.75 -28.83 6.09
N GLU G 19 33.86 -29.54 5.95
CA GLU G 19 34.02 -30.69 5.05
C GLU G 19 33.10 -31.82 5.49
N PRO G 20 32.50 -32.54 4.53
CA PRO G 20 31.72 -33.73 4.84
C PRO G 20 32.53 -34.85 5.51
N ARG G 21 31.88 -35.60 6.38
CA ARG G 21 32.42 -36.84 6.93
C ARG G 21 32.55 -37.82 5.76
N PHE G 22 33.60 -38.61 5.71
CA PHE G 22 33.72 -39.69 4.71
C PHE G 22 34.35 -40.90 5.40
N ILE G 23 33.76 -42.09 5.20
CA ILE G 23 34.24 -43.35 5.79
C ILE G 23 34.20 -44.39 4.69
N ALA G 24 35.32 -45.06 4.48
CA ALA G 24 35.40 -46.19 3.54
C ALA G 24 35.91 -47.38 4.31
N VAL G 25 35.30 -48.53 4.02
N VAL G 25 35.26 -48.52 4.08
CA VAL G 25 35.66 -49.81 4.69
CA VAL G 25 35.71 -49.80 4.70
C VAL G 25 35.63 -50.90 3.64
C VAL G 25 35.65 -50.90 3.64
N GLY G 26 36.55 -51.86 3.76
CA GLY G 26 36.59 -53.02 2.86
C GLY G 26 36.45 -54.30 3.64
N TYR G 27 35.72 -55.24 3.06
CA TYR G 27 35.40 -56.56 3.65
C TYR G 27 35.74 -57.66 2.67
N VAL G 28 36.37 -58.71 3.18
CA VAL G 28 36.36 -60.06 2.56
C VAL G 28 35.42 -60.91 3.41
N ASP G 29 34.32 -61.36 2.81
CA ASP G 29 33.21 -62.03 3.51
C ASP G 29 32.82 -61.11 4.65
N ASP G 30 32.88 -61.57 5.90
CA ASP G 30 32.44 -60.78 7.06
C ASP G 30 33.67 -60.24 7.80
N THR G 31 34.84 -60.14 7.17
CA THR G 31 36.10 -59.66 7.82
C THR G 31 36.52 -58.31 7.23
N GLN G 32 36.49 -57.25 8.02
CA GLN G 32 37.00 -55.91 7.62
C GLN G 32 38.53 -56.00 7.47
N PHE G 33 39.10 -55.56 6.34
CA PHE G 33 40.57 -55.59 6.15
C PHE G 33 41.15 -54.19 5.97
N VAL G 34 40.38 -53.18 5.58
CA VAL G 34 40.94 -51.82 5.44
C VAL G 34 39.88 -50.82 5.83
N ARG G 35 40.33 -49.60 6.13
CA ARG G 35 39.42 -48.48 6.38
C ARG G 35 40.12 -47.17 6.06
N PHE G 36 39.31 -46.16 5.80
CA PHE G 36 39.71 -44.75 5.75
C PHE G 36 38.62 -43.96 6.46
N ASP G 37 39.02 -43.08 7.37
CA ASP G 37 38.08 -42.19 8.06
C ASP G 37 38.65 -40.79 7.94
N SER G 38 37.90 -39.86 7.34
CA SER G 38 38.24 -38.41 7.26
C SER G 38 38.56 -37.85 8.65
N ASP G 39 37.92 -38.34 9.73
CA ASP G 39 38.11 -37.84 11.12
C ASP G 39 39.40 -38.39 11.77
N ALA G 40 40.07 -39.38 11.18
CA ALA G 40 41.29 -40.02 11.75
C ALA G 40 42.53 -39.19 11.45
N ALA G 41 43.58 -39.41 12.24
CA ALA G 41 44.88 -38.68 12.24
C ALA G 41 45.67 -38.96 10.95
N SER G 42 45.72 -40.22 10.50
CA SER G 42 46.65 -40.72 9.45
C SER G 42 46.37 -40.06 8.09
N GLN G 43 45.10 -39.84 7.74
CA GLN G 43 44.68 -39.49 6.36
C GLN G 43 45.28 -40.49 5.38
N ARG G 44 45.32 -41.76 5.74
CA ARG G 44 45.75 -42.88 4.86
C ARG G 44 44.73 -44.00 4.93
N MET G 45 44.65 -44.79 3.86
CA MET G 45 44.04 -46.13 3.97
C MET G 45 44.85 -46.90 5.01
N GLU G 46 44.19 -47.40 6.06
CA GLU G 46 44.81 -48.16 7.18
C GLU G 46 44.42 -49.63 7.11
N PRO G 47 45.33 -50.56 7.48
CA PRO G 47 44.99 -51.98 7.62
C PRO G 47 44.13 -52.30 8.85
N ARG G 48 43.28 -53.31 8.78
CA ARG G 48 42.43 -53.75 9.90
C ARG G 48 42.44 -55.29 10.04
N ALA G 49 43.23 -55.99 9.24
CA ALA G 49 43.45 -57.44 9.40
C ALA G 49 44.95 -57.74 9.30
N PRO G 50 45.48 -58.77 10.01
CA PRO G 50 46.91 -59.07 9.98
C PRO G 50 47.47 -59.33 8.57
N TRP G 51 46.69 -60.04 7.74
CA TRP G 51 47.18 -60.59 6.44
C TRP G 51 47.31 -59.49 5.38
N ILE G 52 46.68 -58.32 5.57
CA ILE G 52 46.81 -57.21 4.57
C ILE G 52 48.06 -56.38 4.89
N GLU G 53 48.54 -56.40 6.14
CA GLU G 53 49.74 -55.64 6.61
C GLU G 53 50.98 -55.99 5.78
N GLN G 54 51.04 -57.17 5.18
CA GLN G 54 52.20 -57.64 4.38
C GLN G 54 52.20 -57.03 2.96
N GLU G 55 51.15 -56.32 2.55
CA GLU G 55 51.18 -55.57 1.25
C GLU G 55 52.16 -54.41 1.44
N GLY G 56 52.90 -54.05 0.40
CA GLY G 56 54.03 -53.10 0.48
C GLY G 56 53.60 -51.65 0.39
N PRO G 57 54.54 -50.69 0.50
CA PRO G 57 54.23 -49.27 0.45
C PRO G 57 53.53 -48.82 -0.85
N GLU G 58 53.75 -49.53 -1.96
CA GLU G 58 53.09 -49.22 -3.25
C GLU G 58 51.58 -49.51 -3.17
N TYR G 59 51.18 -50.64 -2.60
CA TYR G 59 49.75 -50.93 -2.30
C TYR G 59 49.14 -49.78 -1.50
N TRP G 60 49.76 -49.40 -0.37
CA TRP G 60 49.20 -48.40 0.58
C TRP G 60 49.14 -47.01 -0.08
N ASP G 61 50.20 -46.59 -0.78
CA ASP G 61 50.22 -45.32 -1.54
C ASP G 61 49.10 -45.33 -2.59
N GLY G 62 48.86 -46.46 -3.28
CA GLY G 62 47.81 -46.61 -4.33
C GLY G 62 46.39 -46.59 -3.76
N GLU G 63 46.15 -47.29 -2.65
CA GLU G 63 44.82 -47.35 -2.00
C GLU G 63 44.54 -45.97 -1.40
N THR G 64 45.54 -45.31 -0.82
CA THR G 64 45.39 -43.93 -0.31
C THR G 64 44.98 -43.00 -1.47
N ARG G 65 45.65 -43.08 -2.62
CA ARG G 65 45.31 -42.18 -3.75
C ARG G 65 43.86 -42.45 -4.16
N LYS G 66 43.49 -43.71 -4.31
CA LYS G 66 42.16 -44.10 -4.86
C LYS G 66 41.05 -43.77 -3.85
N VAL G 67 41.31 -43.94 -2.55
CA VAL G 67 40.27 -43.65 -1.52
C VAL G 67 40.04 -42.13 -1.52
N LYS G 68 41.10 -41.33 -1.75
CA LYS G 68 40.98 -39.85 -1.70
C LYS G 68 40.22 -39.37 -2.95
N ALA G 69 40.38 -40.06 -4.07
CA ALA G 69 39.65 -39.74 -5.31
C ALA G 69 38.16 -40.06 -5.08
N HIS G 70 37.85 -41.17 -4.37
CA HIS G 70 36.46 -41.51 -3.94
C HIS G 70 35.92 -40.38 -3.08
N SER G 71 36.69 -39.95 -2.08
CA SER G 71 36.31 -38.86 -1.15
C SER G 71 35.96 -37.59 -1.93
N GLN G 72 36.80 -37.23 -2.88
N GLN G 72 36.81 -37.22 -2.88
CA GLN G 72 36.59 -36.00 -3.68
CA GLN G 72 36.58 -35.97 -3.67
C GLN G 72 35.36 -36.15 -4.56
C GLN G 72 35.35 -36.14 -4.57
N THR G 73 35.14 -37.32 -5.14
CA THR G 73 33.92 -37.58 -5.97
C THR G 73 32.68 -37.41 -5.08
N HIS G 74 32.68 -37.96 -3.88
CA HIS G 74 31.50 -37.88 -2.98
C HIS G 74 31.32 -36.46 -2.49
N ARG G 75 32.41 -35.73 -2.34
CA ARG G 75 32.35 -34.32 -1.90
C ARG G 75 31.52 -33.54 -2.92
N VAL G 76 31.86 -33.66 -4.22
CA VAL G 76 31.19 -32.99 -5.35
C VAL G 76 29.76 -33.50 -5.45
N ASP G 77 29.55 -34.80 -5.28
CA ASP G 77 28.22 -35.45 -5.42
C ASP G 77 27.20 -34.85 -4.43
N LEU G 78 27.55 -34.66 -3.16
CA LEU G 78 26.64 -34.07 -2.15
C LEU G 78 26.22 -32.66 -2.61
N GLY G 79 27.16 -31.89 -3.19
CA GLY G 79 26.77 -30.58 -3.76
C GLY G 79 25.85 -30.77 -4.95
N THR G 80 26.13 -31.75 -5.80
CA THR G 80 25.38 -31.95 -7.08
C THR G 80 23.95 -32.36 -6.73
N LEU G 81 23.80 -33.24 -5.74
CA LEU G 81 22.49 -33.82 -5.40
C LEU G 81 21.64 -32.78 -4.70
N ARG G 82 22.23 -31.96 -3.85
CA ARG G 82 21.52 -30.83 -3.20
C ARG G 82 20.92 -29.94 -4.32
N GLY G 83 21.68 -29.68 -5.37
CA GLY G 83 21.26 -28.97 -6.59
C GLY G 83 20.12 -29.66 -7.30
N TYR G 84 20.23 -30.96 -7.55
CA TYR G 84 19.23 -31.74 -8.33
C TYR G 84 17.91 -31.70 -7.58
N TYR G 85 17.91 -31.74 -6.24
CA TYR G 85 16.62 -31.79 -5.51
C TYR G 85 16.28 -30.40 -4.98
N ASN G 86 17.03 -29.36 -5.41
CA ASN G 86 16.91 -28.00 -4.83
C ASN G 86 16.72 -28.05 -3.30
N GLN G 87 17.54 -28.78 -2.57
CA GLN G 87 17.37 -28.89 -1.09
C GLN G 87 18.05 -27.70 -0.41
N SER G 88 17.63 -27.34 0.79
CA SER G 88 18.25 -26.20 1.54
C SER G 88 19.66 -26.59 2.00
N GLU G 89 20.53 -25.59 2.16
CA GLU G 89 21.92 -25.72 2.68
C GLU G 89 21.90 -26.01 4.19
N ALA G 90 20.73 -25.95 4.83
CA ALA G 90 20.61 -26.04 6.31
C ALA G 90 20.64 -27.48 6.81
N GLY G 91 20.34 -28.49 5.97
CA GLY G 91 20.21 -29.89 6.40
C GLY G 91 21.39 -30.75 6.02
N SER G 92 21.68 -31.78 6.83
CA SER G 92 22.66 -32.85 6.51
C SER G 92 22.04 -33.87 5.55
N HIS G 93 22.77 -34.31 4.53
CA HIS G 93 22.38 -35.39 3.59
C HIS G 93 23.46 -36.47 3.56
N THR G 94 23.08 -37.68 3.14
CA THR G 94 23.94 -38.88 3.17
C THR G 94 24.01 -39.48 1.79
N VAL G 95 25.21 -39.73 1.33
CA VAL G 95 25.45 -40.60 0.14
C VAL G 95 26.08 -41.90 0.60
N GLN G 96 25.60 -43.04 0.08
CA GLN G 96 26.16 -44.37 0.38
C GLN G 96 26.50 -45.06 -0.92
N ARG G 97 27.67 -45.68 -1.00
CA ARG G 97 28.04 -46.51 -2.17
C ARG G 97 28.54 -47.87 -1.69
N MET G 98 28.17 -48.90 -2.43
CA MET G 98 28.64 -50.28 -2.22
C MET G 98 28.97 -50.89 -3.57
N TYR G 99 30.16 -51.49 -3.69
CA TYR G 99 30.46 -52.30 -4.89
C TYR G 99 31.34 -53.49 -4.48
N GLY G 100 31.41 -54.47 -5.38
CA GLY G 100 32.16 -55.69 -5.14
C GLY G 100 31.68 -56.83 -5.99
N CYS G 101 32.24 -58.01 -5.69
CA CYS G 101 32.18 -59.20 -6.55
C CYS G 101 32.04 -60.43 -5.65
N ASP G 102 31.25 -61.38 -6.11
CA ASP G 102 31.10 -62.74 -5.51
C ASP G 102 31.83 -63.74 -6.41
N VAL G 103 32.56 -64.67 -5.81
CA VAL G 103 33.09 -65.89 -6.50
C VAL G 103 32.47 -67.13 -5.85
N GLY G 104 32.36 -68.22 -6.62
CA GLY G 104 31.88 -69.53 -6.16
C GLY G 104 32.97 -70.35 -5.48
N SER G 105 32.68 -71.62 -5.20
CA SER G 105 33.61 -72.53 -4.49
C SER G 105 34.86 -72.77 -5.34
N ASP G 106 34.74 -72.57 -6.66
CA ASP G 106 35.88 -72.65 -7.61
C ASP G 106 36.65 -71.33 -7.64
N TRP G 107 36.28 -70.33 -6.83
CA TRP G 107 36.90 -68.98 -6.83
C TRP G 107 36.80 -68.33 -8.22
N ARG G 108 35.80 -68.70 -9.01
CA ARG G 108 35.50 -68.06 -10.30
C ARG G 108 34.33 -67.07 -10.12
N PHE G 109 34.39 -65.98 -10.88
CA PHE G 109 33.40 -64.86 -10.83
C PHE G 109 32.00 -65.42 -10.91
N LEU G 110 31.16 -65.08 -9.92
CA LEU G 110 29.73 -65.46 -9.84
C LEU G 110 28.85 -64.24 -10.14
N ARG G 111 29.10 -63.10 -9.48
N ARG G 111 29.09 -63.10 -9.46
CA ARG G 111 28.36 -61.83 -9.75
CA ARG G 111 28.35 -61.83 -9.74
C ARG G 111 29.12 -60.61 -9.21
C ARG G 111 29.11 -60.61 -9.20
N GLY G 112 28.79 -59.44 -9.77
CA GLY G 112 29.32 -58.13 -9.36
C GLY G 112 28.17 -57.15 -9.10
N TYR G 113 28.40 -56.10 -8.34
CA TYR G 113 27.34 -55.11 -8.02
C TYR G 113 28.02 -53.76 -7.79
N HIS G 114 27.23 -52.72 -8.05
CA HIS G 114 27.49 -51.32 -7.70
C HIS G 114 26.14 -50.65 -7.46
N GLN G 115 25.89 -50.24 -6.22
CA GLN G 115 24.66 -49.56 -5.76
C GLN G 115 25.07 -48.21 -5.14
N TYR G 116 24.20 -47.21 -5.30
CA TYR G 116 24.41 -45.82 -4.82
C TYR G 116 23.07 -45.34 -4.26
N ALA G 117 23.07 -44.87 -3.01
CA ALA G 117 21.89 -44.36 -2.29
C ALA G 117 22.13 -42.88 -1.93
N TYR G 118 21.09 -42.09 -2.02
CA TYR G 118 21.00 -40.73 -1.49
C TYR G 118 19.89 -40.76 -0.40
N ASP G 119 20.25 -40.33 0.81
CA ASP G 119 19.34 -40.19 1.97
C ASP G 119 18.62 -41.52 2.25
N GLY G 120 19.36 -42.62 2.20
CA GLY G 120 18.93 -43.97 2.63
C GLY G 120 17.99 -44.66 1.67
N LYS G 121 17.93 -44.24 0.41
CA LYS G 121 17.12 -44.89 -0.66
C LYS G 121 17.97 -45.10 -1.90
N ASP G 122 17.71 -46.17 -2.65
CA ASP G 122 18.23 -46.38 -4.02
C ASP G 122 18.19 -45.05 -4.80
N TYR G 123 19.31 -44.67 -5.41
CA TYR G 123 19.44 -43.56 -6.38
C TYR G 123 19.72 -44.16 -7.75
N ILE G 124 20.83 -44.89 -7.91
CA ILE G 124 21.13 -45.59 -9.19
C ILE G 124 21.84 -46.91 -8.89
N ALA G 125 21.49 -47.96 -9.60
CA ALA G 125 22.15 -49.28 -9.41
C ALA G 125 22.56 -49.84 -10.77
N LEU G 126 23.69 -50.53 -10.79
CA LEU G 126 24.09 -51.37 -11.94
C LEU G 126 23.16 -52.59 -11.96
N LYS G 127 22.59 -52.92 -13.12
CA LYS G 127 21.76 -54.14 -13.29
C LYS G 127 22.66 -55.38 -13.27
N GLU G 128 22.11 -56.56 -13.01
CA GLU G 128 22.87 -57.83 -12.81
C GLU G 128 23.79 -58.09 -14.00
N ASP G 129 23.34 -57.81 -15.23
CA ASP G 129 24.11 -57.99 -16.48
C ASP G 129 25.34 -57.07 -16.51
N LEU G 130 25.47 -56.12 -15.60
CA LEU G 130 26.60 -55.16 -15.54
C LEU G 130 26.71 -54.36 -16.85
N ARG G 131 25.63 -54.22 -17.61
CA ARG G 131 25.65 -53.50 -18.90
C ARG G 131 24.81 -52.23 -18.84
N SER G 132 23.96 -52.05 -17.85
CA SER G 132 23.01 -50.89 -17.78
C SER G 132 22.61 -50.58 -16.34
N TRP G 133 21.86 -49.47 -16.16
CA TRP G 133 21.53 -48.81 -14.88
C TRP G 133 20.02 -48.80 -14.70
N THR G 134 19.60 -48.82 -13.43
CA THR G 134 18.21 -48.58 -12.95
C THR G 134 18.29 -47.31 -12.11
N ALA G 135 17.52 -46.29 -12.51
CA ALA G 135 17.50 -44.95 -11.88
C ALA G 135 16.19 -44.81 -11.11
N ALA G 136 16.23 -44.36 -9.86
CA ALA G 136 15.06 -44.38 -8.95
C ALA G 136 14.01 -43.34 -9.39
N ASP G 137 14.42 -42.22 -9.96
CA ASP G 137 13.56 -41.04 -10.19
C ASP G 137 14.14 -40.16 -11.31
N MET G 138 13.52 -39.02 -11.57
CA MET G 138 13.85 -38.11 -12.69
C MET G 138 15.26 -37.51 -12.52
N ALA G 139 15.66 -37.18 -11.30
CA ALA G 139 17.02 -36.67 -11.02
C ALA G 139 18.07 -37.74 -11.32
N ALA G 140 17.81 -38.99 -10.96
CA ALA G 140 18.78 -40.09 -11.17
C ALA G 140 18.87 -40.40 -12.67
N GLN G 141 17.86 -40.05 -13.48
CA GLN G 141 17.93 -40.25 -14.95
C GLN G 141 19.01 -39.34 -15.52
N THR G 142 19.22 -38.16 -14.92
CA THR G 142 20.29 -37.24 -15.36
C THR G 142 21.65 -37.95 -15.21
N THR G 143 21.87 -38.53 -14.05
CA THR G 143 23.11 -39.29 -13.75
C THR G 143 23.25 -40.47 -14.72
N LYS G 144 22.14 -41.17 -14.93
CA LYS G 144 22.10 -42.38 -15.79
C LYS G 144 22.60 -42.01 -17.19
N HIS G 145 22.13 -40.87 -17.71
CA HIS G 145 22.54 -40.36 -19.05
C HIS G 145 24.03 -40.03 -19.04
N LYS G 146 24.57 -39.46 -17.97
CA LYS G 146 26.01 -39.05 -17.89
C LYS G 146 26.87 -40.31 -17.89
N TRP G 147 26.40 -41.33 -17.16
CA TRP G 147 27.15 -42.61 -17.03
C TRP G 147 27.07 -43.44 -18.31
N GLU G 148 26.01 -43.31 -19.07
CA GLU G 148 25.86 -43.98 -20.41
C GLU G 148 26.82 -43.28 -21.39
N ALA G 149 26.74 -41.94 -21.47
CA ALA G 149 27.56 -41.08 -22.36
C ALA G 149 29.06 -41.38 -22.16
N ALA G 150 29.51 -41.57 -20.94
CA ALA G 150 30.95 -41.76 -20.59
C ALA G 150 31.25 -43.26 -20.31
N HIS G 151 30.35 -44.17 -20.65
CA HIS G 151 30.60 -45.64 -20.66
C HIS G 151 31.19 -46.12 -19.32
N VAL G 152 30.63 -45.65 -18.21
CA VAL G 152 31.04 -46.08 -16.85
C VAL G 152 30.81 -47.59 -16.74
N ALA G 153 29.68 -48.11 -17.24
CA ALA G 153 29.30 -49.53 -17.01
C ALA G 153 30.39 -50.45 -17.55
N GLU G 154 30.93 -50.14 -18.73
CA GLU G 154 31.94 -50.99 -19.40
C GLU G 154 33.20 -51.04 -18.52
N GLN G 155 33.69 -49.89 -18.06
CA GLN G 155 34.92 -49.85 -17.23
C GLN G 155 34.63 -50.41 -15.82
N LEU G 156 33.42 -50.23 -15.30
CA LEU G 156 33.06 -50.82 -13.98
C LEU G 156 32.95 -52.35 -14.12
N ARG G 157 32.40 -52.86 -15.23
CA ARG G 157 32.30 -54.31 -15.47
C ARG G 157 33.70 -54.96 -15.55
N ALA G 158 34.67 -54.32 -16.22
CA ALA G 158 36.06 -54.83 -16.34
C ALA G 158 36.69 -54.98 -14.93
N TYR G 159 36.46 -54.02 -14.06
CA TYR G 159 36.90 -54.07 -12.63
C TYR G 159 36.19 -55.23 -11.91
N LEU G 160 34.85 -55.33 -11.95
CA LEU G 160 34.10 -56.34 -11.16
C LEU G 160 34.43 -57.78 -11.62
N GLU G 161 34.67 -58.00 -12.93
CA GLU G 161 34.92 -59.35 -13.54
C GLU G 161 36.42 -59.66 -13.56
N GLY G 162 37.29 -58.64 -13.52
CA GLY G 162 38.74 -58.81 -13.59
C GLY G 162 39.37 -58.51 -12.25
N THR G 163 39.85 -57.28 -12.07
CA THR G 163 40.66 -56.85 -10.90
C THR G 163 40.02 -57.39 -9.63
N CYS G 164 38.71 -57.20 -9.46
CA CYS G 164 38.03 -57.47 -8.17
C CYS G 164 38.28 -58.94 -7.78
N VAL G 165 38.01 -59.88 -8.68
CA VAL G 165 38.09 -61.35 -8.41
C VAL G 165 39.55 -61.76 -8.29
N GLU G 166 40.45 -61.13 -9.03
CA GLU G 166 41.90 -61.45 -8.98
C GLU G 166 42.47 -61.06 -7.62
N TRP G 167 42.16 -59.87 -7.10
CA TRP G 167 42.68 -59.44 -5.78
C TRP G 167 41.98 -60.20 -4.63
N LEU G 168 40.71 -60.57 -4.81
CA LEU G 168 40.01 -61.40 -3.81
C LEU G 168 40.74 -62.74 -3.69
N ARG G 169 41.13 -63.35 -4.80
CA ARG G 169 41.91 -64.63 -4.82
C ARG G 169 43.24 -64.41 -4.10
N ARG G 170 43.91 -63.30 -4.39
CA ARG G 170 45.22 -63.01 -3.77
C ARG G 170 45.02 -62.98 -2.24
N TYR G 171 43.98 -62.27 -1.77
CA TYR G 171 43.71 -62.06 -0.32
C TYR G 171 43.32 -63.38 0.35
N LEU G 172 42.54 -64.19 -0.34
CA LEU G 172 42.13 -65.53 0.15
C LEU G 172 43.38 -66.39 0.38
N GLU G 173 44.35 -66.38 -0.54
CA GLU G 173 45.65 -67.09 -0.38
C GLU G 173 46.43 -66.46 0.79
N ASN G 174 46.61 -65.13 0.80
CA ASN G 174 47.43 -64.48 1.84
C ASN G 174 46.75 -64.61 3.22
N GLY G 175 45.43 -64.69 3.27
CA GLY G 175 44.67 -64.75 4.55
C GLY G 175 44.20 -66.14 4.91
N LYS G 176 44.70 -67.19 4.25
CA LYS G 176 44.15 -68.58 4.37
C LYS G 176 43.91 -68.92 5.83
N GLU G 177 44.87 -68.63 6.72
CA GLU G 177 44.86 -69.00 8.16
C GLU G 177 43.56 -68.52 8.84
N THR G 178 42.84 -67.53 8.29
CA THR G 178 41.63 -66.93 8.93
C THR G 178 40.47 -66.73 7.96
N LEU G 179 40.71 -66.39 6.70
CA LEU G 179 39.61 -66.09 5.73
C LEU G 179 38.91 -67.38 5.28
N GLN G 180 39.64 -68.49 5.13
CA GLN G 180 39.06 -69.73 4.54
C GLN G 180 38.38 -70.55 5.63
N ARG G 181 38.56 -70.21 6.91
CA ARG G 181 37.93 -70.92 8.06
C ARG G 181 36.39 -70.85 7.93
N THR G 182 35.69 -71.92 8.30
CA THR G 182 34.26 -71.89 8.66
C THR G 182 34.18 -72.41 10.10
N ASP G 183 33.71 -71.57 11.04
CA ASP G 183 33.54 -71.97 12.46
C ASP G 183 32.07 -72.33 12.65
N ALA G 184 31.80 -73.62 12.84
CA ALA G 184 30.44 -74.15 13.09
C ALA G 184 29.93 -73.55 14.39
N PRO G 185 28.62 -73.25 14.50
CA PRO G 185 28.08 -72.78 15.77
C PRO G 185 28.27 -73.82 16.88
N LYS G 186 28.71 -73.37 18.05
CA LYS G 186 28.50 -74.06 19.34
C LYS G 186 27.07 -73.78 19.80
N THR G 187 26.27 -74.83 19.98
CA THR G 187 24.82 -74.70 20.24
C THR G 187 24.50 -75.26 21.62
N HIS G 188 23.45 -74.72 22.22
CA HIS G 188 22.83 -75.20 23.46
C HIS G 188 21.45 -74.60 23.55
N MET G 189 20.66 -75.19 24.43
CA MET G 189 19.28 -74.82 24.67
C MET G 189 19.17 -74.52 26.17
N THR G 190 18.50 -73.44 26.53
CA THR G 190 18.12 -73.10 27.92
C THR G 190 16.61 -73.20 28.05
N HIS G 191 16.16 -73.40 29.28
CA HIS G 191 14.77 -73.64 29.71
C HIS G 191 14.55 -72.76 30.94
N HIS G 192 13.56 -71.87 30.88
CA HIS G 192 13.11 -71.03 32.01
C HIS G 192 11.60 -71.11 32.11
N ALA G 193 11.11 -71.79 33.15
CA ALA G 193 9.71 -71.73 33.61
C ALA G 193 9.27 -70.27 33.67
N VAL G 194 8.10 -69.98 33.13
CA VAL G 194 7.40 -68.66 33.20
C VAL G 194 6.27 -68.71 34.25
N SER G 195 5.61 -69.85 34.39
CA SER G 195 4.48 -70.09 35.31
C SER G 195 4.39 -71.60 35.51
N ASP G 196 3.39 -72.08 36.26
CA ASP G 196 3.08 -73.53 36.38
C ASP G 196 2.71 -74.16 35.04
N HIS G 197 2.27 -73.37 34.04
CA HIS G 197 1.71 -73.92 32.79
C HIS G 197 2.55 -73.60 31.55
N GLU G 198 3.50 -72.66 31.61
CA GLU G 198 4.30 -72.26 30.41
C GLU G 198 5.79 -72.18 30.74
N ALA G 199 6.62 -72.25 29.70
CA ALA G 199 8.10 -72.22 29.79
C ALA G 199 8.66 -71.64 28.50
N THR G 200 9.80 -70.98 28.59
CA THR G 200 10.58 -70.45 27.45
C THR G 200 11.72 -71.42 27.14
N LEU G 201 11.78 -71.91 25.90
CA LEU G 201 13.00 -72.58 25.39
C LEU G 201 13.79 -71.58 24.56
N ARG G 202 15.09 -71.48 24.80
CA ARG G 202 15.97 -70.58 23.99
C ARG G 202 17.11 -71.42 23.41
N CYS G 203 17.21 -71.37 22.11
CA CYS G 203 18.26 -72.03 21.30
C CYS G 203 19.36 -71.01 20.96
N TRP G 204 20.60 -71.27 21.34
CA TRP G 204 21.80 -70.42 21.16
C TRP G 204 22.72 -71.00 20.10
N ALA G 205 23.18 -70.14 19.20
CA ALA G 205 24.34 -70.36 18.31
C ALA G 205 25.44 -69.35 18.63
N LEU G 206 26.60 -69.86 19.04
CA LEU G 206 27.76 -69.04 19.44
C LEU G 206 28.99 -69.40 18.61
N SER G 207 29.87 -68.40 18.43
CA SER G 207 31.26 -68.57 17.94
C SER G 207 31.26 -69.06 16.50
N PHE G 208 30.30 -68.64 15.71
CA PHE G 208 30.20 -69.06 14.29
C PHE G 208 30.78 -67.99 13.36
N TYR G 209 31.29 -68.44 12.24
CA TYR G 209 31.78 -67.61 11.11
C TYR G 209 31.62 -68.44 9.86
N PRO G 210 31.07 -67.92 8.75
CA PRO G 210 30.56 -66.54 8.67
C PRO G 210 29.19 -66.29 9.32
N ALA G 211 28.66 -65.07 9.19
CA ALA G 211 27.48 -64.55 9.90
C ALA G 211 26.19 -65.22 9.45
N GLU G 212 26.13 -65.70 8.21
CA GLU G 212 24.95 -66.35 7.59
C GLU G 212 24.59 -67.61 8.39
N ILE G 213 23.36 -67.67 8.90
CA ILE G 213 22.84 -68.79 9.73
C ILE G 213 21.31 -68.76 9.61
N THR G 214 20.66 -69.91 9.77
CA THR G 214 19.20 -70.01 10.00
C THR G 214 18.96 -70.78 11.31
N LEU G 215 18.19 -70.18 12.22
CA LEU G 215 17.68 -70.75 13.49
C LEU G 215 16.16 -70.78 13.44
N THR G 216 15.54 -71.95 13.52
CA THR G 216 14.06 -72.05 13.36
C THR G 216 13.56 -73.08 14.36
N TRP G 217 12.44 -72.77 15.01
CA TRP G 217 11.71 -73.67 15.90
C TRP G 217 10.60 -74.36 15.12
N GLN G 218 10.50 -75.67 15.31
CA GLN G 218 9.37 -76.48 14.84
C GLN G 218 8.65 -77.09 16.05
N ARG G 219 7.33 -77.26 15.91
CA ARG G 219 6.46 -78.05 16.81
C ARG G 219 5.88 -79.19 15.99
N ASP G 220 6.09 -80.45 16.40
CA ASP G 220 5.61 -81.65 15.67
C ASP G 220 6.02 -81.49 14.20
N GLY G 221 7.26 -81.08 13.94
CA GLY G 221 7.88 -80.99 12.60
C GLY G 221 7.31 -79.86 11.75
N GLU G 222 6.54 -78.95 12.35
CA GLU G 222 5.81 -77.86 11.65
C GLU G 222 6.35 -76.50 12.14
N ASP G 223 6.59 -75.58 11.20
CA ASP G 223 7.28 -74.30 11.47
C ASP G 223 6.46 -73.45 12.44
N GLN G 224 7.16 -72.61 13.20
CA GLN G 224 6.61 -71.88 14.37
C GLN G 224 6.99 -70.41 14.26
N THR G 225 7.24 -69.92 13.05
CA THR G 225 7.87 -68.60 12.75
C THR G 225 6.93 -67.46 13.19
N GLN G 226 5.66 -67.76 13.47
CA GLN G 226 4.67 -66.79 14.01
C GLN G 226 4.99 -66.47 15.49
N ASP G 227 5.42 -67.45 16.30
CA ASP G 227 5.62 -67.25 17.78
C ASP G 227 7.09 -67.34 18.17
N THR G 228 8.02 -67.35 17.23
CA THR G 228 9.47 -67.34 17.54
C THR G 228 9.92 -65.88 17.76
N GLU G 229 10.45 -65.61 18.96
CA GLU G 229 11.28 -64.42 19.27
C GLU G 229 12.69 -64.71 18.75
N LEU G 230 13.16 -63.86 17.82
CA LEU G 230 14.40 -64.01 17.03
C LEU G 230 15.21 -62.71 17.19
N VAL G 231 16.47 -62.79 17.63
CA VAL G 231 17.34 -61.59 17.60
C VAL G 231 18.16 -61.62 16.32
N GLU G 232 18.55 -60.44 15.89
CA GLU G 232 19.47 -60.21 14.74
C GLU G 232 20.84 -60.80 15.11
N THR G 233 21.50 -61.41 14.13
CA THR G 233 22.87 -61.90 14.25
C THR G 233 23.70 -60.73 14.74
N ARG G 234 24.55 -60.98 15.72
CA ARG G 234 25.35 -59.91 16.35
C ARG G 234 26.81 -60.34 16.35
N PRO G 235 27.73 -59.35 16.25
CA PRO G 235 29.16 -59.63 16.39
C PRO G 235 29.55 -59.86 17.86
N ALA G 236 30.35 -60.89 18.11
CA ALA G 236 30.96 -61.16 19.43
C ALA G 236 32.05 -60.13 19.66
N GLY G 237 32.74 -59.70 18.59
CA GLY G 237 33.81 -58.70 18.67
C GLY G 237 35.18 -59.31 18.48
N ASP G 238 35.27 -60.64 18.33
CA ASP G 238 36.55 -61.38 18.13
C ASP G 238 36.59 -62.00 16.72
N GLY G 239 35.64 -61.64 15.85
CA GLY G 239 35.56 -62.18 14.49
C GLY G 239 34.52 -63.28 14.37
N THR G 240 33.78 -63.61 15.42
CA THR G 240 32.67 -64.58 15.32
C THR G 240 31.34 -63.91 15.64
N PHE G 241 30.25 -64.65 15.48
CA PHE G 241 28.87 -64.12 15.51
C PHE G 241 28.08 -64.98 16.49
N GLN G 242 26.98 -64.39 16.95
CA GLN G 242 26.06 -64.99 17.94
C GLN G 242 24.64 -64.78 17.45
N LYS G 243 23.75 -65.69 17.80
CA LYS G 243 22.30 -65.55 17.56
C LYS G 243 21.54 -66.46 18.52
N TRP G 244 20.32 -66.09 18.90
CA TRP G 244 19.42 -66.99 19.64
C TRP G 244 18.01 -66.83 19.12
N ALA G 245 17.20 -67.84 19.39
CA ALA G 245 15.77 -67.92 19.02
C ALA G 245 15.05 -68.58 20.20
N ALA G 246 13.93 -68.02 20.58
CA ALA G 246 13.15 -68.46 21.75
C ALA G 246 11.70 -68.71 21.35
N VAL G 247 11.10 -69.63 22.07
CA VAL G 247 9.69 -70.03 21.89
C VAL G 247 9.08 -70.27 23.27
N VAL G 248 7.82 -69.85 23.48
CA VAL G 248 7.09 -70.08 24.76
C VAL G 248 6.25 -71.35 24.59
N VAL G 249 6.52 -72.38 25.38
CA VAL G 249 5.87 -73.71 25.22
C VAL G 249 5.07 -74.05 26.47
N PRO G 250 4.04 -74.92 26.37
CA PRO G 250 3.36 -75.50 27.53
C PRO G 250 4.33 -76.39 28.33
N SER G 251 4.30 -76.27 29.65
CA SER G 251 4.98 -77.18 30.59
C SER G 251 4.58 -78.63 30.31
N GLY G 252 5.54 -79.55 30.30
CA GLY G 252 5.30 -80.96 29.95
C GLY G 252 5.37 -81.24 28.45
N GLN G 253 5.48 -80.24 27.58
CA GLN G 253 5.44 -80.45 26.10
C GLN G 253 6.77 -80.01 25.43
N GLU G 254 7.83 -79.76 26.21
CA GLU G 254 9.14 -79.28 25.68
C GLU G 254 9.65 -80.19 24.56
N GLN G 255 9.42 -81.50 24.66
CA GLN G 255 9.96 -82.53 23.72
C GLN G 255 9.22 -82.51 22.38
N ARG G 256 8.15 -81.72 22.23
CA ARG G 256 7.47 -81.55 20.92
C ARG G 256 8.22 -80.58 20.03
N TYR G 257 9.09 -79.75 20.61
CA TYR G 257 9.75 -78.63 19.93
C TYR G 257 11.18 -79.00 19.57
N THR G 258 11.58 -78.67 18.35
CA THR G 258 12.94 -78.88 17.85
C THR G 258 13.47 -77.54 17.33
N CYS G 259 14.74 -77.28 17.64
CA CYS G 259 15.49 -76.13 17.09
C CYS G 259 16.35 -76.59 15.93
N HIS G 260 16.18 -75.99 14.75
CA HIS G 260 16.90 -76.34 13.51
C HIS G 260 17.97 -75.27 13.21
N VAL G 261 19.22 -75.71 13.06
CA VAL G 261 20.39 -74.83 12.77
C VAL G 261 20.97 -75.21 11.43
N GLN G 262 21.01 -74.25 10.51
CA GLN G 262 21.72 -74.37 9.21
C GLN G 262 22.86 -73.35 9.19
N HIS G 263 24.06 -73.85 8.90
CA HIS G 263 25.28 -73.02 8.79
C HIS G 263 26.26 -73.73 7.87
N GLU G 264 26.94 -72.96 7.03
CA GLU G 264 27.93 -73.47 6.04
C GLU G 264 28.98 -74.36 6.71
N GLY G 265 29.22 -74.21 8.01
CA GLY G 265 30.29 -74.92 8.74
C GLY G 265 29.81 -76.25 9.28
N LEU G 266 28.52 -76.55 9.13
CA LEU G 266 27.90 -77.82 9.60
C LEU G 266 27.84 -78.79 8.42
N PRO G 267 28.36 -80.02 8.58
CA PRO G 267 28.18 -81.07 7.58
C PRO G 267 26.71 -81.17 7.15
N LYS G 268 25.82 -81.28 8.14
CA LYS G 268 24.34 -81.35 7.92
C LYS G 268 23.65 -80.50 8.99
N PRO G 269 22.43 -80.00 8.72
CA PRO G 269 21.69 -79.23 9.72
C PRO G 269 21.52 -79.97 11.05
N LEU G 270 21.65 -79.26 12.16
CA LEU G 270 21.41 -79.78 13.51
C LEU G 270 19.92 -79.66 13.83
N THR G 271 19.40 -80.66 14.56
CA THR G 271 18.11 -80.63 15.26
C THR G 271 18.46 -80.74 16.73
N LEU G 272 18.02 -79.82 17.55
CA LEU G 272 18.20 -79.90 19.03
C LEU G 272 16.82 -80.03 19.67
N ARG G 273 16.77 -80.78 20.76
CA ARG G 273 15.55 -81.05 21.56
C ARG G 273 15.96 -80.87 23.03
N TRP G 274 15.10 -80.24 23.83
CA TRP G 274 15.27 -80.12 25.29
C TRP G 274 15.18 -81.51 25.93
N GLU G 275 16.22 -81.91 26.66
CA GLU G 275 16.19 -83.08 27.58
C GLU G 275 16.61 -82.60 28.97
N PRO G 276 15.75 -82.77 29.99
CA PRO G 276 16.09 -82.49 31.39
C PRO G 276 17.55 -82.83 31.77
N MET H 1 13.55 -38.20 2.82
CA MET H 1 14.38 -38.51 4.01
C MET H 1 13.84 -39.80 4.62
N ILE H 2 14.58 -40.92 4.64
CA ILE H 2 14.19 -42.04 5.54
C ILE H 2 14.91 -41.85 6.88
N GLN H 3 14.15 -42.11 7.93
CA GLN H 3 14.58 -42.20 9.33
C GLN H 3 14.21 -43.60 9.82
N ARG H 4 15.20 -44.34 10.32
CA ARG H 4 15.03 -45.67 10.93
C ARG H 4 15.59 -45.59 12.35
N THR H 5 14.81 -46.01 13.33
CA THR H 5 15.19 -46.03 14.75
C THR H 5 16.12 -47.22 14.99
N PRO H 6 17.15 -47.09 15.85
CA PRO H 6 18.07 -48.19 16.12
C PRO H 6 17.45 -49.36 16.88
N LYS H 7 17.87 -50.55 16.50
CA LYS H 7 17.75 -51.77 17.32
C LYS H 7 19.01 -51.84 18.16
N ILE H 8 18.85 -52.24 19.42
CA ILE H 8 19.94 -52.24 20.43
C ILE H 8 20.01 -53.64 21.05
N GLN H 9 21.19 -54.25 21.06
CA GLN H 9 21.48 -55.45 21.88
C GLN H 9 22.68 -55.19 22.81
N VAL H 10 22.52 -55.60 24.07
CA VAL H 10 23.58 -55.49 25.10
C VAL H 10 23.93 -56.90 25.60
N TYR H 11 25.20 -57.28 25.54
CA TYR H 11 25.61 -58.68 25.75
C TYR H 11 27.11 -58.77 25.95
N SER H 12 27.59 -59.87 26.48
CA SER H 12 29.03 -60.11 26.72
C SER H 12 29.59 -60.96 25.59
N ARG H 13 30.87 -60.80 25.30
CA ARG H 13 31.54 -61.56 24.22
C ARG H 13 31.54 -63.05 24.60
N HIS H 14 31.83 -63.34 25.87
CA HIS H 14 31.88 -64.69 26.46
C HIS H 14 30.79 -64.79 27.50
N PRO H 15 30.35 -66.03 27.84
CA PRO H 15 29.44 -66.24 28.96
C PRO H 15 30.04 -65.56 30.18
N ALA H 16 29.25 -64.79 30.93
CA ALA H 16 29.71 -64.00 32.09
C ALA H 16 30.04 -64.94 33.25
N GLU H 17 31.21 -64.76 33.86
CA GLU H 17 31.52 -65.29 35.21
C GLU H 17 32.13 -64.18 36.06
N ASN H 18 31.63 -64.11 37.28
CA ASN H 18 32.04 -63.11 38.30
C ASN H 18 33.56 -63.17 38.42
N GLY H 19 34.21 -62.01 38.44
CA GLY H 19 35.66 -61.87 38.70
C GLY H 19 36.53 -62.25 37.51
N LYS H 20 35.95 -62.62 36.37
CA LYS H 20 36.71 -63.02 35.14
C LYS H 20 36.58 -61.95 34.04
N SER H 21 37.72 -61.50 33.52
CA SER H 21 37.86 -60.54 32.40
C SER H 21 37.03 -60.95 31.19
N ASN H 22 36.35 -60.00 30.56
CA ASN H 22 35.34 -60.22 29.49
C ASN H 22 35.18 -58.90 28.71
N PHE H 23 34.31 -58.89 27.70
CA PHE H 23 33.91 -57.67 26.95
C PHE H 23 32.42 -57.49 27.00
N LEU H 24 32.00 -56.28 27.29
CA LEU H 24 30.59 -55.87 27.21
C LEU H 24 30.41 -55.17 25.87
N ASN H 25 29.43 -55.63 25.10
CA ASN H 25 29.06 -55.12 23.76
C ASN H 25 27.70 -54.45 23.78
N CYS H 26 27.62 -53.33 23.09
CA CYS H 26 26.38 -52.67 22.68
C CYS H 26 26.37 -52.59 21.17
N TYR H 27 25.52 -53.42 20.54
CA TYR H 27 25.35 -53.50 19.07
C TYR H 27 24.10 -52.70 18.68
N VAL H 28 24.32 -51.65 17.90
CA VAL H 28 23.27 -50.72 17.40
C VAL H 28 23.14 -50.89 15.89
N SER H 29 21.97 -51.27 15.41
CA SER H 29 21.79 -51.59 13.97
C SER H 29 20.46 -51.07 13.48
N GLY H 30 20.30 -51.08 12.16
CA GLY H 30 19.01 -50.78 11.52
C GLY H 30 18.75 -49.27 11.51
N PHE H 31 19.71 -48.39 11.77
CA PHE H 31 19.37 -46.95 11.97
C PHE H 31 19.73 -46.08 10.77
N HIS H 32 19.04 -44.96 10.62
CA HIS H 32 19.35 -43.94 9.62
C HIS H 32 18.73 -42.62 10.05
N PRO H 33 19.40 -41.46 9.94
CA PRO H 33 20.76 -41.34 9.41
C PRO H 33 21.82 -41.76 10.44
N SER H 34 23.10 -41.48 10.17
CA SER H 34 24.26 -42.17 10.79
C SER H 34 24.65 -41.56 12.13
N ASP H 35 24.29 -40.31 12.36
CA ASP H 35 24.61 -39.55 13.59
C ASP H 35 23.91 -40.26 14.78
N ILE H 36 24.67 -40.85 15.68
CA ILE H 36 24.11 -41.58 16.85
C ILE H 36 25.05 -41.41 18.05
N GLU H 37 24.50 -41.40 19.25
CA GLU H 37 25.27 -41.30 20.51
C GLU H 37 25.07 -42.60 21.30
N VAL H 38 26.17 -43.26 21.60
CA VAL H 38 26.17 -44.54 22.35
C VAL H 38 27.14 -44.43 23.53
N ASP H 39 26.66 -44.77 24.73
CA ASP H 39 27.42 -44.80 26.00
C ASP H 39 27.15 -46.13 26.71
N LEU H 40 28.20 -46.81 27.16
CA LEU H 40 28.05 -47.94 28.10
C LEU H 40 28.08 -47.36 29.52
N LEU H 41 27.18 -47.83 30.38
CA LEU H 41 27.00 -47.34 31.77
C LEU H 41 27.34 -48.46 32.74
N LYS H 42 28.03 -48.11 33.81
CA LYS H 42 28.22 -48.96 35.00
C LYS H 42 27.50 -48.26 36.14
N ASN H 43 26.42 -48.87 36.64
CA ASN H 43 25.59 -48.33 37.73
C ASN H 43 25.16 -46.90 37.38
N GLY H 44 24.77 -46.63 36.12
CA GLY H 44 24.28 -45.28 35.75
C GLY H 44 25.40 -44.31 35.34
N GLU H 45 26.69 -44.62 35.55
CA GLU H 45 27.80 -43.71 35.16
C GLU H 45 28.49 -44.17 33.88
N ARG H 46 28.79 -43.22 32.99
CA ARG H 46 29.38 -43.54 31.66
C ARG H 46 30.80 -44.08 31.88
N ILE H 47 31.11 -45.17 31.18
CA ILE H 47 32.45 -45.78 31.07
C ILE H 47 33.23 -45.04 29.97
N GLU H 48 34.44 -44.56 30.26
CA GLU H 48 35.24 -43.75 29.30
C GLU H 48 35.89 -44.65 28.24
N LYS H 49 36.45 -45.78 28.69
CA LYS H 49 37.38 -46.66 27.93
C LYS H 49 36.55 -47.57 27.01
N VAL H 50 35.80 -46.99 26.09
CA VAL H 50 34.87 -47.70 25.17
C VAL H 50 35.39 -47.54 23.75
N GLU H 51 35.49 -48.63 23.00
CA GLU H 51 35.94 -48.62 21.60
C GLU H 51 34.70 -48.81 20.72
N HIS H 52 34.81 -48.47 19.44
CA HIS H 52 33.70 -48.75 18.49
C HIS H 52 34.27 -49.16 17.15
N SER H 53 33.49 -49.97 16.43
CA SER H 53 33.73 -50.38 15.02
C SER H 53 33.64 -49.18 14.07
N ASP H 54 34.16 -49.37 12.84
CA ASP H 54 33.99 -48.44 11.72
C ASP H 54 32.55 -48.57 11.17
N LEU H 55 31.91 -47.42 10.93
CA LEU H 55 30.52 -47.29 10.46
C LEU H 55 30.37 -48.05 9.15
N SER H 56 29.43 -48.97 9.12
CA SER H 56 29.09 -49.73 7.90
C SER H 56 27.56 -49.85 7.80
N PHE H 57 27.08 -50.47 6.75
CA PHE H 57 25.63 -50.56 6.48
C PHE H 57 25.31 -51.87 5.77
N SER H 58 24.03 -52.18 5.81
CA SER H 58 23.41 -53.42 5.33
C SER H 58 22.81 -53.13 3.96
N LYS H 59 22.28 -54.18 3.38
CA LYS H 59 21.64 -54.22 2.05
C LYS H 59 20.44 -53.25 1.98
N ASP H 60 19.76 -52.92 3.09
CA ASP H 60 18.65 -51.93 3.13
C ASP H 60 19.20 -50.51 3.34
N TRP H 61 20.52 -50.36 3.37
CA TRP H 61 21.25 -49.07 3.56
C TRP H 61 21.22 -48.61 5.03
N SER H 62 20.57 -49.28 5.96
CA SER H 62 20.70 -48.88 7.38
C SER H 62 22.10 -49.20 7.94
N PHE H 63 22.56 -48.37 8.85
CA PHE H 63 23.91 -48.41 9.48
C PHE H 63 23.90 -49.35 10.67
N TYR H 64 25.09 -49.86 11.00
CA TYR H 64 25.29 -50.57 12.28
C TYR H 64 26.68 -50.25 12.84
N LEU H 65 26.78 -50.29 14.16
CA LEU H 65 28.02 -50.06 14.96
C LEU H 65 28.08 -51.01 16.14
N LEU H 66 29.29 -51.42 16.51
CA LEU H 66 29.58 -52.13 17.79
C LEU H 66 30.39 -51.21 18.70
N TYR H 67 29.87 -50.90 19.88
CA TYR H 67 30.62 -50.31 21.01
C TYR H 67 30.93 -51.44 21.99
N TYR H 68 32.12 -51.43 22.55
CA TYR H 68 32.60 -52.53 23.43
C TYR H 68 33.62 -51.97 24.41
N THR H 69 33.63 -52.57 25.60
CA THR H 69 34.52 -52.24 26.73
C THR H 69 34.99 -53.52 27.40
N GLU H 70 36.26 -53.56 27.79
CA GLU H 70 36.82 -54.66 28.59
C GLU H 70 36.30 -54.47 30.01
N PHE H 71 35.82 -55.51 30.64
CA PHE H 71 35.27 -55.41 32.01
C PHE H 71 35.35 -56.75 32.73
N THR H 72 35.18 -56.69 34.05
CA THR H 72 35.05 -57.85 34.95
C THR H 72 33.70 -57.79 35.64
N PRO H 73 32.76 -58.71 35.34
CA PRO H 73 31.49 -58.73 36.03
C PRO H 73 31.70 -59.10 37.51
N THR H 74 31.01 -58.39 38.41
CA THR H 74 30.89 -58.71 39.85
C THR H 74 29.40 -58.87 40.17
N GLU H 75 29.03 -59.49 41.31
CA GLU H 75 27.61 -59.85 41.62
C GLU H 75 26.78 -58.54 41.73
N LYS H 76 27.39 -57.44 42.18
CA LYS H 76 26.72 -56.14 42.51
C LYS H 76 26.44 -55.30 41.24
N ASP H 77 27.39 -55.23 40.31
CA ASP H 77 27.44 -54.19 39.24
C ASP H 77 26.33 -54.38 38.19
N GLU H 78 25.64 -53.28 37.87
CA GLU H 78 24.65 -53.20 36.77
C GLU H 78 25.31 -52.47 35.60
N TYR H 79 25.15 -53.02 34.41
CA TYR H 79 25.62 -52.40 33.16
C TYR H 79 24.39 -52.13 32.29
N ALA H 80 24.48 -51.09 31.47
CA ALA H 80 23.46 -50.69 30.49
C ALA H 80 24.14 -50.01 29.32
N CYS H 81 23.40 -49.91 28.23
CA CYS H 81 23.71 -49.12 27.02
C CYS H 81 22.75 -47.93 26.99
N ARG H 82 23.24 -46.69 26.88
CA ARG H 82 22.41 -45.48 26.62
C ARG H 82 22.60 -45.06 25.15
N VAL H 83 21.49 -44.92 24.41
CA VAL H 83 21.50 -44.58 22.96
C VAL H 83 20.67 -43.31 22.72
N ASN H 84 21.23 -42.35 21.98
CA ASN H 84 20.43 -41.20 21.48
C ASN H 84 20.53 -41.14 19.95
N HIS H 85 19.46 -40.73 19.28
CA HIS H 85 19.36 -40.64 17.81
C HIS H 85 18.21 -39.69 17.52
N VAL H 86 18.12 -39.11 16.33
CA VAL H 86 17.06 -38.12 15.99
C VAL H 86 15.68 -38.77 16.11
N THR H 87 15.58 -40.10 15.98
CA THR H 87 14.30 -40.82 16.07
C THR H 87 13.89 -40.99 17.54
N LEU H 88 14.77 -40.74 18.51
CA LEU H 88 14.50 -40.96 19.95
C LEU H 88 14.28 -39.60 20.65
N SER H 89 13.10 -39.41 21.23
CA SER H 89 12.69 -38.17 21.93
C SER H 89 13.52 -38.02 23.22
N GLN H 90 14.08 -39.10 23.72
CA GLN H 90 15.10 -39.05 24.79
C GLN H 90 15.92 -40.33 24.78
N PRO H 91 17.09 -40.35 25.43
CA PRO H 91 17.95 -41.52 25.45
C PRO H 91 17.16 -42.79 25.84
N LYS H 92 17.38 -43.87 25.11
CA LYS H 92 16.87 -45.22 25.45
C LYS H 92 17.98 -45.94 26.23
N ILE H 93 17.67 -46.42 27.41
CA ILE H 93 18.62 -47.24 28.21
C ILE H 93 18.22 -48.71 28.09
N VAL H 94 19.18 -49.57 27.76
CA VAL H 94 18.95 -51.03 27.66
C VAL H 94 19.90 -51.73 28.62
N LYS H 95 19.36 -52.47 29.58
CA LYS H 95 20.11 -53.12 30.65
C LYS H 95 20.81 -54.37 30.09
N TRP H 96 21.99 -54.66 30.59
CA TRP H 96 22.64 -55.96 30.37
C TRP H 96 21.91 -57.01 31.23
N ASP H 97 21.18 -57.93 30.62
CA ASP H 97 20.72 -59.17 31.28
C ASP H 97 21.78 -60.25 31.04
N ARG H 98 22.43 -60.70 32.10
CA ARG H 98 23.51 -61.73 32.05
C ARG H 98 23.02 -63.01 31.36
N ASP H 99 21.82 -63.46 31.69
CA ASP H 99 21.29 -64.76 31.20
C ASP H 99 20.60 -64.56 29.85
N MET H 100 20.12 -63.34 29.57
CA MET H 100 19.74 -62.83 28.22
C MET H 100 18.32 -63.22 27.79
N LEU I 1 41.46 -54.48 -3.55
CA LEU I 1 41.99 -53.36 -4.44
C LEU I 1 40.78 -52.51 -4.86
N LEU I 2 40.87 -51.20 -4.64
CA LEU I 2 39.75 -50.29 -4.97
C LEU I 2 39.65 -50.10 -6.48
N TRP I 3 38.45 -49.81 -6.93
CA TRP I 3 38.13 -49.35 -8.30
C TRP I 3 38.86 -48.03 -8.51
N ASN I 4 39.36 -47.79 -9.71
CA ASN I 4 40.16 -46.59 -10.01
C ASN I 4 39.25 -45.51 -10.62
N GLY I 5 38.12 -45.92 -11.21
CA GLY I 5 37.36 -45.10 -12.17
C GLY I 5 35.98 -44.59 -11.72
N PRO I 6 35.67 -44.33 -10.42
CA PRO I 6 34.35 -43.77 -10.10
C PRO I 6 34.17 -42.36 -10.71
N MET I 7 32.93 -41.97 -10.96
CA MET I 7 32.53 -40.74 -11.68
C MET I 7 31.39 -40.02 -10.93
N GLN I 8 31.38 -38.69 -11.03
CA GLN I 8 30.35 -37.81 -10.42
C GLN I 8 28.96 -38.18 -10.92
N VAL I 9 27.98 -38.05 -10.05
CA VAL I 9 26.52 -38.10 -10.37
C VAL I 9 26.12 -36.85 -11.19
N GLY J 1 -16.13 -10.90 6.00
CA GLY J 1 -17.14 -11.56 6.89
C GLY J 1 -16.52 -12.71 7.67
N SER J 2 -16.84 -13.95 7.25
CA SER J 2 -16.54 -15.23 7.95
C SER J 2 -15.05 -15.54 7.86
N HIS J 3 -14.49 -16.15 8.91
CA HIS J 3 -13.08 -16.62 8.93
C HIS J 3 -13.01 -18.03 9.49
N SER J 4 -11.86 -18.68 9.28
CA SER J 4 -11.62 -20.08 9.64
C SER J 4 -10.14 -20.26 9.95
N MET J 5 -9.87 -21.15 10.89
CA MET J 5 -8.51 -21.71 11.12
C MET J 5 -8.61 -23.21 10.93
N ARG J 6 -7.74 -23.78 10.10
CA ARG J 6 -7.75 -25.23 9.82
C ARG J 6 -6.33 -25.75 9.89
N TYR J 7 -6.22 -26.94 10.48
CA TYR J 7 -4.99 -27.73 10.52
C TYR J 7 -5.22 -29.00 9.71
N PHE J 8 -4.29 -29.31 8.85
CA PHE J 8 -4.29 -30.50 7.97
C PHE J 8 -3.06 -31.33 8.31
N PHE J 9 -3.22 -32.64 8.45
CA PHE J 9 -2.16 -33.61 8.80
C PHE J 9 -2.26 -34.80 7.85
N THR J 10 -1.13 -35.17 7.22
CA THR J 10 -1.00 -36.39 6.44
C THR J 10 0.10 -37.25 7.06
N SER J 11 -0.09 -38.58 7.15
CA SER J 11 0.87 -39.62 7.59
C SER J 11 0.86 -40.71 6.54
N VAL J 12 2.03 -41.03 5.98
CA VAL J 12 2.17 -42.10 4.98
C VAL J 12 3.12 -43.14 5.55
N SER J 13 2.71 -44.41 5.62
CA SER J 13 3.62 -45.50 6.02
C SER J 13 4.65 -45.77 4.92
N ARG J 14 5.84 -46.18 5.32
CA ARG J 14 6.91 -46.54 4.38
C ARG J 14 7.31 -48.00 4.59
N PRO J 15 6.71 -48.96 3.84
CA PRO J 15 7.05 -50.38 4.00
C PRO J 15 8.55 -50.62 3.80
N GLY J 16 9.21 -51.10 4.85
CA GLY J 16 10.63 -51.49 4.85
C GLY J 16 11.56 -50.30 4.69
N ARG J 17 11.04 -49.09 4.95
CA ARG J 17 11.80 -47.81 4.78
C ARG J 17 11.64 -46.96 6.06
N GLY J 18 11.31 -47.56 7.20
CA GLY J 18 11.32 -46.94 8.53
C GLY J 18 10.14 -46.05 8.87
N GLU J 19 10.41 -44.93 9.53
CA GLU J 19 9.40 -44.03 10.14
C GLU J 19 8.48 -43.46 9.06
N PRO J 20 7.19 -43.34 9.37
CA PRO J 20 6.24 -42.76 8.42
C PRO J 20 6.50 -41.27 8.12
N ARG J 21 6.17 -40.87 6.92
CA ARG J 21 6.18 -39.45 6.51
C ARG J 21 5.10 -38.76 7.33
N PHE J 22 5.34 -37.55 7.79
CA PHE J 22 4.31 -36.76 8.49
C PHE J 22 4.45 -35.31 8.07
N ILE J 23 3.34 -34.68 7.70
CA ILE J 23 3.29 -33.26 7.23
C ILE J 23 2.08 -32.63 7.90
N ALA J 24 2.27 -31.52 8.58
CA ALA J 24 1.22 -30.72 9.21
C ALA J 24 1.31 -29.31 8.68
N VAL J 25 0.17 -28.72 8.39
CA VAL J 25 0.08 -27.35 7.86
C VAL J 25 -1.11 -26.66 8.48
N GLY J 26 -0.96 -25.37 8.76
CA GLY J 26 -2.02 -24.56 9.36
C GLY J 26 -2.38 -23.41 8.47
N TYR J 27 -3.67 -23.11 8.39
CA TYR J 27 -4.27 -22.10 7.51
C TYR J 27 -5.19 -21.19 8.32
N VAL J 28 -5.08 -19.89 8.09
CA VAL J 28 -6.15 -18.92 8.38
C VAL J 28 -6.74 -18.54 7.02
N ASP J 29 -8.03 -18.85 6.84
CA ASP J 29 -8.73 -18.73 5.54
C ASP J 29 -7.87 -19.47 4.51
N ASP J 30 -7.41 -18.82 3.44
CA ASP J 30 -6.60 -19.51 2.40
C ASP J 30 -5.11 -19.19 2.58
N THR J 31 -4.65 -18.74 3.74
CA THR J 31 -3.22 -18.32 3.97
C THR J 31 -2.55 -19.32 4.94
N GLN J 32 -1.55 -20.04 4.45
CA GLN J 32 -0.73 -20.98 5.28
C GLN J 32 0.09 -20.13 6.25
N PHE J 33 0.07 -20.45 7.56
CA PHE J 33 0.88 -19.67 8.53
C PHE J 33 1.92 -20.56 9.24
N VAL J 34 1.77 -21.87 9.29
CA VAL J 34 2.79 -22.74 9.93
C VAL J 34 2.88 -24.05 9.17
N ARG J 35 3.98 -24.76 9.37
CA ARG J 35 4.10 -26.14 8.86
C ARG J 35 5.09 -26.93 9.70
N PHE J 36 4.96 -28.25 9.60
CA PHE J 36 5.94 -29.22 10.10
C PHE J 36 6.08 -30.28 9.04
N ASP J 37 7.30 -30.63 8.65
CA ASP J 37 7.55 -31.74 7.72
C ASP J 37 8.62 -32.62 8.34
N SER J 38 8.32 -33.90 8.58
CA SER J 38 9.28 -34.93 9.08
C SER J 38 10.54 -34.96 8.21
N ASP J 39 10.45 -34.69 6.91
CA ASP J 39 11.60 -34.72 5.96
C ASP J 39 12.50 -33.47 6.10
N ALA J 40 12.07 -32.40 6.75
CA ALA J 40 12.82 -31.13 6.88
C ALA J 40 13.89 -31.21 7.99
N ALA J 41 14.85 -30.28 7.96
CA ALA J 41 16.06 -30.26 8.82
C ALA J 41 15.71 -29.88 10.26
N SER J 42 14.82 -28.90 10.45
CA SER J 42 14.56 -28.22 11.77
C SER J 42 13.97 -29.19 12.80
N GLN J 43 13.08 -30.10 12.38
CA GLN J 43 12.22 -30.90 13.32
C GLN J 43 11.54 -29.94 14.30
N ARG J 44 11.09 -28.78 13.82
CA ARG J 44 10.30 -27.79 14.59
C ARG J 44 9.09 -27.36 13.77
N MET J 45 8.02 -26.95 14.44
CA MET J 45 6.99 -26.12 13.79
C MET J 45 7.69 -24.85 13.28
N GLU J 46 7.57 -24.58 11.98
N GLU J 46 7.60 -24.54 11.99
CA GLU J 46 8.19 -23.42 11.29
CA GLU J 46 8.24 -23.34 11.43
C GLU J 46 7.12 -22.41 10.88
C GLU J 46 7.16 -22.41 10.88
N PRO J 47 7.41 -21.08 10.94
CA PRO J 47 6.50 -20.05 10.43
C PRO J 47 6.46 -19.96 8.90
N ARG J 48 5.31 -19.59 8.33
CA ARG J 48 5.14 -19.43 6.86
C ARG J 48 4.39 -18.14 6.53
N ALA J 49 4.06 -17.31 7.51
CA ALA J 49 3.50 -15.95 7.26
C ALA J 49 4.24 -14.94 8.14
N PRO J 50 4.41 -13.68 7.71
CA PRO J 50 5.18 -12.70 8.48
C PRO J 50 4.62 -12.43 9.90
N TRP J 51 3.29 -12.41 10.04
CA TRP J 51 2.60 -12.00 11.28
C TRP J 51 2.69 -13.07 12.38
N ILE J 52 3.03 -14.32 12.06
CA ILE J 52 3.19 -15.37 13.11
C ILE J 52 4.63 -15.34 13.65
N GLU J 53 5.59 -14.81 12.90
CA GLU J 53 7.03 -14.74 13.26
C GLU J 53 7.22 -13.97 14.59
N GLN J 54 6.31 -13.07 14.96
CA GLN J 54 6.44 -12.24 16.18
C GLN J 54 5.95 -13.00 17.42
N GLU J 55 5.40 -14.21 17.28
CA GLU J 55 5.11 -15.07 18.46
C GLU J 55 6.45 -15.50 19.05
N GLY J 56 6.54 -15.63 20.38
CA GLY J 56 7.81 -15.81 21.08
C GLY J 56 8.28 -17.27 21.13
N PRO J 57 9.45 -17.53 21.73
CA PRO J 57 9.98 -18.89 21.80
C PRO J 57 9.08 -19.89 22.55
N GLU J 58 8.23 -19.40 23.46
CA GLU J 58 7.23 -20.20 24.21
C GLU J 58 6.20 -20.80 23.23
N TYR J 59 5.63 -19.97 22.37
CA TYR J 59 4.71 -20.39 21.29
C TYR J 59 5.37 -21.50 20.48
N TRP J 60 6.60 -21.28 19.97
CA TRP J 60 7.27 -22.21 19.04
C TRP J 60 7.60 -23.53 19.75
N ASP J 61 8.14 -23.48 20.95
CA ASP J 61 8.41 -24.68 21.78
C ASP J 61 7.11 -25.46 22.01
N GLY J 62 5.98 -24.78 22.27
CA GLY J 62 4.66 -25.40 22.54
C GLY J 62 4.03 -26.04 21.28
N GLU J 63 4.11 -25.36 20.15
CA GLU J 63 3.57 -25.89 18.87
C GLU J 63 4.43 -27.08 18.45
N THR J 64 5.73 -27.00 18.65
CA THR J 64 6.66 -28.12 18.37
C THR J 64 6.27 -29.34 19.20
N ARG J 65 6.03 -29.16 20.51
CA ARG J 65 5.69 -30.28 21.39
C ARG J 65 4.40 -30.90 20.87
N LYS J 66 3.39 -30.07 20.58
CA LYS J 66 2.05 -30.58 20.24
C LYS J 66 2.04 -31.24 18.84
N VAL J 67 2.84 -30.71 17.90
CA VAL J 67 2.86 -31.29 16.53
C VAL J 67 3.54 -32.65 16.64
N LYS J 68 4.52 -32.81 17.54
CA LYS J 68 5.24 -34.10 17.66
C LYS J 68 4.35 -35.13 18.37
N ALA J 69 3.48 -34.68 19.26
CA ALA J 69 2.45 -35.56 19.88
C ALA J 69 1.47 -36.02 18.79
N HIS J 70 1.06 -35.15 17.88
CA HIS J 70 0.27 -35.52 16.68
C HIS J 70 1.01 -36.57 15.85
N SER J 71 2.29 -36.37 15.58
CA SER J 71 3.14 -37.30 14.81
C SER J 71 3.16 -38.69 15.47
N GLN J 72 3.36 -38.72 16.80
CA GLN J 72 3.39 -39.98 17.56
C GLN J 72 2.01 -40.65 17.52
N THR J 73 0.94 -39.89 17.61
CA THR J 73 -0.43 -40.48 17.56
C THR J 73 -0.64 -41.13 16.18
N HIS J 74 -0.26 -40.44 15.11
CA HIS J 74 -0.43 -40.96 13.74
C HIS J 74 0.47 -42.18 13.53
N ARG J 75 1.61 -42.18 14.18
CA ARG J 75 2.56 -43.29 14.05
C ARG J 75 1.90 -44.56 14.57
N VAL J 76 1.34 -44.52 15.78
CA VAL J 76 0.62 -45.65 16.40
C VAL J 76 -0.62 -45.99 15.55
N ASP J 77 -1.35 -44.99 15.11
CA ASP J 77 -2.62 -45.17 14.35
C ASP J 77 -2.40 -46.01 13.06
N LEU J 78 -1.36 -45.73 12.27
CA LEU J 78 -1.06 -46.50 11.03
C LEU J 78 -0.88 -47.99 11.39
N GLY J 79 -0.20 -48.26 12.50
CA GLY J 79 -0.03 -49.66 12.97
C GLY J 79 -1.37 -50.23 13.41
N THR J 80 -2.18 -49.43 14.11
CA THR J 80 -3.48 -49.92 14.65
C THR J 80 -4.39 -50.23 13.47
N LEU J 81 -4.41 -49.38 12.46
CA LEU J 81 -5.41 -49.52 11.34
C LEU J 81 -4.98 -50.68 10.45
N ARG J 82 -3.70 -50.90 10.24
CA ARG J 82 -3.21 -52.08 9.49
C ARG J 82 -3.71 -53.35 10.21
N GLY J 83 -3.65 -53.38 11.54
CA GLY J 83 -4.27 -54.39 12.40
C GLY J 83 -5.76 -54.56 12.15
N TYR J 84 -6.51 -53.44 12.21
CA TYR J 84 -7.98 -53.44 12.10
C TYR J 84 -8.39 -54.04 10.78
N TYR J 85 -7.65 -53.76 9.69
CA TYR J 85 -8.07 -54.21 8.35
C TYR J 85 -7.28 -55.45 7.96
N ASN J 86 -6.49 -56.00 8.91
CA ASN J 86 -5.54 -57.11 8.64
C ASN J 86 -4.84 -56.89 7.29
N GLN J 87 -4.32 -55.69 7.01
CA GLN J 87 -3.61 -55.43 5.74
C GLN J 87 -2.16 -55.94 5.83
N SER J 88 -1.55 -56.24 4.70
CA SER J 88 -0.15 -56.69 4.64
C SER J 88 0.79 -55.52 5.01
N GLU J 89 1.97 -55.87 5.54
CA GLU J 89 3.07 -54.94 5.90
C GLU J 89 3.78 -54.45 4.62
N ALA J 90 3.41 -54.98 3.46
CA ALA J 90 4.08 -54.71 2.16
C ALA J 90 3.64 -53.38 1.55
N GLY J 91 2.44 -52.87 1.87
CA GLY J 91 1.81 -51.73 1.18
C GLY J 91 1.90 -50.46 1.99
N SER J 92 2.03 -49.31 1.33
CA SER J 92 1.92 -47.98 1.97
C SER J 92 0.44 -47.63 2.18
N HIS J 93 0.10 -47.06 3.34
CA HIS J 93 -1.25 -46.55 3.69
C HIS J 93 -1.13 -45.10 4.14
N THR J 94 -2.25 -44.38 4.13
CA THR J 94 -2.34 -42.92 4.38
C THR J 94 -3.35 -42.68 5.45
N VAL J 95 -2.99 -41.91 6.47
CA VAL J 95 -3.96 -41.27 7.37
C VAL J 95 -4.01 -39.77 7.11
N GLN J 96 -5.20 -39.18 7.06
CA GLN J 96 -5.40 -37.71 6.91
C GLN J 96 -6.31 -37.22 8.02
N ARG J 97 -5.96 -36.08 8.61
CA ARG J 97 -6.77 -35.48 9.70
C ARG J 97 -6.92 -34.00 9.40
N MET J 98 -8.09 -33.45 9.63
CA MET J 98 -8.40 -32.03 9.46
C MET J 98 -9.30 -31.62 10.62
N TYR J 99 -8.91 -30.54 11.29
CA TYR J 99 -9.81 -29.95 12.30
C TYR J 99 -9.68 -28.44 12.26
N GLY J 100 -10.67 -27.79 12.83
CA GLY J 100 -10.72 -26.33 12.78
C GLY J 100 -12.06 -25.81 13.14
N CYS J 101 -12.16 -24.49 13.07
CA CYS J 101 -13.27 -23.69 13.62
C CYS J 101 -13.55 -22.56 12.64
N ASP J 102 -14.82 -22.25 12.47
CA ASP J 102 -15.33 -21.08 11.70
C ASP J 102 -15.87 -20.07 12.71
N VAL J 103 -15.59 -18.79 12.49
CA VAL J 103 -16.29 -17.65 13.15
C VAL J 103 -17.03 -16.83 12.07
N GLY J 104 -18.11 -16.16 12.46
CA GLY J 104 -18.90 -15.25 11.60
C GLY J 104 -18.28 -13.87 11.56
N SER J 105 -18.99 -12.92 10.96
CA SER J 105 -18.51 -11.53 10.75
C SER J 105 -18.37 -10.85 12.12
N ASP J 106 -19.06 -11.35 13.15
CA ASP J 106 -18.90 -10.87 14.55
C ASP J 106 -17.69 -11.55 15.23
N TRP J 107 -16.93 -12.38 14.52
CA TRP J 107 -15.78 -13.14 15.09
C TRP J 107 -16.23 -14.02 16.26
N ARG J 108 -17.49 -14.44 16.27
CA ARG J 108 -18.04 -15.38 17.26
C ARG J 108 -18.12 -16.77 16.60
N PHE J 109 -17.89 -17.80 17.42
CA PHE J 109 -17.86 -19.23 17.03
C PHE J 109 -19.12 -19.54 16.23
N LEU J 110 -18.94 -20.03 15.00
CA LEU J 110 -20.03 -20.44 14.07
C LEU J 110 -20.08 -21.98 14.01
N ARG J 111 -18.95 -22.66 13.78
CA ARG J 111 -18.89 -24.15 13.77
C ARG J 111 -17.44 -24.65 13.95
N GLY J 112 -17.32 -25.90 14.38
CA GLY J 112 -16.06 -26.64 14.51
C GLY J 112 -16.16 -27.99 13.84
N TYR J 113 -15.04 -28.57 13.42
CA TYR J 113 -15.06 -29.87 12.71
C TYR J 113 -13.76 -30.62 13.01
N HIS J 114 -13.86 -31.93 12.94
CA HIS J 114 -12.74 -32.88 13.04
C HIS J 114 -13.11 -34.10 12.20
N GLN J 115 -12.37 -34.29 11.12
CA GLN J 115 -12.51 -35.40 10.15
C GLN J 115 -11.20 -36.17 10.14
N TYR J 116 -11.30 -37.47 9.95
CA TYR J 116 -10.17 -38.42 9.87
C TYR J 116 -10.48 -39.42 8.75
N ALA J 117 -9.52 -39.60 7.84
CA ALA J 117 -9.60 -40.51 6.68
C ALA J 117 -8.46 -41.53 6.75
N TYR J 118 -8.74 -42.77 6.37
CA TYR J 118 -7.77 -43.86 6.12
C TYR J 118 -7.85 -44.20 4.63
N ASP J 119 -6.70 -44.07 3.93
CA ASP J 119 -6.52 -44.41 2.48
C ASP J 119 -7.54 -43.61 1.64
N GLY J 120 -7.73 -42.33 1.97
CA GLY J 120 -8.53 -41.41 1.16
C GLY J 120 -10.03 -41.53 1.31
N LYS J 121 -10.54 -42.20 2.35
CA LYS J 121 -12.00 -42.35 2.65
C LYS J 121 -12.30 -41.98 4.10
N ASP J 122 -13.47 -41.41 4.35
CA ASP J 122 -13.99 -41.17 5.70
C ASP J 122 -13.72 -42.39 6.57
N TYR J 123 -13.16 -42.17 7.77
CA TYR J 123 -13.04 -43.20 8.82
C TYR J 123 -13.96 -42.80 9.99
N ILE J 124 -13.74 -41.64 10.59
CA ILE J 124 -14.59 -41.17 11.71
C ILE J 124 -14.65 -39.64 11.65
N ALA J 125 -15.83 -39.08 11.90
CA ALA J 125 -16.00 -37.60 11.91
C ALA J 125 -16.75 -37.20 13.17
N LEU J 126 -16.39 -36.04 13.72
CA LEU J 126 -17.19 -35.36 14.77
C LEU J 126 -18.46 -34.82 14.11
N LYS J 127 -19.63 -35.12 14.68
CA LYS J 127 -20.93 -34.58 14.23
C LYS J 127 -21.00 -33.09 14.56
N GLU J 128 -21.87 -32.36 13.87
CA GLU J 128 -22.08 -30.89 14.00
C GLU J 128 -22.24 -30.48 15.47
N ASP J 129 -22.98 -31.24 16.27
CA ASP J 129 -23.25 -30.91 17.71
C ASP J 129 -21.96 -31.02 18.53
N LEU J 130 -20.86 -31.53 17.98
CA LEU J 130 -19.57 -31.67 18.67
C LEU J 130 -19.72 -32.55 19.93
N ARG J 131 -20.73 -33.42 19.98
CA ARG J 131 -21.00 -34.27 21.17
C ARG J 131 -20.83 -35.76 20.82
N SER J 132 -20.75 -36.12 19.53
CA SER J 132 -20.69 -37.54 19.12
C SER J 132 -20.03 -37.68 17.73
N TRP J 133 -19.84 -38.95 17.34
CA TRP J 133 -19.04 -39.41 16.18
C TRP J 133 -19.94 -40.15 15.20
N THR J 134 -19.57 -40.09 13.92
CA THR J 134 -20.08 -40.92 12.82
C THR J 134 -18.89 -41.75 12.34
N ALA J 135 -19.05 -43.07 12.42
CA ALA J 135 -18.02 -44.07 12.10
C ALA J 135 -18.40 -44.70 10.78
N ALA J 136 -17.50 -44.74 9.79
CA ALA J 136 -17.82 -45.12 8.40
C ALA J 136 -18.16 -46.62 8.30
N ASP J 137 -17.56 -47.46 9.14
CA ASP J 137 -17.61 -48.94 8.99
C ASP J 137 -17.43 -49.62 10.35
N MET J 138 -17.35 -50.95 10.34
CA MET J 138 -17.30 -51.80 11.56
C MET J 138 -16.00 -51.55 12.35
N ALA J 139 -14.87 -51.36 11.65
CA ALA J 139 -13.56 -51.09 12.27
C ALA J 139 -13.64 -49.73 12.98
N ALA J 140 -14.25 -48.72 12.38
CA ALA J 140 -14.30 -47.37 12.95
C ALA J 140 -15.19 -47.36 14.19
N GLN J 141 -16.11 -48.32 14.34
CA GLN J 141 -16.97 -48.39 15.55
C GLN J 141 -16.10 -48.75 16.75
N THR J 142 -15.03 -49.52 16.52
CA THR J 142 -14.06 -49.82 17.62
C THR J 142 -13.45 -48.50 18.12
N THR J 143 -13.01 -47.65 17.23
CA THR J 143 -12.43 -46.34 17.58
C THR J 143 -13.48 -45.49 18.28
N LYS J 144 -14.69 -45.48 17.73
CA LYS J 144 -15.81 -44.68 18.25
C LYS J 144 -16.05 -45.03 19.73
N HIS J 145 -16.04 -46.32 20.07
CA HIS J 145 -16.23 -46.80 21.47
C HIS J 145 -15.06 -46.35 22.36
N LYS J 146 -13.82 -46.34 21.83
CA LYS J 146 -12.63 -45.92 22.61
C LYS J 146 -12.73 -44.42 22.89
N TRP J 147 -13.21 -43.66 21.91
CA TRP J 147 -13.32 -42.19 22.02
C TRP J 147 -14.48 -41.79 22.92
N GLU J 148 -15.52 -42.63 23.03
CA GLU J 148 -16.66 -42.41 23.95
C GLU J 148 -16.16 -42.67 25.37
N ALA J 149 -15.52 -43.80 25.60
CA ALA J 149 -14.94 -44.23 26.90
C ALA J 149 -13.99 -43.16 27.46
N ALA J 150 -13.21 -42.51 26.60
CA ALA J 150 -12.19 -41.51 26.97
C ALA J 150 -12.70 -40.08 26.84
N HIS J 151 -13.98 -39.87 26.50
CA HIS J 151 -14.61 -38.53 26.42
C HIS J 151 -13.75 -37.58 25.58
N VAL J 152 -13.26 -38.06 24.43
CA VAL J 152 -12.48 -37.23 23.48
C VAL J 152 -13.33 -36.04 23.03
N ALA J 153 -14.61 -36.25 22.74
CA ALA J 153 -15.48 -35.22 22.13
C ALA J 153 -15.51 -33.98 23.02
N GLU J 154 -15.64 -34.19 24.33
CA GLU J 154 -15.75 -33.10 25.31
C GLU J 154 -14.46 -32.27 25.29
N GLN J 155 -13.29 -32.90 25.34
CA GLN J 155 -11.99 -32.15 25.35
C GLN J 155 -11.73 -31.56 23.94
N LEU J 156 -12.16 -32.25 22.86
CA LEU J 156 -12.03 -31.67 21.49
C LEU J 156 -12.97 -30.45 21.37
N ARG J 157 -14.18 -30.53 21.92
CA ARG J 157 -15.18 -29.42 21.82
C ARG J 157 -14.69 -28.20 22.59
N ALA J 158 -14.03 -28.37 23.75
CA ALA J 158 -13.46 -27.26 24.56
C ALA J 158 -12.42 -26.50 23.73
N TYR J 159 -11.57 -27.23 23.02
CA TYR J 159 -10.62 -26.64 22.03
C TYR J 159 -11.37 -25.90 20.89
N LEU J 160 -12.30 -26.54 20.18
CA LEU J 160 -12.93 -25.94 18.96
C LEU J 160 -13.76 -24.68 19.31
N GLU J 161 -14.41 -24.65 20.47
CA GLU J 161 -15.32 -23.54 20.92
C GLU J 161 -14.53 -22.51 21.74
N GLY J 162 -13.39 -22.90 22.35
CA GLY J 162 -12.58 -21.99 23.17
C GLY J 162 -11.30 -21.60 22.48
N THR J 163 -10.22 -22.33 22.77
CA THR J 163 -8.85 -22.01 22.33
C THR J 163 -8.86 -21.65 20.84
N CYS J 164 -9.50 -22.47 20.01
CA CYS J 164 -9.42 -22.33 18.52
C CYS J 164 -9.88 -20.92 18.14
N VAL J 165 -11.05 -20.49 18.60
CA VAL J 165 -11.66 -19.17 18.20
C VAL J 165 -10.87 -18.03 18.83
N GLU J 166 -10.32 -18.24 20.03
CA GLU J 166 -9.55 -17.19 20.73
C GLU J 166 -8.25 -16.91 19.95
N TRP J 167 -7.51 -17.95 19.55
CA TRP J 167 -6.24 -17.74 18.81
C TRP J 167 -6.52 -17.30 17.38
N LEU J 168 -7.63 -17.72 16.77
CA LEU J 168 -8.03 -17.20 15.44
C LEU J 168 -8.19 -15.67 15.52
N ARG J 169 -8.89 -15.18 16.53
CA ARG J 169 -9.08 -13.73 16.77
C ARG J 169 -7.72 -13.06 16.94
N ARG J 170 -6.83 -13.67 17.73
CA ARG J 170 -5.51 -13.07 18.01
C ARG J 170 -4.79 -12.91 16.66
N TYR J 171 -4.80 -13.96 15.84
CA TYR J 171 -4.07 -13.99 14.54
C TYR J 171 -4.69 -12.98 13.55
N LEU J 172 -6.01 -12.87 13.55
CA LEU J 172 -6.74 -11.89 12.69
C LEU J 172 -6.30 -10.46 13.05
N GLU J 173 -6.17 -10.13 14.35
CA GLU J 173 -5.67 -8.80 14.81
C GLU J 173 -4.20 -8.66 14.42
N ASN J 174 -3.34 -9.63 14.71
CA ASN J 174 -1.88 -9.51 14.44
C ASN J 174 -1.64 -9.49 12.91
N GLY J 175 -2.50 -10.13 12.13
CA GLY J 175 -2.33 -10.25 10.66
C GLY J 175 -3.21 -9.29 9.87
N LYS J 176 -3.83 -8.30 10.52
CA LYS J 176 -4.88 -7.44 9.88
C LYS J 176 -4.39 -6.97 8.50
N GLU J 177 -3.14 -6.52 8.41
CA GLU J 177 -2.53 -5.92 7.18
C GLU J 177 -2.70 -6.87 5.98
N THR J 178 -2.93 -8.18 6.18
CA THR J 178 -2.98 -9.18 5.06
C THR J 178 -4.15 -10.17 5.20
N LEU J 179 -4.53 -10.57 6.41
CA LEU J 179 -5.59 -11.59 6.60
C LEU J 179 -6.98 -11.00 6.33
N GLN J 180 -7.20 -9.74 6.68
CA GLN J 180 -8.57 -9.15 6.63
C GLN J 180 -8.81 -8.57 5.22
N ARG J 181 -7.80 -8.51 4.35
CA ARG J 181 -7.95 -8.06 2.94
C ARG J 181 -8.96 -8.95 2.20
N THR J 182 -9.77 -8.36 1.33
CA THR J 182 -10.44 -9.09 0.22
C THR J 182 -9.96 -8.43 -1.06
N ASP J 183 -9.29 -9.19 -1.93
CA ASP J 183 -8.82 -8.68 -3.24
C ASP J 183 -9.86 -9.12 -4.28
N ALA J 184 -10.61 -8.15 -4.81
CA ALA J 184 -11.61 -8.39 -5.86
C ALA J 184 -10.86 -8.90 -7.09
N PRO J 185 -11.43 -9.85 -7.86
CA PRO J 185 -10.78 -10.24 -9.10
C PRO J 185 -10.63 -9.05 -10.07
N LYS J 186 -9.47 -8.95 -10.70
CA LYS J 186 -9.26 -8.18 -11.93
C LYS J 186 -9.75 -9.04 -13.11
N THR J 187 -10.72 -8.54 -13.86
CA THR J 187 -11.44 -9.34 -14.87
C THR J 187 -11.22 -8.72 -16.25
N HIS J 188 -11.24 -9.60 -17.24
CA HIS J 188 -11.22 -9.22 -18.68
C HIS J 188 -11.74 -10.40 -19.46
N MET J 189 -12.08 -10.12 -20.70
CA MET J 189 -12.63 -11.09 -21.64
C MET J 189 -11.71 -11.06 -22.87
N THR J 190 -11.34 -12.23 -23.37
CA THR J 190 -10.65 -12.39 -24.67
C THR J 190 -11.60 -13.04 -25.66
N HIS J 191 -11.36 -12.74 -26.93
CA HIS J 191 -12.12 -13.19 -28.10
C HIS J 191 -11.10 -13.69 -29.13
N HIS J 192 -11.25 -14.95 -29.54
CA HIS J 192 -10.43 -15.56 -30.60
C HIS J 192 -11.36 -16.27 -31.57
N ALA J 193 -11.51 -15.69 -32.76
CA ALA J 193 -12.05 -16.34 -33.98
C ALA J 193 -11.44 -17.73 -34.10
N VAL J 194 -12.28 -18.74 -34.32
CA VAL J 194 -11.87 -20.14 -34.59
C VAL J 194 -12.02 -20.43 -36.10
N SER J 195 -13.06 -19.88 -36.74
CA SER J 195 -13.40 -20.05 -38.15
C SER J 195 -14.26 -18.85 -38.57
N ASP J 196 -14.80 -18.86 -39.79
CA ASP J 196 -15.77 -17.84 -40.28
C ASP J 196 -17.07 -17.90 -39.48
N HIS J 197 -17.38 -19.02 -38.82
CA HIS J 197 -18.72 -19.21 -38.19
C HIS J 197 -18.66 -19.28 -36.65
N GLU J 198 -17.48 -19.48 -36.03
CA GLU J 198 -17.41 -19.68 -34.56
C GLU J 198 -16.28 -18.84 -33.96
N ALA J 199 -16.41 -18.56 -32.66
CA ALA J 199 -15.41 -17.81 -31.89
C ALA J 199 -15.46 -18.26 -30.43
N THR J 200 -14.32 -18.19 -29.75
CA THR J 200 -14.19 -18.50 -28.31
C THR J 200 -14.18 -17.20 -27.51
N LEU J 201 -15.09 -17.05 -26.55
CA LEU J 201 -14.99 -16.00 -25.51
C LEU J 201 -14.42 -16.63 -24.24
N ARG J 202 -13.41 -15.99 -23.64
CA ARG J 202 -12.82 -16.46 -22.38
C ARG J 202 -12.85 -15.32 -21.36
N CYS J 203 -13.49 -15.61 -20.24
CA CYS J 203 -13.60 -14.70 -19.08
C CYS J 203 -12.53 -15.06 -18.04
N TRP J 204 -11.67 -14.11 -17.69
CA TRP J 204 -10.53 -14.22 -16.75
C TRP J 204 -10.83 -13.49 -15.46
N ALA J 205 -10.55 -14.14 -14.35
CA ALA J 205 -10.46 -13.58 -12.99
C ALA J 205 -9.03 -13.80 -12.47
N LEU J 206 -8.32 -12.72 -12.21
CA LEU J 206 -6.93 -12.72 -11.71
C LEU J 206 -6.84 -11.97 -10.38
N SER J 207 -5.89 -12.39 -9.57
CA SER J 207 -5.33 -11.67 -8.38
C SER J 207 -6.41 -11.51 -7.31
N PHE J 208 -7.26 -12.50 -7.16
CA PHE J 208 -8.34 -12.48 -6.14
C PHE J 208 -7.92 -13.28 -4.91
N TYR J 209 -8.47 -12.84 -3.77
CA TYR J 209 -8.36 -13.50 -2.45
C TYR J 209 -9.63 -13.15 -1.69
N PRO J 210 -10.32 -14.10 -1.03
CA PRO J 210 -9.95 -15.52 -1.05
C PRO J 210 -10.27 -16.29 -2.33
N ALA J 211 -9.99 -17.59 -2.32
CA ALA J 211 -10.07 -18.52 -3.46
C ALA J 211 -11.50 -18.70 -3.95
N GLU J 212 -12.49 -18.62 -3.04
CA GLU J 212 -13.91 -18.84 -3.36
C GLU J 212 -14.37 -17.82 -4.42
N ILE J 213 -14.86 -18.30 -5.56
CA ILE J 213 -15.33 -17.47 -6.69
C ILE J 213 -16.32 -18.31 -7.49
N THR J 214 -17.28 -17.66 -8.15
CA THR J 214 -18.13 -18.28 -9.19
C THR J 214 -17.97 -17.49 -10.50
N LEU J 215 -17.63 -18.19 -11.58
CA LEU J 215 -17.58 -17.70 -12.98
C LEU J 215 -18.60 -18.48 -13.82
N THR J 216 -19.60 -17.82 -14.40
CA THR J 216 -20.67 -18.51 -15.14
C THR J 216 -21.01 -17.69 -16.38
N TRP J 217 -21.21 -18.39 -17.49
CA TRP J 217 -21.65 -17.82 -18.78
C TRP J 217 -23.17 -17.97 -18.88
N GLN J 218 -23.83 -16.90 -19.30
CA GLN J 218 -25.26 -16.91 -19.68
C GLN J 218 -25.37 -16.51 -21.15
N ARG J 219 -26.38 -17.08 -21.82
CA ARG J 219 -26.85 -16.69 -23.16
C ARG J 219 -28.28 -16.18 -23.00
N ASP J 220 -28.55 -14.93 -23.39
CA ASP J 220 -29.87 -14.26 -23.23
C ASP J 220 -30.36 -14.48 -21.79
N GLY J 221 -29.47 -14.29 -20.80
CA GLY J 221 -29.82 -14.32 -19.37
C GLY J 221 -30.07 -15.73 -18.85
N GLU J 222 -29.75 -16.77 -19.64
CA GLU J 222 -30.03 -18.18 -19.32
C GLU J 222 -28.72 -18.97 -19.21
N ASP J 223 -28.56 -19.79 -18.17
CA ASP J 223 -27.27 -20.45 -17.83
C ASP J 223 -26.80 -21.36 -18.96
N GLN J 224 -25.48 -21.52 -19.05
CA GLN J 224 -24.77 -22.20 -20.16
C GLN J 224 -23.77 -23.18 -19.57
N THR J 225 -23.99 -23.65 -18.33
CA THR J 225 -23.02 -24.44 -17.52
C THR J 225 -22.79 -25.82 -18.17
N GLN J 226 -23.62 -26.19 -19.15
CA GLN J 226 -23.49 -27.43 -19.96
C GLN J 226 -22.32 -27.30 -20.96
N ASP J 227 -22.10 -26.10 -21.55
CA ASP J 227 -21.15 -25.87 -22.68
C ASP J 227 -19.96 -25.00 -22.24
N THR J 228 -19.83 -24.70 -20.94
CA THR J 228 -18.71 -23.90 -20.42
C THR J 228 -17.52 -24.84 -20.17
N GLU J 229 -16.39 -24.54 -20.82
CA GLU J 229 -15.04 -25.02 -20.42
C GLU J 229 -14.55 -24.17 -19.24
N LEU J 230 -14.27 -24.81 -18.11
CA LEU J 230 -13.98 -24.22 -16.77
C LEU J 230 -12.67 -24.83 -16.26
N VAL J 231 -11.66 -24.03 -15.90
CA VAL J 231 -10.49 -24.59 -15.14
C VAL J 231 -10.75 -24.39 -13.66
N GLU J 232 -10.13 -25.25 -12.88
CA GLU J 232 -10.15 -25.25 -11.39
C GLU J 232 -9.36 -24.02 -10.94
N THR J 233 -9.85 -23.37 -9.89
CA THR J 233 -9.17 -22.22 -9.26
C THR J 233 -7.74 -22.66 -8.98
N ARG J 234 -6.77 -21.82 -9.30
CA ARG J 234 -5.34 -22.20 -9.17
C ARG J 234 -4.62 -21.08 -8.42
N PRO J 235 -3.58 -21.44 -7.63
CA PRO J 235 -2.76 -20.45 -6.95
C PRO J 235 -1.79 -19.76 -7.91
N ALA J 236 -1.67 -18.44 -7.79
CA ALA J 236 -0.72 -17.64 -8.57
C ALA J 236 0.68 -17.87 -8.01
N GLY J 237 0.76 -18.06 -6.71
CA GLY J 237 2.00 -18.33 -5.97
C GLY J 237 2.39 -17.16 -5.11
N ASP J 238 1.66 -16.04 -5.15
CA ASP J 238 1.94 -14.81 -4.38
C ASP J 238 0.85 -14.54 -3.33
N GLY J 239 -0.03 -15.52 -3.10
CA GLY J 239 -1.13 -15.40 -2.14
C GLY J 239 -2.44 -15.04 -2.81
N THR J 240 -2.50 -15.00 -4.14
CA THR J 240 -3.78 -14.75 -4.85
C THR J 240 -4.10 -15.94 -5.77
N PHE J 241 -5.28 -15.90 -6.40
CA PHE J 241 -5.86 -17.03 -7.14
C PHE J 241 -6.24 -16.53 -8.53
N GLN J 242 -6.35 -17.49 -9.45
CA GLN J 242 -6.69 -17.26 -10.88
C GLN J 242 -7.77 -18.25 -11.27
N LYS J 243 -8.60 -17.87 -12.22
CA LYS J 243 -9.58 -18.80 -12.85
C LYS J 243 -10.04 -18.22 -14.20
N TRP J 244 -10.38 -19.09 -15.15
CA TRP J 244 -11.04 -18.64 -16.39
C TRP J 244 -12.15 -19.61 -16.76
N ALA J 245 -13.07 -19.12 -17.59
CA ALA J 245 -14.23 -19.87 -18.12
C ALA J 245 -14.42 -19.46 -19.56
N ALA J 246 -14.63 -20.43 -20.46
CA ALA J 246 -14.71 -20.18 -21.90
C ALA J 246 -15.99 -20.79 -22.46
N VAL J 247 -16.47 -20.18 -23.52
CA VAL J 247 -17.67 -20.63 -24.27
C VAL J 247 -17.40 -20.39 -25.77
N VAL J 248 -17.81 -21.33 -26.63
CA VAL J 248 -17.61 -21.23 -28.12
C VAL J 248 -18.94 -20.71 -28.68
N VAL J 249 -18.91 -19.52 -29.29
CA VAL J 249 -20.16 -18.86 -29.72
C VAL J 249 -20.18 -18.75 -31.24
N PRO J 250 -21.37 -18.65 -31.85
CA PRO J 250 -21.50 -18.26 -33.25
C PRO J 250 -20.97 -16.83 -33.47
N SER J 251 -20.16 -16.63 -34.50
CA SER J 251 -19.70 -15.29 -34.94
C SER J 251 -20.92 -14.37 -35.17
N GLY J 252 -20.82 -13.13 -34.71
CA GLY J 252 -21.92 -12.15 -34.77
C GLY J 252 -22.84 -12.24 -33.56
N GLN J 253 -22.72 -13.23 -32.70
CA GLN J 253 -23.66 -13.39 -31.53
C GLN J 253 -22.93 -13.21 -30.19
N GLU J 254 -21.71 -12.69 -30.17
CA GLU J 254 -20.92 -12.44 -28.94
C GLU J 254 -21.73 -11.63 -27.92
N GLN J 255 -22.55 -10.66 -28.37
CA GLN J 255 -23.28 -9.76 -27.45
C GLN J 255 -24.46 -10.46 -26.77
N ARG J 256 -24.76 -11.71 -27.13
CA ARG J 256 -25.80 -12.48 -26.42
C ARG J 256 -25.27 -13.06 -25.12
N TYR J 257 -23.95 -13.18 -24.99
CA TYR J 257 -23.28 -13.90 -23.89
C TYR J 257 -22.79 -12.91 -22.84
N THR J 258 -23.03 -13.25 -21.58
CA THR J 258 -22.55 -12.49 -20.41
C THR J 258 -21.80 -13.43 -19.49
N CYS J 259 -20.69 -12.94 -18.95
CA CYS J 259 -19.89 -13.61 -17.92
C CYS J 259 -20.24 -13.03 -16.55
N HIS J 260 -20.68 -13.87 -15.61
CA HIS J 260 -21.11 -13.48 -14.24
C HIS J 260 -20.04 -13.88 -13.23
N VAL J 261 -19.56 -12.92 -12.45
CA VAL J 261 -18.48 -13.08 -11.45
C VAL J 261 -19.05 -12.75 -10.07
N GLN J 262 -18.98 -13.72 -9.17
CA GLN J 262 -19.36 -13.56 -7.75
C GLN J 262 -18.12 -13.80 -6.89
N HIS J 263 -17.83 -12.84 -6.03
CA HIS J 263 -16.68 -12.87 -5.12
C HIS J 263 -16.94 -11.97 -3.92
N GLU J 264 -16.53 -12.41 -2.75
CA GLU J 264 -16.74 -11.67 -1.47
C GLU J 264 -16.17 -10.25 -1.55
N GLY J 265 -15.22 -10.00 -2.45
CA GLY J 265 -14.54 -8.70 -2.60
C GLY J 265 -15.31 -7.72 -3.47
N LEU J 266 -16.39 -8.19 -4.08
CA LEU J 266 -17.24 -7.37 -4.97
C LEU J 266 -18.43 -6.87 -4.16
N PRO J 267 -18.70 -5.55 -4.21
CA PRO J 267 -19.95 -5.00 -3.67
C PRO J 267 -21.16 -5.79 -4.20
N LYS J 268 -21.22 -5.98 -5.51
CA LYS J 268 -22.29 -6.72 -6.22
C LYS J 268 -21.65 -7.53 -7.35
N PRO J 269 -22.29 -8.63 -7.80
CA PRO J 269 -21.77 -9.43 -8.90
C PRO J 269 -21.50 -8.57 -10.16
N LEU J 270 -20.43 -8.89 -10.87
CA LEU J 270 -20.11 -8.29 -12.20
C LEU J 270 -20.85 -9.11 -13.26
N THR J 271 -21.30 -8.43 -14.29
CA THR J 271 -21.71 -8.95 -15.60
C THR J 271 -20.71 -8.34 -16.58
N LEU J 272 -20.03 -9.16 -17.37
CA LEU J 272 -19.15 -8.69 -18.45
C LEU J 272 -19.75 -9.14 -19.77
N ARG J 273 -19.64 -8.30 -20.78
CA ARG J 273 -20.13 -8.52 -22.16
C ARG J 273 -18.95 -8.14 -23.09
N TRP J 274 -18.71 -8.92 -24.14
CA TRP J 274 -17.72 -8.60 -25.19
C TRP J 274 -18.18 -7.35 -25.96
N GLU J 275 -17.34 -6.32 -25.99
CA GLU J 275 -17.44 -5.16 -26.90
C GLU J 275 -16.10 -5.04 -27.63
N PRO J 276 -16.11 -5.10 -28.98
CA PRO J 276 -14.88 -4.95 -29.77
C PRO J 276 -13.88 -3.92 -29.24
N MET K 1 -8.28 -49.20 -1.17
CA MET K 1 -7.38 -48.10 -1.57
C MET K 1 -8.02 -47.36 -2.74
N ILE K 2 -8.24 -46.06 -2.59
CA ILE K 2 -8.69 -45.23 -3.75
C ILE K 2 -7.44 -44.67 -4.44
N GLN K 3 -7.49 -44.65 -5.77
CA GLN K 3 -6.48 -44.03 -6.64
C GLN K 3 -7.19 -42.97 -7.49
N ARG K 4 -6.69 -41.75 -7.42
CA ARG K 4 -7.16 -40.61 -8.23
C ARG K 4 -5.96 -40.10 -9.03
N THR K 5 -6.12 -39.97 -10.35
CA THR K 5 -5.07 -39.47 -11.25
C THR K 5 -4.99 -37.95 -11.08
N PRO K 6 -3.80 -37.35 -11.11
CA PRO K 6 -3.67 -35.90 -11.01
C PRO K 6 -4.22 -35.10 -12.19
N LYS K 7 -4.86 -33.98 -11.85
CA LYS K 7 -5.10 -32.87 -12.78
C LYS K 7 -3.87 -31.96 -12.79
N ILE K 8 -3.47 -31.49 -13.97
CA ILE K 8 -2.23 -30.68 -14.19
C ILE K 8 -2.61 -29.37 -14.88
N GLN K 9 -2.23 -28.25 -14.28
CA GLN K 9 -2.21 -26.93 -14.99
C GLN K 9 -0.80 -26.32 -14.98
N VAL K 10 -0.36 -25.87 -16.13
CA VAL K 10 0.92 -25.17 -16.36
C VAL K 10 0.65 -23.74 -16.82
N TYR K 11 1.16 -22.77 -16.10
CA TYR K 11 0.80 -21.35 -16.29
C TYR K 11 1.83 -20.50 -15.58
N SER K 12 1.85 -19.24 -15.91
CA SER K 12 2.76 -18.23 -15.33
C SER K 12 2.00 -17.46 -14.26
N ARG K 13 2.72 -16.91 -13.29
CA ARG K 13 2.12 -16.09 -12.21
C ARG K 13 1.53 -14.82 -12.83
N HIS K 14 2.26 -14.21 -13.75
CA HIS K 14 1.94 -12.94 -14.45
C HIS K 14 1.79 -13.26 -15.92
N PRO K 15 1.08 -12.40 -16.67
CA PRO K 15 0.99 -12.54 -18.12
C PRO K 15 2.44 -12.60 -18.64
N ALA K 16 2.74 -13.54 -19.53
CA ALA K 16 4.10 -13.78 -20.07
C ALA K 16 4.50 -12.61 -20.99
N GLU K 17 5.69 -12.07 -20.75
CA GLU K 17 6.31 -11.01 -21.58
C GLU K 17 7.77 -11.42 -21.80
N ASN K 18 8.18 -11.58 -23.06
CA ASN K 18 9.55 -11.96 -23.46
C ASN K 18 10.54 -11.05 -22.73
N GLY K 19 11.59 -11.63 -22.15
CA GLY K 19 12.70 -10.93 -21.48
C GLY K 19 12.34 -10.41 -20.10
N LYS K 20 11.14 -10.66 -19.61
CA LYS K 20 10.69 -10.13 -18.28
C LYS K 20 10.56 -11.27 -17.26
N SER K 21 11.22 -11.12 -16.12
CA SER K 21 11.20 -12.06 -14.96
C SER K 21 9.77 -12.41 -14.56
N ASN K 22 9.51 -13.70 -14.28
CA ASN K 22 8.17 -14.25 -14.02
C ASN K 22 8.36 -15.56 -13.26
N PHE K 23 7.26 -16.23 -12.93
CA PHE K 23 7.25 -17.58 -12.32
C PHE K 23 6.43 -18.51 -13.16
N LEU K 24 6.99 -19.70 -13.39
CA LEU K 24 6.27 -20.79 -14.06
C LEU K 24 5.79 -21.71 -12.96
N ASN K 25 4.48 -22.00 -13.00
CA ASN K 25 3.76 -22.86 -12.04
C ASN K 25 3.27 -24.12 -12.73
N CYS K 26 3.45 -25.23 -12.03
CA CYS K 26 2.80 -26.50 -12.30
C CYS K 26 1.96 -26.86 -11.08
N TYR K 27 0.63 -26.77 -11.24
CA TYR K 27 -0.37 -27.07 -10.19
C TYR K 27 -0.92 -28.46 -10.46
N VAL K 28 -0.63 -29.36 -9.52
CA VAL K 28 -1.06 -30.78 -9.58
C VAL K 28 -2.08 -31.00 -8.45
N SER K 29 -3.29 -31.41 -8.80
CA SER K 29 -4.38 -31.51 -7.80
C SER K 29 -5.21 -32.77 -8.05
N GLY K 30 -6.08 -33.09 -7.12
CA GLY K 30 -7.06 -34.16 -7.31
C GLY K 30 -6.43 -35.55 -7.17
N PHE K 31 -5.25 -35.72 -6.63
CA PHE K 31 -4.57 -37.04 -6.75
C PHE K 31 -4.55 -37.80 -5.43
N HIS K 32 -4.47 -39.12 -5.53
CA HIS K 32 -4.33 -40.01 -4.36
C HIS K 32 -3.74 -41.32 -4.84
N PRO K 33 -2.77 -41.94 -4.13
CA PRO K 33 -2.19 -41.39 -2.91
C PRO K 33 -1.20 -40.25 -3.21
N SER K 34 -0.43 -39.85 -2.22
CA SER K 34 0.27 -38.56 -2.15
C SER K 34 1.61 -38.60 -2.89
N ASP K 35 2.18 -39.77 -3.08
CA ASP K 35 3.52 -39.94 -3.67
C ASP K 35 3.43 -39.48 -5.14
N ILE K 36 4.12 -38.40 -5.49
CA ILE K 36 4.03 -37.86 -6.87
C ILE K 36 5.38 -37.25 -7.27
N GLU K 37 5.71 -37.37 -8.55
CA GLU K 37 6.98 -36.84 -9.13
C GLU K 37 6.65 -35.72 -10.11
N VAL K 38 7.14 -34.52 -9.83
CA VAL K 38 6.89 -33.33 -10.70
C VAL K 38 8.23 -32.69 -11.07
N ASP K 39 8.42 -32.44 -12.37
CA ASP K 39 9.60 -31.79 -12.97
C ASP K 39 9.12 -30.68 -13.93
N LEU K 40 9.69 -29.49 -13.81
CA LEU K 40 9.51 -28.43 -14.83
C LEU K 40 10.64 -28.61 -15.83
N LEU K 41 10.32 -28.54 -17.12
CA LEU K 41 11.29 -28.80 -18.22
C LEU K 41 11.46 -27.52 -19.03
N LYS K 42 12.70 -27.21 -19.37
CA LYS K 42 13.05 -26.16 -20.38
C LYS K 42 13.63 -26.91 -21.58
N ASN K 43 12.94 -26.86 -22.71
CA ASN K 43 13.34 -27.56 -23.96
C ASN K 43 13.60 -29.04 -23.67
N GLY K 44 12.77 -29.68 -22.84
CA GLY K 44 12.92 -31.12 -22.53
C GLY K 44 13.91 -31.42 -21.41
N GLU K 45 14.66 -30.45 -20.87
CA GLU K 45 15.67 -30.72 -19.78
C GLU K 45 15.12 -30.23 -18.43
N ARG K 46 15.29 -31.04 -17.38
CA ARG K 46 14.71 -30.76 -16.04
C ARG K 46 15.41 -29.51 -15.49
N ILE K 47 14.63 -28.60 -14.95
CA ILE K 47 15.07 -27.39 -14.20
C ILE K 47 15.31 -27.82 -12.74
N GLU K 48 16.50 -27.56 -12.20
CA GLU K 48 16.86 -27.96 -10.82
C GLU K 48 16.18 -27.04 -9.81
N LYS K 49 16.22 -25.73 -10.06
CA LYS K 49 15.85 -24.69 -9.04
C LYS K 49 14.32 -24.52 -9.01
N VAL K 50 13.64 -25.55 -8.56
CA VAL K 50 12.15 -25.63 -8.48
C VAL K 50 11.76 -25.74 -7.00
N GLU K 51 10.84 -24.93 -6.54
CA GLU K 51 10.31 -24.95 -5.16
C GLU K 51 8.94 -25.60 -5.22
N HIS K 52 8.42 -26.04 -4.09
CA HIS K 52 7.05 -26.59 -4.01
C HIS K 52 6.42 -26.22 -2.69
N SER K 53 5.10 -26.11 -2.70
CA SER K 53 4.22 -25.95 -1.51
C SER K 53 4.28 -27.18 -0.60
N ASP K 54 3.81 -27.00 0.63
CA ASP K 54 3.61 -28.08 1.63
C ASP K 54 2.32 -28.82 1.23
N LEU K 55 2.39 -30.15 1.17
CA LEU K 55 1.33 -31.07 0.73
C LEU K 55 0.08 -30.81 1.56
N SER K 56 -1.02 -30.55 0.88
CA SER K 56 -2.34 -30.33 1.52
C SER K 56 -3.40 -31.07 0.72
N PHE K 57 -4.65 -31.00 1.18
CA PHE K 57 -5.75 -31.76 0.56
C PHE K 57 -7.05 -30.99 0.72
N SER K 58 -7.99 -31.39 -0.12
CA SER K 58 -9.32 -30.79 -0.30
C SER K 58 -10.32 -31.58 0.53
N LYS K 59 -11.55 -31.15 0.44
CA LYS K 59 -12.71 -31.75 1.16
C LYS K 59 -12.93 -33.20 0.73
N ASP K 60 -12.54 -33.63 -0.50
CA ASP K 60 -12.69 -35.04 -0.97
C ASP K 60 -11.45 -35.85 -0.57
N TRP K 61 -10.52 -35.26 0.20
CA TRP K 61 -9.29 -35.91 0.68
C TRP K 61 -8.24 -36.04 -0.44
N SER K 62 -8.49 -35.58 -1.66
CA SER K 62 -7.42 -35.60 -2.68
C SER K 62 -6.41 -34.49 -2.39
N PHE K 63 -5.16 -34.77 -2.67
CA PHE K 63 -3.99 -33.89 -2.41
C PHE K 63 -3.81 -32.88 -3.54
N TYR K 64 -3.14 -31.77 -3.22
CA TYR K 64 -2.68 -30.82 -4.25
C TYR K 64 -1.33 -30.27 -3.81
N LEU K 65 -0.53 -29.91 -4.83
CA LEU K 65 0.80 -29.27 -4.69
C LEU K 65 0.96 -28.23 -5.79
N LEU K 66 1.66 -27.15 -5.48
CA LEU K 66 2.23 -26.20 -6.47
C LEU K 66 3.75 -26.36 -6.52
N TYR K 67 4.30 -26.65 -7.70
CA TYR K 67 5.73 -26.49 -8.05
C TYR K 67 5.88 -25.21 -8.89
N TYR K 68 6.96 -24.48 -8.66
CA TYR K 68 7.17 -23.17 -9.30
C TYR K 68 8.68 -22.91 -9.38
N THR K 69 9.04 -22.19 -10.45
CA THR K 69 10.42 -21.77 -10.76
C THR K 69 10.38 -20.31 -11.28
N GLU K 70 11.37 -19.53 -10.87
CA GLU K 70 11.62 -18.18 -11.41
C GLU K 70 12.20 -18.36 -12.81
N PHE K 71 11.71 -17.65 -13.78
CA PHE K 71 12.18 -17.77 -15.19
C PHE K 71 11.91 -16.49 -15.96
N THR K 72 12.59 -16.38 -17.10
CA THR K 72 12.40 -15.30 -18.10
C THR K 72 12.02 -15.95 -19.43
N PRO K 73 10.78 -15.76 -19.90
CA PRO K 73 10.40 -16.27 -21.22
C PRO K 73 11.20 -15.53 -22.31
N THR K 74 11.73 -16.27 -23.29
CA THR K 74 12.29 -15.76 -24.57
C THR K 74 11.50 -16.39 -25.72
N GLU K 75 11.59 -15.86 -26.96
CA GLU K 75 10.71 -16.32 -28.09
C GLU K 75 11.01 -17.79 -28.40
N LYS K 76 12.24 -18.26 -28.19
CA LYS K 76 12.72 -19.63 -28.55
C LYS K 76 12.30 -20.72 -27.54
N ASP K 77 12.36 -20.44 -26.24
CA ASP K 77 12.29 -21.49 -25.18
C ASP K 77 10.89 -22.10 -25.04
N GLU K 78 10.81 -23.44 -25.01
CA GLU K 78 9.60 -24.23 -24.70
C GLU K 78 9.69 -24.75 -23.27
N TYR K 79 8.62 -24.64 -22.52
CA TYR K 79 8.52 -25.13 -21.13
C TYR K 79 7.40 -26.15 -21.08
N ALA K 80 7.53 -27.11 -20.17
CA ALA K 80 6.53 -28.15 -19.90
C ALA K 80 6.65 -28.56 -18.43
N CYS K 81 5.62 -29.23 -17.96
CA CYS K 81 5.57 -29.96 -16.70
C CYS K 81 5.59 -31.47 -17.00
N ARG K 82 6.47 -32.26 -16.38
CA ARG K 82 6.44 -33.75 -16.40
C ARG K 82 5.93 -34.26 -15.04
N VAL K 83 4.87 -35.08 -15.06
CA VAL K 83 4.27 -35.66 -13.82
C VAL K 83 4.28 -37.18 -13.87
N ASN K 84 4.77 -37.83 -12.80
CA ASN K 84 4.58 -39.30 -12.64
C ASN K 84 3.81 -39.61 -11.34
N HIS K 85 3.00 -40.65 -11.35
CA HIS K 85 2.14 -41.10 -10.24
C HIS K 85 1.76 -42.54 -10.55
N VAL K 86 1.31 -43.30 -9.56
CA VAL K 86 0.99 -44.75 -9.70
C VAL K 86 -0.13 -44.95 -10.73
N THR K 87 -0.98 -43.95 -10.94
CA THR K 87 -2.11 -44.03 -11.88
C THR K 87 -1.61 -43.84 -13.33
N LEU K 88 -0.37 -43.40 -13.55
CA LEU K 88 0.18 -43.10 -14.89
C LEU K 88 1.17 -44.21 -15.29
N SER K 89 0.90 -44.87 -16.42
CA SER K 89 1.78 -45.95 -16.96
C SER K 89 3.09 -45.33 -17.46
N GLN K 90 3.06 -44.02 -17.75
CA GLN K 90 4.30 -43.26 -18.04
C GLN K 90 4.06 -41.80 -17.76
N PRO K 91 5.15 -41.02 -17.57
CA PRO K 91 5.02 -39.60 -17.28
C PRO K 91 4.06 -38.90 -18.26
N LYS K 92 3.21 -38.03 -17.73
CA LYS K 92 2.40 -37.09 -18.52
C LYS K 92 3.17 -35.78 -18.67
N ILE K 93 3.42 -35.34 -19.89
CA ILE K 93 4.10 -34.05 -20.16
C ILE K 93 3.04 -33.04 -20.60
N VAL K 94 2.94 -31.90 -19.93
CA VAL K 94 1.94 -30.86 -20.24
C VAL K 94 2.70 -29.58 -20.60
N LYS K 95 2.49 -29.10 -21.83
CA LYS K 95 3.21 -27.93 -22.38
C LYS K 95 2.66 -26.66 -21.74
N TRP K 96 3.54 -25.71 -21.47
CA TRP K 96 3.14 -24.33 -21.12
C TRP K 96 2.59 -23.66 -22.38
N ASP K 97 1.28 -23.40 -22.42
CA ASP K 97 0.65 -22.48 -23.41
C ASP K 97 0.69 -21.07 -22.82
N ARG K 98 1.47 -20.19 -23.45
CA ARG K 98 1.79 -18.82 -22.98
C ARG K 98 0.54 -18.02 -22.66
N ASP K 99 -0.45 -18.08 -23.55
CA ASP K 99 -1.60 -17.14 -23.53
C ASP K 99 -2.66 -17.62 -22.54
N MET K 100 -2.34 -18.62 -21.68
CA MET K 100 -3.32 -19.38 -20.85
C MET K 100 -2.86 -19.48 -19.39
N LEU L 1 -3.46 -22.05 17.03
CA LEU L 1 -2.75 -22.88 18.02
C LEU L 1 -3.18 -24.34 17.82
N LEU L 2 -2.29 -25.36 17.92
CA LEU L 2 -2.70 -26.79 17.80
C LEU L 2 -3.56 -27.21 19.01
N TRP L 3 -4.38 -28.25 18.82
CA TRP L 3 -5.10 -29.01 19.88
C TRP L 3 -4.06 -29.80 20.66
N ASN L 4 -4.13 -29.93 21.97
CA ASN L 4 -3.08 -30.76 22.62
C ASN L 4 -3.64 -32.10 23.05
N GLY L 5 -4.86 -32.51 22.65
CA GLY L 5 -5.55 -33.72 23.15
C GLY L 5 -5.79 -34.87 22.14
N PRO L 6 -5.15 -34.94 20.95
CA PRO L 6 -5.36 -36.07 20.05
C PRO L 6 -5.14 -37.46 20.69
N MET L 7 -5.95 -38.42 20.28
CA MET L 7 -5.92 -39.78 20.85
C MET L 7 -5.87 -40.81 19.73
N GLN L 8 -5.07 -41.87 19.93
CA GLN L 8 -4.97 -43.00 19.00
C GLN L 8 -6.37 -43.59 18.72
N VAL L 9 -6.58 -44.02 17.47
CA VAL L 9 -7.82 -44.70 16.96
C VAL L 9 -8.04 -46.07 17.64
#